data_8YVR
#
_entry.id   8YVR
#
_cell.length_a   122.841
_cell.length_b   194.371
_cell.length_c   112.129
_cell.angle_alpha   90
_cell.angle_beta   116.541
_cell.angle_gamma   90
#
_symmetry.space_group_name_H-M   'C 1 2 1'
#
loop_
_entity.id
_entity.type
_entity.pdbx_description
1 polymer 'Candidate alpha glycoside phosphorylase Glycoside hydrolase family 65'
2 non-polymer 1-DEOXYNOJIRIMYCIN
3 non-polymer 1,2-ETHANEDIOL
4 water water
#
_entity_poly.entity_id   1
_entity_poly.type   'polypeptide(L)'
_entity_poly.pdbx_seq_one_letter_code
;MGSSHHHHHHSSGLVPRGSHQDPWKLSADKPDSNNYYGETVANGMIGIISSPEPLKVKEVVLAGTYDIYKRGRVSSFIPN
YNLLNMKLAFNGESVQTYNINNYKQELDMRNGAFTGSFQFKDLATVTYSYYALRHLPHCIMMVVNINTQKDTEINVENLL
ETPSSLNNQQNYFQNITNTHVNIPLLTSVAFTPTGRSKIAVSNTFLFDEGKKLQPEILHRMNDADMHAMSFDKKIKAGKT
YSFALIGSLISSDHINDPYNEAERLTIYAALEGKSRLLNRHMQEWNSLWQSDIQVEGDPQAQQDIRSMLYHLYSFTRKST
SLSPSPMGLSGLGYNGHVFWDTEIWMFPPMLLLHPEIAKSMIEYRYQRLDAARKKAAIYGYDGAMFPWESADSGAEETPV
NALTGAFEHHVTGDVAIAAWQYYLVTGDKEWLKEKGWPILKATAEFWASRVEKNDKGEYEIKNVVAADEWAENIDNNAYT
NGTAIRNLQYASKCATVLGVIAPKEWTLIADKILISKMSNGVTREHDSYTDQNIKQADANLLAYPLKLITDKEQIERDLK
YYQTKIPQSDTPAMTQAIFSLLYSRLEDSDQAYHWFKDAYQPNLNPPFRVISECKGGTNPYFSTGAGGVLQAVIMGFGGL
DIDAAGGIKQVKSVLPKNWKKLTITGIGIEKKTFVLTH
;
_entity_poly.pdbx_strand_id   A,B,C
#
# COMPACT_ATOMS: atom_id res chain seq x y z
N HIS A 20 -20.66 19.58 44.52
CA HIS A 20 -20.01 18.93 43.35
C HIS A 20 -20.62 19.45 42.05
N GLN A 21 -20.94 20.75 41.97
CA GLN A 21 -21.57 21.34 40.79
C GLN A 21 -20.80 22.55 40.28
N ASP A 22 -19.45 22.51 40.40
CA ASP A 22 -18.60 23.41 39.68
C ASP A 22 -18.96 23.27 38.19
N PRO A 23 -19.06 24.36 37.40
CA PRO A 23 -19.31 24.22 35.95
C PRO A 23 -18.12 23.74 35.10
N TRP A 24 -16.95 23.57 35.70
CA TRP A 24 -15.73 23.16 34.98
C TRP A 24 -15.07 21.92 35.59
N LYS A 25 -15.42 21.55 36.82
CA LYS A 25 -14.77 20.43 37.49
C LYS A 25 -15.80 19.40 37.96
N LEU A 26 -15.53 18.12 37.70
CA LEU A 26 -16.26 17.03 38.31
C LEU A 26 -15.40 16.54 39.49
N SER A 27 -16.01 16.26 40.64
CA SER A 27 -15.23 15.96 41.84
C SER A 27 -15.87 14.83 42.64
N ALA A 28 -15.06 14.07 43.36
CA ALA A 28 -15.54 12.95 44.14
C ALA A 28 -14.74 12.83 45.44
N ASP A 29 -15.42 12.79 46.58
CA ASP A 29 -14.75 12.64 47.87
C ASP A 29 -14.73 11.17 48.24
N LYS A 30 -13.63 10.70 48.81
CA LYS A 30 -13.51 9.33 49.24
C LYS A 30 -14.18 8.36 48.25
N PRO A 31 -13.59 8.18 47.04
CA PRO A 31 -14.05 7.14 46.11
C PRO A 31 -14.49 5.82 46.75
N ASP A 32 -15.64 5.34 46.33
CA ASP A 32 -16.17 4.06 46.80
C ASP A 32 -15.91 3.03 45.70
N SER A 33 -14.96 2.13 45.93
CA SER A 33 -14.58 1.15 44.92
C SER A 33 -15.72 0.17 44.64
N ASN A 34 -16.67 0.04 45.57
CA ASN A 34 -17.82 -0.84 45.38
C ASN A 34 -18.90 -0.19 44.52
N ASN A 35 -18.73 1.10 44.17
CA ASN A 35 -19.71 1.78 43.33
C ASN A 35 -19.03 2.94 42.63
N TYR A 36 -18.05 2.64 41.80
CA TYR A 36 -17.22 3.65 41.17
C TYR A 36 -17.09 3.37 39.69
N TYR A 37 -17.37 4.37 38.85
CA TYR A 37 -17.12 4.33 37.42
C TYR A 37 -16.16 5.48 37.07
N GLY A 38 -14.93 5.10 36.69
CA GLY A 38 -13.88 6.07 36.44
C GLY A 38 -14.20 7.00 35.27
N GLU A 39 -13.61 8.20 35.35
CA GLU A 39 -13.63 9.15 34.26
C GLU A 39 -12.36 9.03 33.40
N THR A 40 -12.43 9.60 32.19
CA THR A 40 -11.41 9.47 31.18
C THR A 40 -10.75 10.82 30.95
N VAL A 41 -9.41 10.83 30.79
CA VAL A 41 -8.74 11.90 30.09
C VAL A 41 -8.21 11.35 28.76
N ALA A 42 -8.26 12.18 27.72
CA ALA A 42 -7.91 11.71 26.40
C ALA A 42 -7.55 12.86 25.46
N ASN A 43 -6.76 12.55 24.43
CA ASN A 43 -6.29 13.50 23.44
C ASN A 43 -6.65 13.05 22.02
N GLY A 44 -7.63 12.16 21.91
CA GLY A 44 -8.03 11.68 20.61
C GLY A 44 -7.26 10.44 20.20
N MET A 45 -6.17 10.11 20.94
CA MET A 45 -5.30 9.02 20.56
C MET A 45 -5.10 8.04 21.71
N ILE A 46 -4.85 8.55 22.90
CA ILE A 46 -4.79 7.74 24.10
C ILE A 46 -5.90 8.18 25.05
N GLY A 47 -6.59 7.18 25.66
CA GLY A 47 -7.51 7.44 26.76
C GLY A 47 -7.04 6.73 28.03
N ILE A 48 -7.15 7.44 29.16
CA ILE A 48 -6.82 6.93 30.50
C ILE A 48 -8.05 7.08 31.40
N ILE A 49 -8.47 5.93 31.94
CA ILE A 49 -9.66 5.78 32.75
C ILE A 49 -9.21 5.58 34.20
N SER A 50 -9.84 6.39 35.05
CA SER A 50 -9.43 6.51 36.43
C SER A 50 -9.71 5.26 37.24
N SER A 51 -8.89 5.02 38.25
CA SER A 51 -9.09 4.04 39.30
C SER A 51 -9.55 4.74 40.56
N PRO A 52 -10.32 4.06 41.44
CA PRO A 52 -10.62 4.62 42.76
C PRO A 52 -9.38 4.69 43.65
N GLU A 53 -8.43 3.81 43.37
CA GLU A 53 -7.19 3.71 44.14
C GLU A 53 -6.26 4.86 43.75
N PRO A 54 -5.54 5.45 44.73
CA PRO A 54 -4.65 6.59 44.45
C PRO A 54 -3.43 6.10 43.67
N LEU A 55 -3.01 6.91 42.69
CA LEU A 55 -1.77 6.73 41.96
C LEU A 55 -1.82 5.46 41.10
N LYS A 56 -3.05 5.00 40.81
CA LYS A 56 -3.27 3.95 39.83
C LYS A 56 -4.24 4.47 38.77
N VAL A 57 -4.21 3.81 37.61
CA VAL A 57 -5.24 3.99 36.60
C VAL A 57 -5.87 2.62 36.30
N LYS A 58 -7.12 2.66 35.84
CA LYS A 58 -7.90 1.44 35.68
C LYS A 58 -7.53 0.76 34.36
N GLU A 59 -7.54 1.56 33.28
CA GLU A 59 -7.43 1.03 31.94
C GLU A 59 -6.88 2.14 31.04
N VAL A 60 -6.09 1.71 30.05
CA VAL A 60 -5.53 2.60 29.06
C VAL A 60 -5.88 2.06 27.69
N VAL A 61 -6.27 2.93 26.75
CA VAL A 61 -6.68 2.49 25.43
C VAL A 61 -6.05 3.38 24.37
N LEU A 62 -5.46 2.71 23.36
CA LEU A 62 -4.82 3.37 22.25
C LEU A 62 -5.72 3.28 21.01
N ALA A 63 -6.13 4.42 20.45
CA ALA A 63 -6.87 4.46 19.22
C ALA A 63 -6.07 3.88 18.06
N GLY A 64 -6.77 3.25 17.11
CA GLY A 64 -6.19 2.80 15.85
C GLY A 64 -5.50 1.44 15.96
N THR A 65 -5.51 0.85 17.16
CA THR A 65 -4.91 -0.45 17.38
C THR A 65 -6.04 -1.49 17.60
N TYR A 66 -6.15 -2.44 16.66
CA TYR A 66 -7.18 -3.47 16.65
C TYR A 66 -6.54 -4.85 16.47
N ASP A 67 -7.07 -5.82 17.21
CA ASP A 67 -6.76 -7.23 17.00
C ASP A 67 -7.94 -8.06 17.52
N ILE A 68 -8.04 -9.30 17.06
CA ILE A 68 -8.99 -10.26 17.60
C ILE A 68 -8.74 -10.40 19.09
N TYR A 69 -9.81 -10.16 19.86
CA TYR A 69 -9.76 -10.15 21.30
C TYR A 69 -11.20 -10.14 21.83
N LYS A 70 -11.50 -11.16 22.64
CA LYS A 70 -12.76 -11.33 23.36
C LYS A 70 -13.99 -11.10 22.48
N ARG A 71 -14.84 -10.15 22.88
CA ARG A 71 -16.18 -9.98 22.34
C ARG A 71 -16.20 -10.07 20.82
N GLY A 72 -17.16 -10.86 20.30
CA GLY A 72 -17.62 -10.73 18.92
C GLY A 72 -16.77 -11.52 17.90
N ARG A 73 -15.61 -12.04 18.31
CA ARG A 73 -14.73 -12.86 17.46
C ARG A 73 -14.16 -11.98 16.33
N VAL A 74 -14.15 -10.66 16.52
CA VAL A 74 -13.76 -9.70 15.51
C VAL A 74 -12.77 -8.75 16.15
N SER A 75 -12.23 -7.80 15.36
CA SER A 75 -11.17 -6.93 15.83
C SER A 75 -11.70 -6.05 16.93
N SER A 76 -10.81 -5.60 17.81
CA SER A 76 -11.13 -4.89 19.05
C SER A 76 -9.94 -4.00 19.45
N PHE A 77 -10.24 -2.86 20.06
CA PHE A 77 -9.31 -2.21 20.95
C PHE A 77 -8.88 -3.24 22.01
N ILE A 78 -7.69 -3.03 22.53
CA ILE A 78 -6.98 -3.93 23.41
C ILE A 78 -6.67 -3.14 24.68
N PRO A 79 -6.87 -3.72 25.88
CA PRO A 79 -6.38 -3.10 27.11
C PRO A 79 -4.89 -2.91 27.01
N ASN A 80 -4.41 -1.70 27.32
CA ASN A 80 -3.00 -1.37 27.11
C ASN A 80 -2.29 -1.20 28.44
N TYR A 81 -0.99 -0.88 28.37
CA TYR A 81 -0.16 -0.67 29.55
C TYR A 81 -0.79 0.41 30.43
N ASN A 82 -0.99 0.09 31.71
CA ASN A 82 -1.41 1.09 32.67
C ASN A 82 -0.17 1.84 33.12
N LEU A 83 0.30 2.74 32.25
CA LEU A 83 1.70 3.18 32.28
C LEU A 83 1.95 4.16 33.43
N LEU A 84 0.88 4.63 34.12
CA LEU A 84 1.08 5.57 35.21
C LEU A 84 1.14 4.87 36.57
N ASN A 85 0.93 3.56 36.63
CA ASN A 85 0.82 2.91 37.93
C ASN A 85 2.07 3.20 38.75
N MET A 86 1.89 3.77 39.95
CA MET A 86 2.95 4.12 40.88
C MET A 86 2.61 3.60 42.27
N LYS A 87 3.65 3.23 43.03
CA LYS A 87 3.55 2.97 44.45
C LYS A 87 4.42 3.97 45.23
N LEU A 88 3.83 4.56 46.28
CA LEU A 88 4.50 5.57 47.09
C LEU A 88 4.54 5.08 48.54
N ALA A 89 5.72 5.21 49.16
CA ALA A 89 5.96 4.80 50.52
C ALA A 89 6.64 5.93 51.28
N PHE A 90 6.34 6.04 52.57
CA PHE A 90 6.98 6.98 53.47
C PHE A 90 7.71 6.16 54.53
N ASN A 91 9.04 6.35 54.64
CA ASN A 91 9.86 5.62 55.59
C ASN A 91 9.58 4.13 55.45
N GLY A 92 9.48 3.68 54.20
CA GLY A 92 9.20 2.29 53.89
C GLY A 92 7.86 1.83 54.46
N GLU A 93 6.82 2.64 54.26
CA GLU A 93 5.46 2.25 54.59
C GLU A 93 4.56 2.71 53.45
N SER A 94 3.97 1.74 52.76
CA SER A 94 3.24 1.96 51.53
C SER A 94 1.95 2.72 51.79
N VAL A 95 1.56 3.53 50.80
CA VAL A 95 0.29 4.23 50.81
C VAL A 95 -0.84 3.24 50.53
N GLN A 96 -1.87 3.25 51.38
CA GLN A 96 -3.03 2.36 51.28
C GLN A 96 -4.29 3.15 51.60
N THR A 97 -5.46 2.67 51.14
CA THR A 97 -6.73 3.26 51.56
C THR A 97 -6.75 3.38 53.09
N TYR A 98 -6.15 2.42 53.80
CA TYR A 98 -6.35 2.33 55.24
C TYR A 98 -5.50 3.34 56.01
N ASN A 99 -4.52 4.04 55.39
CA ASN A 99 -3.65 4.97 56.13
C ASN A 99 -3.59 6.34 55.47
N ILE A 100 -4.53 6.64 54.57
CA ILE A 100 -4.67 7.97 53.99
C ILE A 100 -5.96 8.56 54.56
N ASN A 101 -6.21 9.86 54.29
CA ASN A 101 -7.39 10.52 54.86
C ASN A 101 -8.16 11.29 53.80
N ASN A 102 -7.94 12.61 53.70
CA ASN A 102 -8.89 13.49 53.03
C ASN A 102 -8.79 13.25 51.52
N TYR A 103 -9.03 12.00 51.12
CA TYR A 103 -8.78 11.58 49.75
C TYR A 103 -9.88 12.14 48.87
N LYS A 104 -9.49 12.82 47.79
CA LYS A 104 -10.39 13.44 46.84
C LYS A 104 -9.86 13.22 45.43
N GLN A 105 -10.78 13.21 44.47
CA GLN A 105 -10.44 13.19 43.07
C GLN A 105 -11.24 14.31 42.41
N GLU A 106 -10.69 14.81 41.30
CA GLU A 106 -11.33 15.85 40.55
C GLU A 106 -10.85 15.76 39.11
N LEU A 107 -11.77 16.01 38.16
CA LEU A 107 -11.47 16.12 36.75
C LEU A 107 -11.69 17.56 36.34
N ASP A 108 -10.63 18.23 35.87
CA ASP A 108 -10.77 19.59 35.38
C ASP A 108 -11.02 19.50 33.88
N MET A 109 -12.24 19.81 33.46
CA MET A 109 -12.64 19.69 32.07
C MET A 109 -12.01 20.80 31.24
N ARG A 110 -11.51 21.86 31.89
CA ARG A 110 -10.86 22.95 31.17
C ARG A 110 -9.60 22.43 30.47
N ASN A 111 -8.89 21.48 31.10
CA ASN A 111 -7.61 21.06 30.56
C ASN A 111 -7.40 19.54 30.64
N GLY A 112 -8.49 18.80 30.84
CA GLY A 112 -8.40 17.35 30.91
C GLY A 112 -7.42 16.88 31.98
N ALA A 113 -7.36 17.54 33.11
CA ALA A 113 -6.43 17.12 34.14
C ALA A 113 -7.21 16.33 35.17
N PHE A 114 -6.78 15.10 35.40
CA PHE A 114 -7.36 14.30 36.47
C PHE A 114 -6.44 14.40 37.68
N THR A 115 -6.98 14.89 38.82
CA THR A 115 -6.18 15.09 40.01
C THR A 115 -6.70 14.26 41.17
N GLY A 116 -5.80 13.60 41.89
CA GLY A 116 -6.09 13.07 43.20
C GLY A 116 -5.28 13.82 44.26
N SER A 117 -5.80 13.86 45.48
CA SER A 117 -5.14 14.54 46.58
C SER A 117 -5.53 13.84 47.88
N PHE A 118 -4.60 13.77 48.83
CA PHE A 118 -4.83 13.01 50.05
C PHE A 118 -3.76 13.35 51.08
N GLN A 119 -4.02 12.94 52.32
CA GLN A 119 -3.07 13.12 53.40
C GLN A 119 -2.59 11.75 53.86
N PHE A 120 -1.29 11.57 54.07
CA PHE A 120 -0.76 10.34 54.62
C PHE A 120 -0.61 10.52 56.13
N LYS A 121 -1.44 9.84 56.94
CA LYS A 121 -1.49 10.06 58.38
C LYS A 121 -1.58 11.56 58.68
N ASP A 122 -0.67 12.06 59.53
CA ASP A 122 -0.58 13.47 59.87
C ASP A 122 0.72 14.08 59.32
N LEU A 123 1.35 13.40 58.34
CA LEU A 123 2.75 13.63 58.00
C LEU A 123 2.96 14.41 56.70
N ALA A 124 2.14 14.14 55.66
CA ALA A 124 2.32 14.82 54.39
C ALA A 124 1.07 14.81 53.51
N THR A 125 0.95 15.89 52.70
CA THR A 125 -0.08 15.97 51.68
C THR A 125 0.51 15.61 50.32
N VAL A 126 -0.21 14.77 49.56
CA VAL A 126 0.16 14.39 48.21
C VAL A 126 -0.90 14.92 47.25
N THR A 127 -0.48 15.57 46.15
CA THR A 127 -1.34 15.78 45.00
C THR A 127 -0.68 15.19 43.76
N TYR A 128 -1.49 14.54 42.90
CA TYR A 128 -1.07 14.04 41.61
C TYR A 128 -2.10 14.40 40.56
N SER A 129 -1.60 14.94 39.43
CA SER A 129 -2.42 15.26 38.27
C SER A 129 -1.86 14.55 37.04
N TYR A 130 -2.74 13.95 36.21
CA TYR A 130 -2.26 13.35 34.97
C TYR A 130 -3.06 13.85 33.77
N TYR A 131 -2.40 13.73 32.62
CA TYR A 131 -2.79 14.39 31.38
C TYR A 131 -2.50 13.45 30.21
N ALA A 132 -3.41 13.36 29.26
CA ALA A 132 -3.10 12.89 27.95
C ALA A 132 -2.80 14.11 27.10
N LEU A 133 -1.51 14.31 26.79
CA LEU A 133 -1.09 15.64 26.36
C LEU A 133 -1.76 15.96 25.04
N ARG A 134 -2.31 17.16 24.91
CA ARG A 134 -3.20 17.48 23.80
C ARG A 134 -2.44 17.61 22.48
N HIS A 135 -1.21 18.16 22.55
CA HIS A 135 -0.41 18.38 21.34
C HIS A 135 0.36 17.13 20.92
N LEU A 136 0.64 16.22 21.88
CA LEU A 136 1.48 15.06 21.62
C LEU A 136 0.63 13.81 21.73
N PRO A 137 0.06 13.32 20.60
CA PRO A 137 -0.92 12.25 20.64
C PRO A 137 -0.43 11.00 21.38
N HIS A 138 0.87 10.66 21.32
CA HIS A 138 1.34 9.45 21.99
C HIS A 138 1.95 9.63 23.38
N CYS A 139 1.87 10.82 23.97
CA CYS A 139 2.52 11.10 25.24
C CYS A 139 1.54 11.46 26.36
N ILE A 140 1.87 10.93 27.56
CA ILE A 140 1.15 11.13 28.80
C ILE A 140 2.10 11.77 29.82
N MET A 141 1.56 12.49 30.83
CA MET A 141 2.36 12.96 31.96
C MET A 141 1.55 12.95 33.25
N MET A 142 2.18 12.46 34.32
CA MET A 142 1.67 12.62 35.67
C MET A 142 2.66 13.48 36.49
N VAL A 143 2.16 14.54 37.13
CA VAL A 143 2.95 15.42 37.99
C VAL A 143 2.55 15.16 39.44
N VAL A 144 3.56 14.88 40.27
CA VAL A 144 3.35 14.51 41.66
C VAL A 144 4.05 15.56 42.53
N ASN A 145 3.28 16.08 43.50
CA ASN A 145 3.78 17.02 44.50
C ASN A 145 3.50 16.44 45.89
N ILE A 146 4.54 16.46 46.72
CA ILE A 146 4.49 15.92 48.07
C ILE A 146 4.99 17.01 49.01
N ASN A 147 4.15 17.39 49.99
CA ASN A 147 4.52 18.35 51.02
C ASN A 147 4.55 17.65 52.36
N THR A 148 5.72 17.53 52.99
CA THR A 148 5.81 16.84 54.27
C THR A 148 5.84 17.89 55.38
N GLN A 149 5.32 17.52 56.55
CA GLN A 149 5.28 18.42 57.70
C GLN A 149 6.30 17.96 58.75
N LYS A 150 7.04 16.90 58.42
CA LYS A 150 8.22 16.45 59.16
C LYS A 150 9.26 15.91 58.18
N ASP A 151 10.54 15.85 58.60
CA ASP A 151 11.56 15.17 57.80
C ASP A 151 11.07 13.76 57.47
N THR A 152 11.24 13.31 56.22
CA THR A 152 10.79 11.98 55.85
C THR A 152 11.47 11.55 54.55
N GLU A 153 11.47 10.24 54.28
CA GLU A 153 11.97 9.70 53.04
C GLU A 153 10.83 9.01 52.29
N ILE A 154 10.65 9.38 51.02
CA ILE A 154 9.71 8.73 50.13
C ILE A 154 10.45 7.67 49.31
N ASN A 155 9.81 6.51 49.09
CA ASN A 155 10.20 5.57 48.03
C ASN A 155 9.12 5.64 46.97
N VAL A 156 9.53 5.81 45.71
CA VAL A 156 8.60 5.94 44.61
C VAL A 156 8.90 4.82 43.63
N GLU A 157 7.85 4.13 43.16
CA GLU A 157 8.01 3.04 42.21
C GLU A 157 7.02 3.19 41.06
N ASN A 158 7.50 3.14 39.80
CA ASN A 158 6.68 3.19 38.61
C ASN A 158 6.67 1.81 38.00
N LEU A 159 5.48 1.20 37.84
CA LEU A 159 5.39 -0.19 37.41
C LEU A 159 4.87 -0.25 35.97
N LEU A 160 5.53 -1.10 35.15
CA LEU A 160 5.01 -1.42 33.85
C LEU A 160 4.66 -2.90 33.86
N GLU A 161 3.38 -3.17 34.14
CA GLU A 161 2.79 -4.51 34.08
C GLU A 161 2.21 -4.73 32.69
N THR A 162 2.65 -5.82 32.02
CA THR A 162 2.13 -6.16 30.72
C THR A 162 0.72 -6.72 30.94
N PRO A 163 -0.34 -6.12 30.38
CA PRO A 163 -1.69 -6.69 30.57
C PRO A 163 -1.79 -8.07 29.93
N SER A 164 -2.79 -8.84 30.40
CA SER A 164 -2.93 -10.21 29.91
C SER A 164 -3.49 -10.23 28.49
N SER A 165 -3.95 -9.08 28.00
CA SER A 165 -4.31 -8.93 26.60
C SER A 165 -3.13 -9.05 25.63
N LEU A 166 -1.89 -8.82 26.10
CA LEU A 166 -0.71 -8.80 25.25
C LEU A 166 0.17 -10.01 25.56
N ASN A 167 1.14 -10.25 24.68
CA ASN A 167 1.94 -11.46 24.71
C ASN A 167 3.36 -11.14 24.20
N ASN A 168 4.29 -12.01 24.59
CA ASN A 168 5.65 -12.01 24.09
C ASN A 168 6.40 -10.74 24.49
N GLN A 169 6.13 -10.27 25.72
CA GLN A 169 6.62 -9.00 26.20
C GLN A 169 8.12 -9.06 26.44
N GLN A 170 8.75 -7.89 26.28
CA GLN A 170 10.14 -7.68 26.68
C GLN A 170 10.22 -6.44 27.56
N ASN A 171 10.94 -6.58 28.69
CA ASN A 171 11.10 -5.49 29.65
C ASN A 171 12.53 -4.94 29.67
N TYR A 172 12.64 -3.64 29.34
CA TYR A 172 13.94 -2.98 29.19
C TYR A 172 14.11 -1.81 30.15
N PHE A 173 15.36 -1.37 30.30
CA PHE A 173 15.74 -0.25 31.13
C PHE A 173 17.11 0.24 30.65
N GLN A 174 17.28 1.56 30.46
CA GLN A 174 18.60 2.08 30.13
C GLN A 174 18.67 3.56 30.51
N ASN A 175 19.89 4.10 30.48
CA ASN A 175 20.19 5.50 30.76
C ASN A 175 20.64 6.20 29.48
N ILE A 176 19.91 7.24 29.09
CA ILE A 176 20.27 8.12 27.99
C ILE A 176 20.97 9.32 28.60
N THR A 177 22.24 9.57 28.21
CA THR A 177 23.01 10.59 28.87
C THR A 177 23.69 11.53 27.87
N ASN A 178 24.07 12.69 28.41
CA ASN A 178 25.09 13.58 27.91
C ASN A 178 25.60 14.27 29.17
N THR A 179 26.48 15.28 29.03
CA THR A 179 27.10 15.91 30.18
C THR A 179 26.04 16.62 31.02
N HIS A 180 24.89 16.93 30.43
CA HIS A 180 23.84 17.72 31.05
C HIS A 180 22.72 16.86 31.67
N VAL A 181 22.41 15.66 31.12
CA VAL A 181 21.24 14.91 31.59
C VAL A 181 21.53 13.42 31.77
N ASN A 182 20.73 12.80 32.64
CA ASN A 182 20.59 11.35 32.74
C ASN A 182 19.09 11.04 32.73
N ILE A 183 18.61 10.54 31.59
CA ILE A 183 17.20 10.25 31.35
C ILE A 183 17.05 8.74 31.43
N PRO A 184 16.56 8.19 32.55
CA PRO A 184 16.38 6.74 32.66
C PRO A 184 15.06 6.31 32.04
N LEU A 185 15.13 5.31 31.14
CA LEU A 185 13.99 4.86 30.34
C LEU A 185 13.59 3.47 30.80
N LEU A 186 12.33 3.34 31.24
CA LEU A 186 11.70 2.07 31.51
C LEU A 186 10.79 1.77 30.34
N THR A 187 11.16 0.73 29.58
CA THR A 187 10.50 0.48 28.32
C THR A 187 9.94 -0.94 28.32
N SER A 188 8.75 -1.08 27.76
CA SER A 188 8.21 -2.40 27.44
C SER A 188 7.75 -2.47 25.98
N VAL A 189 7.96 -3.67 25.37
CA VAL A 189 7.46 -3.98 24.04
C VAL A 189 6.69 -5.29 24.09
N ALA A 190 5.51 -5.30 23.48
CA ALA A 190 4.71 -6.54 23.48
C ALA A 190 3.79 -6.58 22.26
N PHE A 191 3.07 -7.72 22.13
CA PHE A 191 2.24 -7.97 20.96
C PHE A 191 0.77 -8.18 21.34
N THR A 192 -0.11 -7.71 20.44
CA THR A 192 -1.53 -8.02 20.54
C THR A 192 -1.76 -9.50 20.28
N PRO A 193 -2.92 -10.08 20.68
CA PRO A 193 -3.12 -11.53 20.68
C PRO A 193 -2.68 -12.37 19.48
N THR A 194 -2.94 -11.88 18.23
CA THR A 194 -2.59 -12.62 17.04
C THR A 194 -1.23 -12.19 16.49
N GLY A 195 -0.55 -11.21 17.14
CA GLY A 195 0.70 -10.69 16.60
C GLY A 195 0.46 -9.62 15.53
N ARG A 196 -0.78 -9.14 15.40
CA ARG A 196 -1.10 -8.14 14.38
C ARG A 196 -0.45 -6.78 14.68
N SER A 197 -0.24 -6.45 15.97
CA SER A 197 0.27 -5.13 16.35
C SER A 197 1.37 -5.29 17.39
N LYS A 198 2.42 -4.50 17.24
CA LYS A 198 3.47 -4.46 18.23
C LYS A 198 3.31 -3.16 18.98
N ILE A 199 3.37 -3.26 20.30
CA ILE A 199 3.13 -2.12 21.19
C ILE A 199 4.41 -1.79 21.94
N ALA A 200 4.77 -0.51 21.95
CA ALA A 200 5.90 -0.03 22.75
C ALA A 200 5.47 1.10 23.70
N VAL A 201 5.92 0.98 24.95
CA VAL A 201 5.71 1.97 25.99
C VAL A 201 7.06 2.33 26.61
N SER A 202 7.34 3.63 26.76
CA SER A 202 8.60 4.06 27.40
C SER A 202 8.36 5.21 28.38
N ASN A 203 8.75 4.99 29.66
CA ASN A 203 8.53 6.00 30.70
C ASN A 203 9.84 6.58 31.26
N THR A 204 9.76 7.83 31.76
CA THR A 204 10.90 8.42 32.45
C THR A 204 10.37 9.31 33.57
N PHE A 205 11.24 9.56 34.55
CA PHE A 205 10.98 10.48 35.64
C PHE A 205 11.68 11.81 35.34
N LEU A 206 11.00 12.91 35.61
CA LEU A 206 11.53 14.25 35.44
C LEU A 206 11.73 14.88 36.81
N PHE A 207 12.95 15.36 37.09
CA PHE A 207 13.27 16.04 38.32
C PHE A 207 13.68 17.49 38.03
N ASP A 208 13.53 18.36 39.03
CA ASP A 208 13.87 19.76 38.88
C ASP A 208 15.33 19.97 39.27
N GLU A 209 15.90 19.08 40.09
CA GLU A 209 17.14 19.36 40.78
C GLU A 209 18.40 19.12 39.94
N GLY A 210 18.30 18.65 38.69
CA GLY A 210 19.48 18.53 37.83
C GLY A 210 20.23 17.21 38.04
N LYS A 211 21.17 16.92 37.12
CA LYS A 211 21.70 15.58 36.92
C LYS A 211 22.49 15.09 38.15
N LYS A 212 23.27 15.98 38.76
CA LYS A 212 24.16 15.59 39.85
C LYS A 212 23.36 15.23 41.10
N LEU A 213 22.24 15.92 41.33
CA LEU A 213 21.49 15.81 42.57
C LEU A 213 20.24 14.93 42.45
N GLN A 214 19.86 14.52 41.23
CA GLN A 214 18.64 13.73 41.06
C GLN A 214 18.82 12.36 41.72
N PRO A 215 17.73 11.72 42.18
CA PRO A 215 17.80 10.39 42.77
C PRO A 215 18.35 9.37 41.77
N GLU A 216 19.17 8.45 42.27
CA GLU A 216 19.52 7.26 41.51
C GLU A 216 18.26 6.45 41.23
N ILE A 217 18.12 5.92 40.00
CA ILE A 217 16.96 5.14 39.61
C ILE A 217 17.35 3.67 39.56
N LEU A 218 16.63 2.85 40.33
CA LEU A 218 16.85 1.42 40.38
C LEU A 218 15.86 0.74 39.44
N HIS A 219 16.23 -0.43 38.91
CA HIS A 219 15.38 -1.21 38.00
C HIS A 219 15.27 -2.65 38.52
N ARG A 220 14.03 -3.15 38.65
CA ARG A 220 13.79 -4.53 39.04
C ARG A 220 12.88 -5.17 37.99
N MET A 221 13.10 -6.47 37.76
CA MET A 221 12.36 -7.26 36.81
C MET A 221 12.03 -8.59 37.48
N ASN A 222 11.17 -8.56 38.51
CA ASN A 222 11.02 -9.72 39.36
C ASN A 222 9.96 -10.68 38.82
N ASP A 223 9.12 -10.22 37.88
CA ASP A 223 8.00 -11.00 37.39
C ASP A 223 8.09 -11.11 35.87
N ALA A 224 7.49 -12.16 35.28
CA ALA A 224 7.39 -12.34 33.85
C ALA A 224 6.68 -11.18 33.16
N ASP A 225 5.70 -10.56 33.84
CA ASP A 225 4.79 -9.59 33.22
C ASP A 225 4.85 -8.22 33.90
N MET A 226 5.87 -8.01 34.71
CA MET A 226 6.04 -6.71 35.34
C MET A 226 7.51 -6.42 35.66
N HIS A 227 7.92 -5.21 35.31
CA HIS A 227 9.15 -4.62 35.79
C HIS A 227 8.87 -3.20 36.27
N ALA A 228 9.86 -2.58 36.94
CA ALA A 228 9.63 -1.33 37.66
C ALA A 228 10.93 -0.56 37.82
N MET A 229 10.81 0.79 37.80
CA MET A 229 11.89 1.66 38.18
C MET A 229 11.52 2.36 39.48
N SER A 230 12.48 2.66 40.32
CA SER A 230 12.19 3.19 41.64
C SER A 230 13.29 4.14 42.09
N PHE A 231 12.98 4.93 43.11
CA PHE A 231 13.98 5.78 43.73
C PHE A 231 13.54 6.16 45.13
N ASP A 232 14.52 6.59 45.91
CA ASP A 232 14.27 7.16 47.22
C ASP A 232 14.64 8.63 47.23
N LYS A 233 13.95 9.41 48.08
CA LYS A 233 14.28 10.81 48.26
C LYS A 233 13.98 11.22 49.69
N LYS A 234 14.98 11.81 50.35
CA LYS A 234 14.78 12.57 51.57
C LYS A 234 14.09 13.90 51.26
N ILE A 235 13.04 14.22 52.03
CA ILE A 235 12.40 15.53 52.02
C ILE A 235 12.42 16.09 53.45
N LYS A 236 12.88 17.34 53.58
CA LYS A 236 12.97 17.99 54.88
C LYS A 236 11.61 18.61 55.22
N ALA A 237 11.35 18.76 56.53
CA ALA A 237 10.11 19.34 57.04
C ALA A 237 9.77 20.68 56.39
N GLY A 238 8.52 20.82 55.93
CA GLY A 238 8.04 22.09 55.39
C GLY A 238 8.44 22.32 53.93
N LYS A 239 8.85 21.25 53.25
CA LYS A 239 9.27 21.36 51.87
C LYS A 239 8.29 20.59 50.99
N THR A 240 8.17 21.10 49.75
CA THR A 240 7.44 20.46 48.66
C THR A 240 8.47 19.87 47.69
N TYR A 241 8.32 18.57 47.46
CA TYR A 241 9.13 17.86 46.48
C TYR A 241 8.22 17.46 45.32
N SER A 242 8.64 17.84 44.13
CA SER A 242 7.89 17.67 42.91
C SER A 242 8.70 16.78 41.98
N PHE A 243 7.99 15.93 41.22
CA PHE A 243 8.59 15.15 40.16
C PHE A 243 7.48 14.80 39.17
N ALA A 244 7.85 14.47 37.94
CA ALA A 244 6.90 14.02 36.94
C ALA A 244 7.31 12.66 36.36
N LEU A 245 6.30 11.96 35.87
CA LEU A 245 6.41 10.75 35.08
C LEU A 245 5.91 11.09 33.68
N ILE A 246 6.77 10.87 32.67
CA ILE A 246 6.37 10.99 31.29
C ILE A 246 6.36 9.59 30.67
N GLY A 247 5.33 9.32 29.88
CA GLY A 247 5.10 8.03 29.24
C GLY A 247 4.71 8.23 27.78
N SER A 248 5.28 7.42 26.88
CA SER A 248 4.92 7.45 25.49
C SER A 248 4.45 6.04 25.10
N LEU A 249 3.33 5.98 24.38
CA LEU A 249 2.60 4.75 24.11
C LEU A 249 2.23 4.77 22.63
N ILE A 250 2.80 3.81 21.87
CA ILE A 250 2.66 3.84 20.43
C ILE A 250 2.74 2.40 19.89
N SER A 251 2.28 2.19 18.65
CA SER A 251 2.21 0.84 18.09
C SER A 251 2.64 0.79 16.64
N SER A 252 2.73 -0.44 16.10
CA SER A 252 2.99 -0.64 14.69
C SER A 252 1.87 -0.10 13.80
N ASP A 253 0.68 0.17 14.36
CA ASP A 253 -0.39 0.76 13.57
C ASP A 253 -0.15 2.25 13.32
N HIS A 254 0.76 2.86 14.09
CA HIS A 254 1.02 4.29 14.01
C HIS A 254 2.38 4.61 13.40
N ILE A 255 3.31 3.67 13.54
CA ILE A 255 4.70 3.90 13.17
C ILE A 255 5.37 2.54 12.94
N ASN A 256 6.38 2.50 12.06
CA ASN A 256 6.93 1.21 11.62
C ASN A 256 7.78 0.62 12.74
N ASP A 257 8.42 1.49 13.53
CA ASP A 257 9.35 1.08 14.57
C ASP A 257 8.88 1.70 15.88
N PRO A 258 7.81 1.15 16.50
CA PRO A 258 7.32 1.71 17.75
C PRO A 258 8.30 1.67 18.91
N TYR A 259 9.16 0.64 18.97
CA TYR A 259 10.12 0.51 20.06
C TYR A 259 11.03 1.74 20.13
N ASN A 260 11.75 2.03 19.04
CA ASN A 260 12.65 3.19 19.00
C ASN A 260 11.84 4.49 19.07
N GLU A 261 10.63 4.51 18.49
CA GLU A 261 9.90 5.77 18.44
C GLU A 261 9.42 6.13 19.84
N ALA A 262 9.03 5.14 20.65
CA ALA A 262 8.58 5.42 22.02
C ALA A 262 9.71 6.00 22.85
N GLU A 263 10.90 5.39 22.81
CA GLU A 263 12.09 5.89 23.49
C GLU A 263 12.40 7.31 23.03
N ARG A 264 12.35 7.52 21.72
CA ARG A 264 12.64 8.83 21.14
C ARG A 264 11.65 9.88 21.66
N LEU A 265 10.38 9.52 21.73
CA LEU A 265 9.34 10.46 22.17
C LEU A 265 9.51 10.85 23.64
N THR A 266 9.82 9.90 24.52
CA THR A 266 9.97 10.14 25.93
C THR A 266 11.21 11.00 26.17
N ILE A 267 12.29 10.74 25.42
CA ILE A 267 13.49 11.57 25.53
C ILE A 267 13.13 13.00 25.09
N TYR A 268 12.42 13.14 23.98
CA TYR A 268 12.04 14.46 23.46
C TYR A 268 11.18 15.19 24.49
N ALA A 269 10.16 14.49 25.02
CA ALA A 269 9.28 15.11 26.01
C ALA A 269 10.07 15.55 27.24
N ALA A 270 11.02 14.70 27.68
CA ALA A 270 11.79 15.02 28.88
C ALA A 270 12.62 16.31 28.67
N LEU A 271 13.18 16.48 27.48
CA LEU A 271 14.02 17.64 27.20
C LEU A 271 13.19 18.85 26.81
N GLU A 272 11.93 18.65 26.44
CA GLU A 272 10.98 19.76 26.36
C GLU A 272 10.70 20.31 27.76
N GLY A 273 10.49 19.37 28.69
CA GLY A 273 10.29 19.68 30.11
C GLY A 273 8.81 19.89 30.44
N LYS A 274 8.42 19.54 31.67
CA LYS A 274 7.07 19.71 32.18
C LYS A 274 6.43 21.05 31.77
N SER A 275 7.13 22.17 32.00
CA SER A 275 6.52 23.48 31.83
C SER A 275 6.13 23.76 30.38
N ARG A 276 6.98 23.42 29.43
CA ARG A 276 6.67 23.64 28.02
C ARG A 276 5.52 22.72 27.59
N LEU A 277 5.55 21.47 28.06
CA LEU A 277 4.55 20.50 27.68
C LEU A 277 3.16 20.95 28.13
N LEU A 278 3.04 21.45 29.36
CA LEU A 278 1.75 21.85 29.93
C LEU A 278 1.27 23.14 29.27
N ASN A 279 2.19 24.00 28.88
CA ASN A 279 1.85 25.22 28.17
C ASN A 279 1.20 24.87 26.83
N ARG A 280 1.85 23.99 26.07
CA ARG A 280 1.33 23.56 24.77
C ARG A 280 -0.01 22.86 24.96
N HIS A 281 -0.09 21.97 25.97
CA HIS A 281 -1.31 21.27 26.34
C HIS A 281 -2.47 22.25 26.54
N MET A 282 -2.23 23.27 27.37
CA MET A 282 -3.23 24.27 27.72
C MET A 282 -3.64 25.09 26.51
N GLN A 283 -2.71 25.42 25.61
CA GLN A 283 -3.05 26.23 24.45
C GLN A 283 -4.09 25.51 23.61
N GLU A 284 -3.89 24.18 23.45
CA GLU A 284 -4.73 23.38 22.59
C GLU A 284 -6.12 23.26 23.23
N TRP A 285 -6.18 23.02 24.54
CA TRP A 285 -7.44 22.92 25.24
C TRP A 285 -8.22 24.24 25.21
N ASN A 286 -7.50 25.36 25.33
CA ASN A 286 -8.12 26.68 25.33
C ASN A 286 -8.79 26.94 23.98
N SER A 287 -8.17 26.46 22.89
CA SER A 287 -8.74 26.62 21.55
C SER A 287 -10.02 25.80 21.43
N LEU A 288 -10.01 24.60 22.03
CA LEU A 288 -11.17 23.70 21.98
C LEU A 288 -12.34 24.39 22.67
N TRP A 289 -12.09 25.09 23.79
CA TRP A 289 -13.14 25.68 24.60
C TRP A 289 -13.58 27.05 24.08
N GLN A 290 -13.06 27.51 22.94
CA GLN A 290 -13.59 28.72 22.33
C GLN A 290 -14.97 28.46 21.73
N SER A 291 -15.30 27.18 21.56
CA SER A 291 -16.66 26.75 21.29
C SER A 291 -17.22 26.09 22.55
N ASP A 292 -18.27 26.71 23.10
CA ASP A 292 -18.75 26.43 24.45
C ASP A 292 -20.26 26.63 24.49
N ILE A 293 -20.91 25.96 25.44
CA ILE A 293 -22.33 26.15 25.73
C ILE A 293 -22.45 26.59 27.19
N GLN A 294 -23.10 27.75 27.39
CA GLN A 294 -23.33 28.33 28.71
C GLN A 294 -24.83 28.40 29.00
N VAL A 295 -25.22 27.81 30.14
CA VAL A 295 -26.58 27.85 30.66
C VAL A 295 -26.63 28.62 31.99
N GLU A 296 -27.54 29.58 32.07
CA GLU A 296 -27.81 30.29 33.33
C GLU A 296 -29.10 29.78 33.94
N GLY A 297 -29.05 29.43 35.23
CA GLY A 297 -30.25 29.14 36.00
C GLY A 297 -30.39 27.65 36.29
N ASP A 298 -29.36 26.87 35.93
CA ASP A 298 -29.40 25.43 36.12
C ASP A 298 -27.95 24.91 36.21
N PRO A 299 -27.33 25.04 37.39
CA PRO A 299 -25.96 24.55 37.55
C PRO A 299 -25.76 23.10 37.09
N GLN A 300 -26.75 22.22 37.28
CA GLN A 300 -26.54 20.81 36.96
C GLN A 300 -26.48 20.61 35.44
N ALA A 301 -27.41 21.26 34.74
CA ALA A 301 -27.39 21.30 33.29
C ALA A 301 -26.04 21.78 32.77
N GLN A 302 -25.56 22.91 33.32
CA GLN A 302 -24.33 23.52 32.84
C GLN A 302 -23.17 22.52 32.94
N GLN A 303 -23.02 21.89 34.11
CA GLN A 303 -21.95 20.94 34.35
C GLN A 303 -22.10 19.70 33.44
N ASP A 304 -23.33 19.22 33.27
CA ASP A 304 -23.60 18.03 32.48
C ASP A 304 -23.27 18.28 31.02
N ILE A 305 -23.62 19.46 30.49
CA ILE A 305 -23.43 19.77 29.08
C ILE A 305 -21.92 19.98 28.82
N ARG A 306 -21.24 20.60 29.79
CA ARG A 306 -19.78 20.70 29.77
C ARG A 306 -19.15 19.30 29.73
N SER A 307 -19.63 18.34 30.54
CA SER A 307 -19.11 16.98 30.51
C SER A 307 -19.29 16.37 29.12
N MET A 308 -20.42 16.64 28.48
CA MET A 308 -20.71 16.10 27.16
C MET A 308 -19.71 16.67 26.14
N LEU A 309 -19.60 18.00 26.11
CA LEU A 309 -18.61 18.64 25.26
C LEU A 309 -17.21 18.09 25.51
N TYR A 310 -16.80 18.06 26.79
CA TYR A 310 -15.48 17.60 27.20
C TYR A 310 -15.19 16.21 26.65
N HIS A 311 -16.16 15.30 26.72
CA HIS A 311 -15.94 13.91 26.30
C HIS A 311 -15.82 13.85 24.78
N LEU A 312 -16.63 14.62 24.07
CA LEU A 312 -16.48 14.66 22.62
C LEU A 312 -15.11 15.23 22.21
N TYR A 313 -14.69 16.35 22.82
CA TYR A 313 -13.43 16.98 22.51
C TYR A 313 -12.25 16.05 22.81
N SER A 314 -12.34 15.30 23.92
CA SER A 314 -11.32 14.33 24.32
C SER A 314 -11.23 13.09 23.43
N PHE A 315 -12.34 12.73 22.78
CA PHE A 315 -12.46 11.50 22.02
C PHE A 315 -12.41 11.76 20.51
N THR A 316 -12.04 12.97 20.09
CA THR A 316 -11.82 13.25 18.69
C THR A 316 -10.50 14.01 18.56
N ARG A 317 -10.03 14.24 17.34
CA ARG A 317 -8.78 14.93 17.10
C ARG A 317 -8.79 15.55 15.70
N LYS A 318 -8.61 16.86 15.64
CA LYS A 318 -8.51 17.58 14.39
C LYS A 318 -7.27 17.10 13.62
N SER A 319 -7.26 17.33 12.29
CA SER A 319 -6.14 17.06 11.41
C SER A 319 -5.72 15.58 11.43
N THR A 320 -6.70 14.67 11.48
CA THR A 320 -6.40 13.25 11.42
C THR A 320 -7.44 12.57 10.54
N SER A 321 -7.37 11.24 10.54
CA SER A 321 -8.35 10.36 9.90
C SER A 321 -8.98 9.44 10.95
N LEU A 322 -9.08 9.93 12.20
CA LEU A 322 -9.63 9.17 13.31
C LEU A 322 -11.12 9.48 13.44
N SER A 323 -11.89 8.43 13.80
CA SER A 323 -13.30 8.56 14.11
C SER A 323 -13.56 7.86 15.44
N PRO A 324 -14.46 8.40 16.30
CA PRO A 324 -14.73 7.78 17.59
C PRO A 324 -15.61 6.55 17.49
N SER A 325 -15.34 5.59 18.38
CA SER A 325 -16.28 4.53 18.69
C SER A 325 -17.42 5.11 19.53
N PRO A 326 -18.54 4.36 19.69
CA PRO A 326 -19.63 4.81 20.56
C PRO A 326 -19.21 5.13 21.99
N MET A 327 -18.07 4.59 22.42
CA MET A 327 -17.59 4.76 23.78
C MET A 327 -16.28 5.55 23.78
N GLY A 328 -16.00 6.24 22.67
CA GLY A 328 -14.75 6.97 22.45
C GLY A 328 -13.55 6.18 22.94
N LEU A 329 -12.74 6.81 23.82
CA LEU A 329 -11.56 6.17 24.38
C LEU A 329 -11.79 5.85 25.86
N SER A 330 -13.05 5.54 26.23
CA SER A 330 -13.40 5.28 27.62
C SER A 330 -13.20 3.80 27.95
N GLY A 331 -12.86 3.01 26.94
CA GLY A 331 -12.73 1.58 27.11
C GLY A 331 -13.10 0.83 25.84
N LEU A 332 -13.38 -0.46 26.01
CA LEU A 332 -13.49 -1.40 24.89
C LEU A 332 -14.93 -1.46 24.35
N GLY A 333 -15.84 -0.63 24.87
CA GLY A 333 -17.20 -0.51 24.37
C GLY A 333 -17.29 -0.65 22.85
N TYR A 334 -18.10 -1.63 22.39
CA TYR A 334 -18.33 -1.91 20.97
C TYR A 334 -17.03 -2.15 20.21
N ASN A 335 -16.05 -2.76 20.92
CA ASN A 335 -14.77 -3.14 20.35
C ASN A 335 -14.00 -2.00 19.68
N GLY A 336 -14.33 -0.74 20.03
CA GLY A 336 -13.66 0.39 19.42
C GLY A 336 -14.13 0.68 17.99
N HIS A 337 -15.22 0.03 17.52
CA HIS A 337 -15.61 0.09 16.13
C HIS A 337 -16.29 1.41 15.85
N VAL A 338 -16.24 1.84 14.60
CA VAL A 338 -16.93 3.05 14.15
C VAL A 338 -18.25 2.66 13.46
N PHE A 339 -19.31 3.35 13.86
CA PHE A 339 -20.67 3.13 13.38
C PHE A 339 -21.23 4.50 12.94
N TRP A 340 -22.48 4.46 12.49
CA TRP A 340 -23.25 5.65 12.14
C TRP A 340 -23.42 6.58 13.36
N ASP A 341 -23.22 6.04 14.56
CA ASP A 341 -23.00 6.77 15.79
C ASP A 341 -22.07 7.96 15.55
N THR A 342 -21.02 7.81 14.75
CA THR A 342 -20.27 9.00 14.39
C THR A 342 -21.11 9.90 13.48
N GLU A 343 -21.42 9.48 12.26
CA GLU A 343 -21.94 10.40 11.27
C GLU A 343 -23.21 11.13 11.74
N ILE A 344 -24.12 10.42 12.43
CA ILE A 344 -25.45 10.96 12.71
C ILE A 344 -25.54 11.54 14.13
N TRP A 345 -24.74 11.01 15.06
CA TRP A 345 -24.89 11.33 16.48
C TRP A 345 -23.74 12.23 17.00
N MET A 346 -22.47 11.88 16.74
CA MET A 346 -21.33 12.66 17.25
C MET A 346 -20.89 13.78 16.31
N PHE A 347 -21.12 13.55 15.00
CA PHE A 347 -20.57 14.41 13.98
C PHE A 347 -21.29 15.76 13.92
N PRO A 348 -22.64 15.83 13.91
CA PRO A 348 -23.35 17.11 13.76
C PRO A 348 -22.98 18.19 14.78
N PRO A 349 -22.86 17.89 16.10
CA PRO A 349 -22.45 18.93 17.06
C PRO A 349 -21.01 19.38 16.84
N MET A 350 -20.12 18.45 16.41
CA MET A 350 -18.73 18.81 16.19
C MET A 350 -18.62 19.64 14.92
N LEU A 351 -19.42 19.32 13.90
CA LEU A 351 -19.41 20.11 12.67
C LEU A 351 -19.73 21.57 12.97
N LEU A 352 -20.75 21.84 13.81
CA LEU A 352 -21.13 23.22 14.10
C LEU A 352 -20.07 23.97 14.93
N LEU A 353 -19.45 23.27 15.90
CA LEU A 353 -18.61 23.90 16.91
C LEU A 353 -17.16 24.00 16.44
N HIS A 354 -16.69 22.95 15.78
CA HIS A 354 -15.31 22.78 15.34
C HIS A 354 -15.28 21.96 14.06
N PRO A 355 -15.48 22.58 12.86
CA PRO A 355 -15.58 21.81 11.62
C PRO A 355 -14.39 20.87 11.36
N GLU A 356 -13.21 21.25 11.85
CA GLU A 356 -11.98 20.52 11.60
C GLU A 356 -12.01 19.18 12.35
N ILE A 357 -12.81 19.06 13.42
CA ILE A 357 -13.01 17.75 14.04
C ILE A 357 -13.92 16.89 13.15
N ALA A 358 -14.94 17.53 12.57
CA ALA A 358 -15.84 16.83 11.69
C ALA A 358 -15.06 16.32 10.48
N LYS A 359 -14.10 17.15 10.03
CA LYS A 359 -13.30 16.85 8.85
C LYS A 359 -12.52 15.54 9.06
N SER A 360 -12.04 15.32 10.30
CA SER A 360 -11.37 14.06 10.64
C SER A 360 -12.33 12.88 10.54
N MET A 361 -13.55 13.02 11.08
CA MET A 361 -14.55 11.96 11.09
C MET A 361 -14.87 11.50 9.68
N ILE A 362 -15.06 12.44 8.73
CA ILE A 362 -15.38 12.05 7.37
C ILE A 362 -14.13 11.57 6.60
N GLU A 363 -12.94 12.10 6.96
CA GLU A 363 -11.68 11.62 6.42
C GLU A 363 -11.50 10.14 6.73
N TYR A 364 -11.92 9.72 7.92
CA TYR A 364 -11.91 8.31 8.28
C TYR A 364 -12.60 7.48 7.21
N ARG A 365 -13.73 7.98 6.69
CA ARG A 365 -14.57 7.27 5.73
C ARG A 365 -13.97 7.38 4.34
N TYR A 366 -13.47 8.58 3.99
CA TYR A 366 -12.87 8.81 2.68
C TYR A 366 -11.72 7.83 2.44
N GLN A 367 -10.92 7.61 3.48
CA GLN A 367 -9.73 6.78 3.35
C GLN A 367 -10.09 5.29 3.33
N ARG A 368 -11.36 4.98 3.65
CA ARG A 368 -11.84 3.61 3.62
C ARG A 368 -12.87 3.41 2.53
N LEU A 369 -12.87 4.32 1.55
CA LEU A 369 -13.82 4.23 0.45
C LEU A 369 -13.56 2.95 -0.34
N ASP A 370 -12.28 2.59 -0.49
CA ASP A 370 -11.93 1.42 -1.26
C ASP A 370 -12.46 0.14 -0.62
N ALA A 371 -12.36 0.01 0.70
CA ALA A 371 -12.86 -1.21 1.35
C ALA A 371 -14.40 -1.27 1.29
N ALA A 372 -15.05 -0.10 1.13
CA ALA A 372 -16.49 -0.05 0.93
C ALA A 372 -16.89 -0.56 -0.45
N ARG A 373 -16.09 -0.20 -1.45
CA ARG A 373 -16.26 -0.67 -2.81
C ARG A 373 -16.12 -2.18 -2.85
N LYS A 374 -15.14 -2.67 -2.10
CA LYS A 374 -14.91 -4.10 -2.01
C LYS A 374 -16.14 -4.82 -1.44
N LYS A 375 -16.67 -4.28 -0.35
CA LYS A 375 -17.83 -4.84 0.33
C LYS A 375 -19.01 -4.84 -0.63
N ALA A 376 -19.28 -3.71 -1.32
CA ALA A 376 -20.37 -3.65 -2.27
C ALA A 376 -20.27 -4.81 -3.27
N ALA A 377 -19.09 -5.04 -3.86
CA ALA A 377 -18.91 -6.05 -4.89
C ALA A 377 -19.15 -7.44 -4.31
N ILE A 378 -18.69 -7.68 -3.08
CA ILE A 378 -18.84 -8.98 -2.43
C ILE A 378 -20.32 -9.29 -2.19
N TYR A 379 -21.16 -8.24 -1.98
CA TYR A 379 -22.56 -8.41 -1.64
C TYR A 379 -23.45 -8.15 -2.86
N GLY A 380 -22.84 -7.97 -4.03
CA GLY A 380 -23.55 -7.99 -5.30
C GLY A 380 -24.07 -6.61 -5.71
N TYR A 381 -23.36 -5.57 -5.31
CA TYR A 381 -23.84 -4.21 -5.53
C TYR A 381 -22.75 -3.40 -6.22
N ASP A 382 -23.15 -2.21 -6.72
CA ASP A 382 -22.27 -1.25 -7.36
C ASP A 382 -21.77 -0.27 -6.32
N GLY A 383 -20.73 0.52 -6.67
CA GLY A 383 -20.31 1.68 -5.89
C GLY A 383 -19.71 1.29 -4.54
N ALA A 384 -20.03 2.06 -3.50
CA ALA A 384 -19.42 1.94 -2.19
C ALA A 384 -20.49 1.59 -1.17
N MET A 385 -20.28 0.47 -0.48
CA MET A 385 -21.18 0.03 0.56
C MET A 385 -20.40 0.05 1.87
N PHE A 386 -20.65 1.08 2.69
CA PHE A 386 -19.90 1.19 3.91
C PHE A 386 -20.36 0.12 4.89
N PRO A 387 -19.41 -0.39 5.70
CA PRO A 387 -19.74 -1.45 6.66
C PRO A 387 -20.57 -0.89 7.83
N TRP A 388 -21.36 -1.78 8.44
CA TRP A 388 -22.10 -1.45 9.65
C TRP A 388 -21.11 -1.10 10.77
N GLU A 389 -20.05 -1.89 10.88
CA GLU A 389 -19.01 -1.68 11.88
C GLU A 389 -17.68 -1.63 11.15
N SER A 390 -16.91 -0.57 11.45
CA SER A 390 -15.66 -0.26 10.76
C SER A 390 -14.54 -0.19 11.77
N ALA A 391 -13.32 -0.51 11.31
CA ALA A 391 -12.18 -0.46 12.21
C ALA A 391 -10.94 -0.02 11.44
N ASP A 392 -9.86 -0.82 11.45
CA ASP A 392 -8.63 -0.43 10.78
C ASP A 392 -8.80 -0.35 9.26
N SER A 393 -9.27 -1.45 8.62
CA SER A 393 -9.25 -1.56 7.18
C SER A 393 -10.37 -0.79 6.48
N GLY A 394 -11.54 -0.66 7.10
CA GLY A 394 -12.70 -0.14 6.39
C GLY A 394 -13.63 -1.28 5.96
N ALA A 395 -13.18 -2.51 6.18
CA ALA A 395 -13.97 -3.69 5.88
C ALA A 395 -14.98 -3.90 7.01
N GLU A 396 -15.94 -4.80 6.76
CA GLU A 396 -16.99 -5.08 7.71
C GLU A 396 -16.36 -5.76 8.94
N GLU A 397 -16.78 -5.29 10.13
CA GLU A 397 -16.28 -5.84 11.37
C GLU A 397 -17.38 -6.25 12.34
N THR A 398 -18.66 -6.17 11.93
CA THR A 398 -19.73 -6.57 12.81
C THR A 398 -19.60 -8.05 13.16
N PRO A 399 -19.68 -8.45 14.44
CA PRO A 399 -19.69 -9.88 14.76
C PRO A 399 -20.71 -10.66 13.93
N VAL A 400 -20.39 -11.88 13.54
CA VAL A 400 -21.23 -12.57 12.56
C VAL A 400 -22.61 -12.93 13.14
N ASN A 401 -22.68 -13.10 14.47
CA ASN A 401 -23.89 -13.46 15.19
C ASN A 401 -24.90 -12.30 15.23
N ALA A 402 -24.49 -11.07 14.85
CA ALA A 402 -25.44 -9.98 14.66
C ALA A 402 -25.77 -9.82 13.18
N LEU A 403 -27.05 -9.89 12.84
CA LEU A 403 -27.51 -9.80 11.45
C LEU A 403 -27.37 -8.38 10.90
N THR A 404 -27.10 -7.40 11.77
CA THR A 404 -26.81 -6.02 11.36
C THR A 404 -25.66 -5.96 10.35
N GLY A 405 -24.65 -6.78 10.57
CA GLY A 405 -23.47 -6.80 9.70
C GLY A 405 -23.84 -6.95 8.22
N ALA A 406 -24.68 -7.96 7.94
CA ALA A 406 -25.08 -8.25 6.57
C ALA A 406 -26.21 -7.33 6.09
N PHE A 407 -27.09 -6.91 7.01
CA PHE A 407 -28.42 -6.44 6.62
C PHE A 407 -28.74 -5.00 6.99
N GLU A 408 -27.97 -4.34 7.89
CA GLU A 408 -28.32 -2.98 8.25
C GLU A 408 -27.58 -2.03 7.33
N HIS A 409 -28.28 -1.56 6.28
CA HIS A 409 -27.61 -0.92 5.15
C HIS A 409 -27.63 0.61 5.21
N HIS A 410 -28.40 1.26 6.12
CA HIS A 410 -28.54 2.71 6.12
C HIS A 410 -27.20 3.43 6.35
N VAL A 411 -26.19 2.73 6.89
CA VAL A 411 -24.90 3.34 7.18
C VAL A 411 -24.27 3.98 5.93
N THR A 412 -24.49 3.41 4.76
CA THR A 412 -23.99 3.98 3.52
C THR A 412 -24.59 5.38 3.32
N GLY A 413 -25.90 5.50 3.51
CA GLY A 413 -26.59 6.79 3.41
C GLY A 413 -26.11 7.77 4.49
N ASP A 414 -25.87 7.24 5.70
CA ASP A 414 -25.42 8.06 6.81
C ASP A 414 -24.08 8.72 6.50
N VAL A 415 -23.16 7.96 5.88
CA VAL A 415 -21.86 8.49 5.52
C VAL A 415 -22.05 9.59 4.48
N ALA A 416 -22.96 9.37 3.50
CA ALA A 416 -23.16 10.36 2.45
C ALA A 416 -23.75 11.66 3.03
N ILE A 417 -24.65 11.53 4.01
CA ILE A 417 -25.33 12.69 4.58
C ILE A 417 -24.28 13.55 5.27
N ALA A 418 -23.45 12.91 6.10
CA ALA A 418 -22.34 13.57 6.78
C ALA A 418 -21.46 14.32 5.78
N ALA A 419 -21.15 13.69 4.67
CA ALA A 419 -20.24 14.27 3.69
C ALA A 419 -20.83 15.53 3.08
N TRP A 420 -22.10 15.49 2.71
CA TRP A 420 -22.77 16.65 2.15
C TRP A 420 -22.88 17.76 3.20
N GLN A 421 -23.22 17.39 4.44
CA GLN A 421 -23.33 18.35 5.53
C GLN A 421 -22.01 19.08 5.69
N TYR A 422 -20.89 18.35 5.69
CA TYR A 422 -19.58 18.94 5.86
C TYR A 422 -19.41 20.08 4.84
N TYR A 423 -19.79 19.79 3.58
CA TYR A 423 -19.65 20.78 2.53
C TYR A 423 -20.59 21.96 2.80
N LEU A 424 -21.86 21.68 3.14
CA LEU A 424 -22.83 22.73 3.39
C LEU A 424 -22.27 23.75 4.40
N VAL A 425 -21.70 23.24 5.50
CA VAL A 425 -21.26 24.06 6.61
C VAL A 425 -19.96 24.82 6.27
N THR A 426 -18.99 24.18 5.60
CA THR A 426 -17.69 24.80 5.33
C THR A 426 -17.68 25.56 4.00
N GLY A 427 -18.45 25.10 3.01
CA GLY A 427 -18.42 25.70 1.69
C GLY A 427 -17.14 25.34 0.92
N ASP A 428 -16.42 24.32 1.40
CA ASP A 428 -15.12 23.96 0.83
C ASP A 428 -15.33 23.12 -0.44
N LYS A 429 -15.35 23.79 -1.59
CA LYS A 429 -15.61 23.17 -2.87
C LYS A 429 -14.39 22.36 -3.34
N GLU A 430 -13.17 22.73 -2.91
CA GLU A 430 -11.99 21.93 -3.17
C GLU A 430 -12.15 20.56 -2.50
N TRP A 431 -12.60 20.54 -1.24
CA TRP A 431 -12.79 19.27 -0.53
C TRP A 431 -13.95 18.49 -1.16
N LEU A 432 -14.97 19.20 -1.68
CA LEU A 432 -16.11 18.53 -2.29
C LEU A 432 -15.62 17.73 -3.51
N LYS A 433 -14.76 18.34 -4.32
CA LYS A 433 -14.25 17.72 -5.52
C LYS A 433 -13.30 16.58 -5.16
N GLU A 434 -12.46 16.76 -4.14
CA GLU A 434 -11.43 15.80 -3.85
C GLU A 434 -11.98 14.63 -3.04
N LYS A 435 -12.94 14.88 -2.15
CA LYS A 435 -13.32 13.87 -1.17
C LYS A 435 -14.83 13.64 -1.08
N GLY A 436 -15.60 14.73 -1.04
CA GLY A 436 -17.05 14.63 -0.89
C GLY A 436 -17.69 13.89 -2.06
N TRP A 437 -17.31 14.30 -3.28
CA TRP A 437 -17.92 13.78 -4.49
C TRP A 437 -17.57 12.30 -4.66
N PRO A 438 -16.29 11.86 -4.52
CA PRO A 438 -16.00 10.42 -4.50
C PRO A 438 -16.96 9.65 -3.60
N ILE A 439 -17.15 10.14 -2.37
CA ILE A 439 -18.03 9.46 -1.44
C ILE A 439 -19.47 9.48 -1.97
N LEU A 440 -19.94 10.67 -2.39
CA LEU A 440 -21.34 10.83 -2.72
C LEU A 440 -21.70 10.02 -3.97
N LYS A 441 -20.77 9.99 -4.92
CA LYS A 441 -20.95 9.31 -6.19
C LYS A 441 -21.05 7.80 -5.96
N ALA A 442 -20.06 7.24 -5.26
CA ALA A 442 -20.02 5.81 -5.02
C ALA A 442 -21.26 5.38 -4.23
N THR A 443 -21.59 6.12 -3.18
CA THR A 443 -22.71 5.77 -2.30
C THR A 443 -24.03 5.87 -3.07
N ALA A 444 -24.16 6.85 -3.96
CA ALA A 444 -25.36 6.97 -4.79
C ALA A 444 -25.44 5.78 -5.73
N GLU A 445 -24.30 5.38 -6.30
CA GLU A 445 -24.24 4.24 -7.19
C GLU A 445 -24.67 2.97 -6.44
N PHE A 446 -24.30 2.87 -5.16
CA PHE A 446 -24.74 1.76 -4.33
C PHE A 446 -26.28 1.73 -4.31
N TRP A 447 -26.91 2.86 -3.96
CA TRP A 447 -28.35 2.88 -3.75
C TRP A 447 -29.08 2.59 -5.06
N ALA A 448 -28.55 3.14 -6.16
CA ALA A 448 -29.12 2.90 -7.47
C ALA A 448 -29.16 1.39 -7.78
N SER A 449 -28.16 0.64 -7.27
CA SER A 449 -28.04 -0.80 -7.48
C SER A 449 -28.81 -1.57 -6.40
N ARG A 450 -29.15 -0.90 -5.28
CA ARG A 450 -29.75 -1.52 -4.11
C ARG A 450 -31.29 -1.57 -4.19
N VAL A 451 -31.89 -0.57 -4.82
CA VAL A 451 -33.33 -0.48 -4.94
C VAL A 451 -33.82 -1.53 -5.97
N GLU A 452 -35.11 -1.86 -5.90
CA GLU A 452 -35.81 -2.65 -6.90
C GLU A 452 -37.08 -1.91 -7.35
N LYS A 453 -37.29 -1.80 -8.66
CA LYS A 453 -38.49 -1.16 -9.18
C LYS A 453 -39.62 -2.20 -9.22
N ASN A 454 -40.84 -1.78 -8.83
CA ASN A 454 -41.98 -2.67 -8.77
C ASN A 454 -42.96 -2.27 -9.88
N ASP A 455 -44.14 -2.90 -9.88
CA ASP A 455 -45.10 -2.83 -10.97
C ASP A 455 -45.71 -1.45 -11.13
N LYS A 456 -45.67 -0.64 -10.06
CA LYS A 456 -46.28 0.68 -10.08
C LYS A 456 -45.23 1.77 -10.32
N GLY A 457 -43.97 1.38 -10.58
CA GLY A 457 -42.91 2.34 -10.87
C GLY A 457 -42.35 2.99 -9.60
N GLU A 458 -42.59 2.35 -8.44
CA GLU A 458 -42.01 2.81 -7.19
C GLU A 458 -40.75 2.00 -6.97
N TYR A 459 -39.87 2.49 -6.09
CA TYR A 459 -38.63 1.80 -5.80
C TYR A 459 -38.67 1.30 -4.35
N GLU A 460 -38.28 0.05 -4.16
CA GLU A 460 -38.28 -0.58 -2.84
C GLU A 460 -36.86 -0.93 -2.42
N ILE A 461 -36.61 -0.94 -1.12
CA ILE A 461 -35.40 -1.48 -0.53
C ILE A 461 -35.84 -2.60 0.41
N LYS A 462 -35.59 -3.85 0.00
CA LYS A 462 -36.15 -5.00 0.69
C LYS A 462 -35.08 -5.74 1.48
N ASN A 463 -35.54 -6.40 2.55
CA ASN A 463 -34.72 -7.30 3.36
C ASN A 463 -33.53 -6.55 3.96
N VAL A 464 -33.84 -5.68 4.94
CA VAL A 464 -32.86 -4.96 5.76
C VAL A 464 -33.17 -5.25 7.23
N VAL A 465 -32.19 -4.89 8.06
CA VAL A 465 -32.41 -4.61 9.47
C VAL A 465 -32.58 -3.10 9.56
N ALA A 466 -33.61 -2.68 10.30
CA ALA A 466 -33.98 -1.29 10.42
C ALA A 466 -33.09 -0.62 11.46
N ALA A 467 -33.05 0.71 11.41
CA ALA A 467 -32.48 1.51 12.48
C ALA A 467 -33.04 1.06 13.83
N ASP A 468 -34.37 0.75 13.86
CA ASP A 468 -34.94 -0.05 14.93
C ASP A 468 -34.46 -1.49 14.78
N GLU A 469 -33.32 -1.80 15.40
CA GLU A 469 -32.61 -3.04 15.12
C GLU A 469 -33.41 -4.26 15.58
N TRP A 470 -34.51 -4.07 16.33
CA TRP A 470 -35.35 -5.20 16.71
C TRP A 470 -36.15 -5.71 15.51
N ALA A 471 -36.30 -4.88 14.47
CA ALA A 471 -36.95 -5.27 13.22
C ALA A 471 -35.91 -5.83 12.23
N GLU A 472 -35.84 -7.15 12.08
CA GLU A 472 -34.83 -7.82 11.25
C GLU A 472 -35.47 -8.44 10.00
N ASN A 473 -34.80 -8.25 8.86
CA ASN A 473 -35.15 -8.88 7.60
C ASN A 473 -36.55 -8.41 7.22
N ILE A 474 -36.75 -7.10 7.18
CA ILE A 474 -38.04 -6.51 6.81
C ILE A 474 -37.84 -5.60 5.61
N ASP A 475 -38.93 -5.07 5.03
CA ASP A 475 -38.84 -4.33 3.78
C ASP A 475 -39.26 -2.88 3.98
N ASN A 476 -38.57 -1.96 3.29
CA ASN A 476 -38.95 -0.55 3.19
C ASN A 476 -38.97 0.12 4.56
N ASN A 477 -37.90 -0.09 5.32
CA ASN A 477 -37.64 0.62 6.56
C ASN A 477 -37.63 2.12 6.28
N ALA A 478 -38.42 2.86 7.07
CA ALA A 478 -38.57 4.30 6.86
C ALA A 478 -37.20 4.99 6.90
N TYR A 479 -36.40 4.70 7.93
CA TYR A 479 -35.14 5.41 8.09
C TYR A 479 -34.22 5.07 6.93
N THR A 480 -34.02 3.76 6.67
CA THR A 480 -33.13 3.32 5.61
C THR A 480 -33.55 4.00 4.30
N ASN A 481 -34.84 3.92 3.97
CA ASN A 481 -35.33 4.46 2.70
C ASN A 481 -35.11 5.96 2.67
N GLY A 482 -35.24 6.61 3.83
CA GLY A 482 -34.98 8.02 3.96
C GLY A 482 -33.53 8.35 3.63
N THR A 483 -32.57 7.57 4.15
CA THR A 483 -31.15 7.82 3.91
C THR A 483 -30.84 7.64 2.42
N ALA A 484 -31.51 6.70 1.75
CA ALA A 484 -31.26 6.46 0.34
C ALA A 484 -31.75 7.64 -0.49
N ILE A 485 -32.94 8.17 -0.16
CA ILE A 485 -33.45 9.37 -0.82
C ILE A 485 -32.43 10.50 -0.67
N ARG A 486 -32.03 10.81 0.56
CA ARG A 486 -31.08 11.89 0.80
C ARG A 486 -29.77 11.63 0.04
N ASN A 487 -29.24 10.40 0.14
CA ASN A 487 -27.96 10.07 -0.45
C ASN A 487 -27.98 10.39 -1.95
N LEU A 488 -29.08 10.04 -2.59
CA LEU A 488 -29.24 10.22 -4.03
C LEU A 488 -29.43 11.70 -4.39
N GLN A 489 -30.23 12.41 -3.60
CA GLN A 489 -30.49 13.81 -3.87
C GLN A 489 -29.20 14.61 -3.71
N TYR A 490 -28.47 14.33 -2.61
CA TYR A 490 -27.27 15.10 -2.27
C TYR A 490 -26.19 14.84 -3.34
N ALA A 491 -26.06 13.60 -3.78
CA ALA A 491 -25.10 13.27 -4.82
C ALA A 491 -25.42 14.02 -6.11
N SER A 492 -26.70 14.19 -6.44
CA SER A 492 -27.10 14.92 -7.64
C SER A 492 -26.79 16.40 -7.51
N LYS A 493 -27.06 16.97 -6.31
CA LYS A 493 -26.76 18.37 -6.05
C LYS A 493 -25.26 18.58 -6.15
N CYS A 494 -24.49 17.68 -5.52
CA CYS A 494 -23.03 17.74 -5.54
C CYS A 494 -22.49 17.77 -6.97
N ALA A 495 -23.08 16.95 -7.84
CA ALA A 495 -22.69 16.92 -9.24
C ALA A 495 -22.85 18.30 -9.89
N THR A 496 -24.03 18.93 -9.66
CA THR A 496 -24.36 20.25 -10.19
C THR A 496 -23.32 21.27 -9.72
N VAL A 497 -22.96 21.22 -8.43
CA VAL A 497 -22.02 22.17 -7.86
C VAL A 497 -20.70 22.10 -8.63
N LEU A 498 -20.28 20.87 -8.98
CA LEU A 498 -18.95 20.67 -9.57
C LEU A 498 -19.04 20.73 -11.09
N GLY A 499 -20.24 20.90 -11.66
CA GLY A 499 -20.41 20.97 -13.10
C GLY A 499 -20.20 19.62 -13.80
N VAL A 500 -20.45 18.52 -13.07
CA VAL A 500 -20.31 17.17 -13.59
C VAL A 500 -21.70 16.59 -13.86
N ILE A 501 -21.82 15.70 -14.84
CA ILE A 501 -23.09 15.07 -15.14
C ILE A 501 -23.29 13.89 -14.19
N ALA A 502 -24.48 13.85 -13.58
CA ALA A 502 -24.87 12.76 -12.70
C ALA A 502 -25.94 11.93 -13.41
N PRO A 503 -25.96 10.60 -13.26
CA PRO A 503 -27.08 9.80 -13.77
C PRO A 503 -28.43 10.39 -13.35
N LYS A 504 -29.30 10.65 -14.34
CA LYS A 504 -30.61 11.24 -14.04
C LYS A 504 -31.49 10.22 -13.30
N GLU A 505 -31.09 8.94 -13.32
CA GLU A 505 -31.76 7.88 -12.58
C GLU A 505 -31.75 8.18 -11.08
N TRP A 506 -30.73 8.87 -10.58
CA TRP A 506 -30.62 9.12 -9.16
C TRP A 506 -31.84 9.90 -8.66
N THR A 507 -32.22 10.97 -9.37
CA THR A 507 -33.38 11.77 -9.03
C THR A 507 -34.67 10.97 -9.21
N LEU A 508 -34.81 10.28 -10.35
CA LEU A 508 -36.02 9.51 -10.61
C LEU A 508 -36.23 8.50 -9.49
N ILE A 509 -35.16 7.83 -9.04
CA ILE A 509 -35.25 6.86 -7.97
C ILE A 509 -35.64 7.56 -6.66
N ALA A 510 -34.89 8.61 -6.31
CA ALA A 510 -35.12 9.34 -5.06
C ALA A 510 -36.60 9.72 -4.90
N ASP A 511 -37.19 10.24 -5.98
CA ASP A 511 -38.55 10.76 -5.98
C ASP A 511 -39.61 9.65 -5.78
N LYS A 512 -39.23 8.38 -6.03
CA LYS A 512 -40.19 7.28 -6.02
C LYS A 512 -39.85 6.19 -4.99
N ILE A 513 -38.86 6.44 -4.11
CA ILE A 513 -38.60 5.46 -3.06
C ILE A 513 -39.79 5.48 -2.09
N LEU A 514 -40.23 4.30 -1.64
CA LEU A 514 -41.47 4.17 -0.87
C LEU A 514 -41.25 4.58 0.58
N ILE A 515 -42.08 5.53 1.05
CA ILE A 515 -42.28 5.77 2.46
C ILE A 515 -43.79 5.80 2.67
N SER A 516 -44.30 4.82 3.44
CA SER A 516 -45.74 4.59 3.55
C SER A 516 -46.30 5.07 4.89
N LYS A 517 -47.63 5.28 4.95
CA LYS A 517 -48.31 5.65 6.19
C LYS A 517 -49.33 4.56 6.55
N MET A 518 -49.56 4.36 7.86
CA MET A 518 -50.63 3.50 8.35
C MET A 518 -51.95 4.26 8.19
N SER A 519 -53.10 3.65 8.52
CA SER A 519 -54.40 4.28 8.24
C SER A 519 -54.56 5.57 9.05
N ASN A 520 -53.96 5.58 10.26
CA ASN A 520 -54.01 6.74 11.13
C ASN A 520 -53.07 7.85 10.65
N GLY A 521 -52.38 7.66 9.52
CA GLY A 521 -51.58 8.72 8.92
C GLY A 521 -50.18 8.82 9.52
N VAL A 522 -49.82 7.84 10.36
CA VAL A 522 -48.51 7.79 10.98
C VAL A 522 -47.57 7.09 10.00
N THR A 523 -46.34 7.62 9.91
CA THR A 523 -45.28 7.00 9.11
C THR A 523 -45.09 5.55 9.60
N ARG A 524 -45.17 4.60 8.66
CA ARG A 524 -44.95 3.22 9.00
C ARG A 524 -43.44 2.94 9.06
N GLU A 525 -43.00 2.28 10.14
CA GLU A 525 -41.61 2.01 10.34
C GLU A 525 -41.08 1.08 9.24
N HIS A 526 -41.87 0.05 8.88
CA HIS A 526 -41.52 -0.87 7.81
C HIS A 526 -42.78 -1.60 7.37
N ASP A 527 -42.64 -2.46 6.35
CA ASP A 527 -43.81 -3.04 5.70
C ASP A 527 -44.54 -4.02 6.61
N SER A 528 -43.83 -4.61 7.58
CA SER A 528 -44.41 -5.53 8.55
C SER A 528 -44.82 -4.82 9.85
N TYR A 529 -44.89 -3.48 9.87
CA TYR A 529 -44.99 -2.79 11.14
C TYR A 529 -46.45 -2.41 11.39
N THR A 530 -46.94 -2.74 12.62
CA THR A 530 -48.22 -2.25 13.14
C THR A 530 -48.00 -1.45 14.43
N ASP A 531 -47.65 -2.16 15.54
CA ASP A 531 -47.63 -1.58 16.88
C ASP A 531 -46.53 -2.21 17.75
N GLN A 532 -45.49 -2.81 17.12
CA GLN A 532 -44.41 -3.44 17.86
C GLN A 532 -43.69 -2.35 18.66
N ASN A 533 -43.16 -2.75 19.84
CA ASN A 533 -42.14 -1.98 20.51
C ASN A 533 -40.92 -1.90 19.59
N ILE A 534 -40.19 -0.78 19.68
CA ILE A 534 -39.02 -0.50 18.83
C ILE A 534 -37.83 -0.17 19.73
N LYS A 535 -36.62 -0.43 19.23
CA LYS A 535 -35.40 -0.33 20.02
C LYS A 535 -35.08 1.14 20.28
N GLN A 536 -35.40 1.99 19.28
CA GLN A 536 -34.91 3.33 19.21
C GLN A 536 -35.60 4.00 18.03
N ALA A 537 -35.41 5.33 17.94
CA ALA A 537 -36.03 6.17 16.94
C ALA A 537 -35.67 5.67 15.56
N ASP A 538 -36.65 5.74 14.67
CA ASP A 538 -36.54 5.30 13.30
C ASP A 538 -37.37 6.23 12.44
N ALA A 539 -38.71 6.04 12.46
CA ALA A 539 -39.61 6.89 11.68
C ALA A 539 -39.47 8.36 12.09
N ASN A 540 -39.24 8.58 13.39
CA ASN A 540 -39.07 9.94 13.89
C ASN A 540 -37.80 10.61 13.32
N LEU A 541 -36.81 9.80 12.91
CA LEU A 541 -35.59 10.33 12.31
C LEU A 541 -35.86 10.98 10.94
N LEU A 542 -37.02 10.75 10.31
CA LEU A 542 -37.34 11.37 9.04
C LEU A 542 -37.63 12.86 9.23
N ALA A 543 -38.08 13.21 10.43
CA ALA A 543 -38.28 14.60 10.81
C ALA A 543 -36.94 15.28 11.10
N TYR A 544 -36.18 14.72 12.07
CA TYR A 544 -34.82 15.17 12.30
C TYR A 544 -33.98 13.92 12.56
N PRO A 545 -32.79 13.73 11.92
CA PRO A 545 -32.12 14.75 11.10
C PRO A 545 -32.45 14.91 9.61
N LEU A 546 -33.22 13.99 9.02
CA LEU A 546 -33.31 13.95 7.57
C LEU A 546 -34.13 15.12 7.03
N LYS A 547 -35.14 15.58 7.80
CA LYS A 547 -35.97 16.72 7.41
C LYS A 547 -36.73 16.42 6.12
N LEU A 548 -37.08 15.14 5.97
CA LEU A 548 -37.98 14.73 4.90
C LEU A 548 -39.41 15.07 5.29
N ILE A 549 -39.73 14.92 6.58
CA ILE A 549 -41.02 15.31 7.12
C ILE A 549 -40.86 16.66 7.84
N THR A 550 -41.45 17.71 7.25
CA THR A 550 -41.40 19.07 7.80
C THR A 550 -42.79 19.55 8.23
N ASP A 551 -43.86 18.88 7.76
CA ASP A 551 -45.21 19.21 8.18
C ASP A 551 -45.36 18.95 9.68
N LYS A 552 -45.77 20.00 10.42
CA LYS A 552 -45.72 19.95 11.87
C LYS A 552 -46.72 18.94 12.42
N GLU A 553 -47.91 18.83 11.81
CA GLU A 553 -48.92 17.89 12.28
C GLU A 553 -48.45 16.44 12.08
N GLN A 554 -47.74 16.20 10.97
CA GLN A 554 -47.15 14.89 10.68
C GLN A 554 -46.06 14.56 11.71
N ILE A 555 -45.19 15.53 12.04
CA ILE A 555 -44.16 15.31 13.05
C ILE A 555 -44.84 14.86 14.34
N GLU A 556 -45.88 15.61 14.72
CA GLU A 556 -46.58 15.43 15.98
C GLU A 556 -47.25 14.06 16.03
N ARG A 557 -47.92 13.67 14.95
CA ARG A 557 -48.58 12.37 14.93
C ARG A 557 -47.61 11.21 15.04
N ASP A 558 -46.43 11.34 14.38
CA ASP A 558 -45.39 10.32 14.46
C ASP A 558 -44.87 10.26 15.89
N LEU A 559 -44.65 11.43 16.49
CA LEU A 559 -44.21 11.50 17.88
C LEU A 559 -45.24 10.84 18.79
N LYS A 560 -46.53 11.21 18.67
CA LYS A 560 -47.58 10.64 19.49
C LYS A 560 -47.55 9.09 19.40
N TYR A 561 -47.39 8.56 18.19
CA TYR A 561 -47.55 7.14 17.96
C TYR A 561 -46.36 6.32 18.45
N TYR A 562 -45.13 6.80 18.23
CA TYR A 562 -43.91 6.05 18.49
C TYR A 562 -43.27 6.36 19.85
N GLN A 563 -43.62 7.47 20.50
CA GLN A 563 -42.78 7.88 21.63
C GLN A 563 -42.88 6.88 22.79
N THR A 564 -44.04 6.20 22.92
CA THR A 564 -44.21 5.19 23.97
C THR A 564 -43.81 3.80 23.47
N LYS A 565 -43.29 3.68 22.24
CA LYS A 565 -42.90 2.37 21.69
C LYS A 565 -41.50 1.92 22.12
N ILE A 566 -40.69 2.82 22.74
CA ILE A 566 -39.38 2.43 23.25
C ILE A 566 -39.49 2.00 24.71
N PRO A 567 -39.26 0.73 25.07
CA PRO A 567 -39.21 0.33 26.47
C PRO A 567 -38.16 1.02 27.31
N GLN A 568 -38.41 0.98 28.62
CA GLN A 568 -37.48 1.54 29.60
C GLN A 568 -36.15 0.79 29.58
N SER A 569 -36.17 -0.54 29.44
CA SER A 569 -34.96 -1.33 29.61
C SER A 569 -34.29 -1.64 28.26
N ASP A 570 -32.93 -1.67 28.31
CA ASP A 570 -32.08 -2.20 27.26
C ASP A 570 -32.35 -1.49 25.92
N THR A 571 -32.67 -0.19 26.01
CA THR A 571 -32.83 0.62 24.83
C THR A 571 -31.74 1.70 24.87
N PRO A 572 -30.94 1.85 23.78
CA PRO A 572 -29.78 2.72 23.84
C PRO A 572 -30.21 4.19 23.79
N ALA A 573 -29.27 5.08 24.13
CA ALA A 573 -29.54 6.50 24.21
C ALA A 573 -29.48 7.15 22.83
N MET A 574 -30.38 6.76 21.94
CA MET A 574 -30.40 7.23 20.56
C MET A 574 -31.86 7.45 20.14
N THR A 575 -32.62 8.09 21.04
CA THR A 575 -34.06 8.24 20.89
C THR A 575 -34.49 9.59 21.49
N GLN A 576 -34.41 9.68 22.81
CA GLN A 576 -35.13 10.73 23.54
C GLN A 576 -34.56 12.10 23.18
N ALA A 577 -33.27 12.17 22.78
CA ALA A 577 -32.67 13.43 22.46
C ALA A 577 -33.28 14.01 21.19
N ILE A 578 -33.68 13.11 20.28
CA ILE A 578 -34.38 13.50 19.06
C ILE A 578 -35.78 13.98 19.45
N PHE A 579 -36.46 13.26 20.36
CA PHE A 579 -37.78 13.65 20.81
C PHE A 579 -37.68 15.08 21.34
N SER A 580 -36.66 15.37 22.14
CA SER A 580 -36.45 16.68 22.75
C SER A 580 -36.33 17.75 21.66
N LEU A 581 -35.48 17.49 20.69
CA LEU A 581 -35.19 18.44 19.62
C LEU A 581 -36.45 18.73 18.84
N LEU A 582 -37.24 17.69 18.55
CA LEU A 582 -38.46 17.83 17.77
C LEU A 582 -39.54 18.60 18.54
N TYR A 583 -39.66 18.39 19.86
CA TYR A 583 -40.58 19.17 20.67
C TYR A 583 -40.09 20.62 20.79
N SER A 584 -38.75 20.84 20.82
CA SER A 584 -38.23 22.20 20.82
C SER A 584 -38.62 22.91 19.52
N ARG A 585 -38.48 22.20 18.40
CA ARG A 585 -38.87 22.74 17.09
C ARG A 585 -40.37 23.05 17.01
N LEU A 586 -41.18 22.31 17.78
CA LEU A 586 -42.62 22.52 17.82
C LEU A 586 -42.99 23.61 18.83
N GLU A 587 -42.02 23.99 19.67
CA GLU A 587 -42.15 25.10 20.61
C GLU A 587 -42.88 24.63 21.87
N ASP A 588 -42.59 23.40 22.28
CA ASP A 588 -43.21 22.80 23.45
C ASP A 588 -42.14 22.59 24.52
N SER A 589 -41.98 23.59 25.39
CA SER A 589 -40.87 23.59 26.33
C SER A 589 -40.94 22.42 27.30
N ASP A 590 -42.14 22.11 27.82
CA ASP A 590 -42.30 21.11 28.88
C ASP A 590 -41.98 19.72 28.33
N GLN A 591 -42.38 19.49 27.09
CA GLN A 591 -42.10 18.22 26.44
C GLN A 591 -40.61 18.16 26.12
N ALA A 592 -40.08 19.24 25.51
CA ALA A 592 -38.67 19.30 25.14
C ALA A 592 -37.78 19.00 26.36
N TYR A 593 -38.11 19.58 27.50
CA TYR A 593 -37.29 19.45 28.70
C TYR A 593 -37.46 18.06 29.31
N HIS A 594 -38.68 17.49 29.28
CA HIS A 594 -38.90 16.14 29.78
C HIS A 594 -37.97 15.15 29.07
N TRP A 595 -37.89 15.27 27.73
CA TRP A 595 -37.17 14.32 26.90
C TRP A 595 -35.64 14.56 26.96
N PHE A 596 -35.23 15.84 27.06
CA PHE A 596 -33.85 16.18 27.30
C PHE A 596 -33.30 15.42 28.51
N LYS A 597 -33.93 15.58 29.67
CA LYS A 597 -33.51 14.93 30.90
C LYS A 597 -33.62 13.42 30.81
N ASP A 598 -34.64 12.93 30.10
CA ASP A 598 -34.86 11.51 30.05
C ASP A 598 -33.77 10.83 29.21
N ALA A 599 -33.14 11.58 28.31
CA ALA A 599 -32.16 11.02 27.38
C ALA A 599 -30.86 10.57 28.06
N TYR A 600 -30.50 11.15 29.22
CA TYR A 600 -29.22 10.84 29.84
C TYR A 600 -29.30 10.68 31.37
N GLN A 601 -30.21 11.39 32.07
CA GLN A 601 -30.20 11.39 33.52
C GLN A 601 -30.44 9.97 34.07
N PRO A 602 -31.32 9.14 33.48
CA PRO A 602 -31.49 7.78 33.98
C PRO A 602 -30.36 6.81 33.60
N ASN A 603 -29.35 7.31 32.88
CA ASN A 603 -28.25 6.51 32.35
C ASN A 603 -26.93 6.80 33.10
N LEU A 604 -26.98 7.65 34.16
CA LEU A 604 -25.77 8.16 34.76
C LEU A 604 -25.19 7.15 35.75
N ASN A 605 -23.86 7.24 35.95
CA ASN A 605 -23.10 6.39 36.84
C ASN A 605 -22.27 7.27 37.77
N PRO A 606 -22.12 6.92 39.07
CA PRO A 606 -21.33 7.72 40.00
C PRO A 606 -19.84 7.40 39.89
N PRO A 607 -18.92 8.25 40.42
CA PRO A 607 -19.26 9.50 41.08
C PRO A 607 -19.25 10.74 40.19
N PHE A 608 -19.06 10.56 38.89
CA PHE A 608 -18.77 11.65 37.98
C PHE A 608 -19.86 11.89 36.95
N ARG A 609 -21.00 11.19 37.05
CA ARG A 609 -22.14 11.40 36.17
C ARG A 609 -21.73 11.08 34.73
N VAL A 610 -21.02 9.98 34.59
CA VAL A 610 -20.74 9.44 33.27
C VAL A 610 -22.02 8.76 32.76
N ILE A 611 -22.18 8.72 31.44
CA ILE A 611 -23.37 8.22 30.75
C ILE A 611 -23.13 6.80 30.25
N SER A 612 -24.00 5.87 30.69
CA SER A 612 -24.10 4.50 30.16
C SER A 612 -25.00 4.47 28.93
N GLU A 613 -24.92 3.37 28.17
CA GLU A 613 -25.65 3.23 26.92
C GLU A 613 -27.18 3.23 27.13
N CYS A 614 -27.63 2.51 28.17
CA CYS A 614 -29.05 2.32 28.45
C CYS A 614 -29.43 2.86 29.83
N LYS A 615 -30.73 3.07 30.09
CA LYS A 615 -31.15 3.46 31.42
C LYS A 615 -30.73 2.42 32.46
N GLY A 616 -30.10 2.87 33.56
CA GLY A 616 -29.66 1.95 34.61
C GLY A 616 -28.50 1.09 34.14
N GLY A 617 -27.96 1.39 32.96
CA GLY A 617 -26.80 0.69 32.41
C GLY A 617 -25.52 0.93 33.22
N THR A 618 -24.51 0.09 32.91
CA THR A 618 -23.26 0.10 33.66
C THR A 618 -22.06 -0.07 32.74
N ASN A 619 -22.10 0.59 31.57
CA ASN A 619 -21.06 0.47 30.57
C ASN A 619 -20.67 1.84 30.00
N PRO A 620 -20.33 2.85 30.83
CA PRO A 620 -19.93 4.18 30.32
C PRO A 620 -18.54 4.09 29.67
N TYR A 621 -18.20 5.00 28.76
CA TYR A 621 -18.89 6.27 28.55
C TYR A 621 -19.45 6.25 27.14
N PHE A 622 -20.77 6.36 27.03
CA PHE A 622 -21.47 6.27 25.76
C PHE A 622 -21.54 7.64 25.09
N SER A 623 -20.53 7.93 24.32
CA SER A 623 -20.29 9.23 23.70
C SER A 623 -21.33 9.50 22.62
N THR A 624 -21.88 8.43 22.05
CA THR A 624 -23.00 8.56 21.11
C THR A 624 -24.15 9.32 21.79
N GLY A 625 -24.49 8.90 23.02
CA GLY A 625 -25.60 9.49 23.75
C GLY A 625 -25.37 10.99 23.95
N ALA A 626 -24.14 11.32 24.33
CA ALA A 626 -23.70 12.70 24.55
C ALA A 626 -23.90 13.51 23.28
N GLY A 627 -23.48 12.99 22.13
CA GLY A 627 -23.64 13.71 20.89
C GLY A 627 -25.11 13.99 20.57
N GLY A 628 -25.96 12.99 20.83
CA GLY A 628 -27.40 13.15 20.69
C GLY A 628 -27.92 14.32 21.52
N VAL A 629 -27.71 14.26 22.84
CA VAL A 629 -28.19 15.31 23.73
C VAL A 629 -27.67 16.66 23.27
N LEU A 630 -26.41 16.70 22.81
CA LEU A 630 -25.77 17.96 22.40
C LEU A 630 -26.50 18.56 21.21
N GLN A 631 -27.06 17.73 20.34
CA GLN A 631 -27.89 18.22 19.26
C GLN A 631 -29.21 18.75 19.81
N ALA A 632 -29.77 18.07 20.80
CA ALA A 632 -31.00 18.54 21.44
C ALA A 632 -30.78 19.95 22.00
N VAL A 633 -29.58 20.20 22.51
CA VAL A 633 -29.26 21.51 23.09
C VAL A 633 -29.01 22.51 21.97
N ILE A 634 -28.13 22.17 21.03
CA ILE A 634 -27.68 23.12 20.02
C ILE A 634 -28.76 23.31 18.96
N MET A 635 -29.25 22.20 18.39
CA MET A 635 -30.20 22.27 17.29
C MET A 635 -31.61 22.43 17.84
N GLY A 636 -31.86 21.91 19.05
CA GLY A 636 -33.19 21.99 19.64
C GLY A 636 -33.42 23.32 20.36
N PHE A 637 -32.91 23.42 21.59
CA PHE A 637 -33.07 24.61 22.39
C PHE A 637 -32.44 25.84 21.71
N GLY A 638 -31.29 25.66 21.04
CA GLY A 638 -30.62 26.76 20.35
C GLY A 638 -31.27 27.09 19.01
N GLY A 639 -32.04 26.15 18.44
CA GLY A 639 -32.71 26.35 17.17
C GLY A 639 -31.76 26.33 15.98
N LEU A 640 -30.50 25.88 16.19
CA LEU A 640 -29.50 25.93 15.14
C LEU A 640 -29.71 24.77 14.19
N ASP A 641 -29.50 25.03 12.90
CA ASP A 641 -29.83 24.07 11.86
C ASP A 641 -28.89 24.26 10.67
N ILE A 642 -28.52 23.16 10.02
CA ILE A 642 -27.72 23.20 8.80
C ILE A 642 -28.66 23.53 7.65
N ASP A 643 -28.52 24.72 7.07
CA ASP A 643 -29.36 25.11 5.94
C ASP A 643 -28.99 24.30 4.70
N ALA A 644 -30.02 23.85 3.98
CA ALA A 644 -29.87 23.00 2.82
C ALA A 644 -29.16 23.73 1.67
N ALA A 645 -29.14 25.07 1.72
CA ALA A 645 -28.53 25.88 0.67
C ALA A 645 -27.14 26.36 1.09
N GLY A 646 -26.68 25.95 2.28
CA GLY A 646 -25.37 26.35 2.77
C GLY A 646 -25.43 27.06 4.13
N GLY A 647 -24.40 26.81 4.95
CA GLY A 647 -24.20 27.55 6.19
C GLY A 647 -25.16 27.10 7.28
N ILE A 648 -25.16 27.87 8.40
CA ILE A 648 -25.95 27.60 9.58
C ILE A 648 -27.04 28.67 9.67
N LYS A 649 -28.25 28.24 10.04
CA LYS A 649 -29.38 29.13 10.22
C LYS A 649 -30.00 28.84 11.59
N GLN A 650 -30.99 29.64 11.97
CA GLN A 650 -31.69 29.45 13.24
C GLN A 650 -33.18 29.44 12.97
N VAL A 651 -33.87 28.43 13.53
CA VAL A 651 -35.32 28.29 13.43
C VAL A 651 -35.92 28.49 14.82
N LYS A 652 -37.25 28.62 14.91
CA LYS A 652 -37.88 28.89 16.19
C LYS A 652 -37.58 27.75 17.17
N SER A 653 -37.48 28.09 18.45
CA SER A 653 -37.11 27.14 19.49
C SER A 653 -37.62 27.64 20.84
N VAL A 654 -37.54 26.79 21.87
CA VAL A 654 -37.91 27.17 23.21
C VAL A 654 -36.86 26.65 24.19
N LEU A 655 -36.73 27.31 25.34
CA LEU A 655 -35.84 26.86 26.39
C LEU A 655 -36.65 26.16 27.47
N PRO A 656 -36.01 25.28 28.27
CA PRO A 656 -36.60 24.84 29.54
C PRO A 656 -37.01 26.08 30.34
N LYS A 657 -38.12 25.97 31.07
CA LYS A 657 -38.64 27.07 31.88
C LYS A 657 -37.56 27.66 32.78
N ASN A 658 -36.80 26.79 33.45
CA ASN A 658 -35.85 27.13 34.49
C ASN A 658 -34.51 27.60 33.93
N TRP A 659 -34.34 27.61 32.59
CA TRP A 659 -33.15 28.18 31.99
C TRP A 659 -33.39 29.66 31.70
N LYS A 660 -32.58 30.53 32.32
CA LYS A 660 -32.68 31.96 32.11
C LYS A 660 -32.02 32.38 30.81
N LYS A 661 -30.88 31.73 30.49
CA LYS A 661 -30.15 32.11 29.29
C LYS A 661 -29.38 30.91 28.77
N LEU A 662 -29.33 30.81 27.44
CA LEU A 662 -28.51 29.81 26.76
C LEU A 662 -27.62 30.52 25.75
N THR A 663 -26.30 30.32 25.89
CA THR A 663 -25.32 30.95 25.03
C THR A 663 -24.46 29.88 24.39
N ILE A 664 -24.34 29.94 23.05
CA ILE A 664 -23.58 28.99 22.25
C ILE A 664 -22.57 29.75 21.38
N THR A 665 -21.30 29.37 21.49
CA THR A 665 -20.20 30.14 20.93
C THR A 665 -19.44 29.29 19.91
N GLY A 666 -18.80 29.97 18.94
CA GLY A 666 -17.95 29.34 17.95
C GLY A 666 -18.71 28.46 16.95
N ILE A 667 -19.88 28.92 16.50
CA ILE A 667 -20.72 28.16 15.59
C ILE A 667 -20.42 28.54 14.14
N GLY A 668 -20.24 27.52 13.28
CA GLY A 668 -20.04 27.72 11.84
C GLY A 668 -18.65 28.29 11.57
N ILE A 669 -18.34 28.56 10.28
CA ILE A 669 -17.00 29.02 9.92
C ILE A 669 -16.83 30.50 10.29
N GLU A 670 -17.93 31.20 10.56
CA GLU A 670 -17.87 32.58 11.03
C GLU A 670 -17.81 32.65 12.56
N LYS A 671 -17.88 31.49 13.23
CA LYS A 671 -17.65 31.43 14.66
C LYS A 671 -18.60 32.38 15.38
N LYS A 672 -19.91 32.15 15.19
CA LYS A 672 -20.94 33.04 15.68
C LYS A 672 -21.35 32.66 17.10
N THR A 673 -21.81 33.66 17.86
CA THR A 673 -22.41 33.45 19.16
C THR A 673 -23.93 33.54 19.03
N PHE A 674 -24.63 32.52 19.55
CA PHE A 674 -26.08 32.54 19.65
C PHE A 674 -26.49 32.63 21.11
N VAL A 675 -27.34 33.63 21.41
CA VAL A 675 -27.87 33.86 22.75
C VAL A 675 -29.39 33.70 22.73
N LEU A 676 -29.92 32.92 23.68
CA LEU A 676 -31.36 32.68 23.77
C LEU A 676 -31.81 32.94 25.21
N THR A 677 -32.94 33.65 25.31
CA THR A 677 -33.63 33.92 26.56
C THR A 677 -35.12 33.66 26.34
N HIS A 678 -35.90 33.65 27.41
CA HIS A 678 -37.35 33.55 27.29
C HIS A 678 -37.89 34.88 26.73
N HIS B 20 -28.09 -34.46 -28.54
CA HIS B 20 -27.23 -33.62 -27.66
C HIS B 20 -26.80 -32.34 -28.36
N GLN B 21 -27.69 -31.74 -29.17
CA GLN B 21 -27.38 -30.54 -29.94
C GLN B 21 -28.43 -29.45 -29.70
N ASP B 22 -28.97 -29.41 -28.48
CA ASP B 22 -29.70 -28.25 -28.00
C ASP B 22 -28.78 -27.04 -28.18
N PRO B 23 -29.29 -25.88 -28.65
CA PRO B 23 -28.46 -24.67 -28.75
C PRO B 23 -28.14 -23.95 -27.43
N TRP B 24 -28.72 -24.42 -26.31
CA TRP B 24 -28.51 -23.79 -25.01
C TRP B 24 -27.99 -24.78 -23.96
N LYS B 25 -28.07 -26.09 -24.21
CA LYS B 25 -27.74 -27.08 -23.21
C LYS B 25 -26.74 -28.09 -23.76
N LEU B 26 -25.70 -28.39 -22.98
CA LEU B 26 -24.79 -29.49 -23.26
C LEU B 26 -25.23 -30.63 -22.34
N SER B 27 -25.31 -31.86 -22.87
CA SER B 27 -25.86 -32.97 -22.09
C SER B 27 -25.04 -34.23 -22.29
N ALA B 28 -24.95 -35.06 -21.25
CA ALA B 28 -24.25 -36.33 -21.33
C ALA B 28 -25.06 -37.41 -20.60
N ASP B 29 -25.28 -38.55 -21.28
CA ASP B 29 -25.93 -39.69 -20.68
C ASP B 29 -24.88 -40.61 -20.07
N LYS B 30 -25.18 -41.17 -18.90
CA LYS B 30 -24.30 -42.11 -18.23
C LYS B 30 -22.83 -41.72 -18.41
N PRO B 31 -22.37 -40.65 -17.74
CA PRO B 31 -20.95 -40.31 -17.70
C PRO B 31 -19.98 -41.50 -17.64
N ASP B 32 -18.96 -41.45 -18.49
CA ASP B 32 -17.94 -42.49 -18.53
C ASP B 32 -16.72 -41.98 -17.80
N SER B 33 -16.48 -42.50 -16.59
CA SER B 33 -15.40 -42.03 -15.74
C SER B 33 -14.04 -42.37 -16.34
N ASN B 34 -13.97 -43.34 -17.26
CA ASN B 34 -12.71 -43.67 -17.92
C ASN B 34 -12.40 -42.71 -19.07
N ASN B 35 -13.34 -41.84 -19.43
CA ASN B 35 -13.14 -40.94 -20.57
C ASN B 35 -14.03 -39.72 -20.39
N TYR B 36 -13.79 -38.96 -19.33
CA TYR B 36 -14.68 -37.86 -18.98
C TYR B 36 -13.85 -36.61 -18.66
N TYR B 37 -14.20 -35.51 -19.32
CA TYR B 37 -13.60 -34.20 -19.05
C TYR B 37 -14.71 -33.23 -18.61
N GLY B 38 -14.66 -32.86 -17.33
CA GLY B 38 -15.75 -32.11 -16.71
C GLY B 38 -15.92 -30.73 -17.33
N GLU B 39 -17.17 -30.24 -17.25
CA GLU B 39 -17.49 -28.86 -17.57
C GLU B 39 -17.45 -27.98 -16.33
N THR B 40 -17.35 -26.67 -16.58
CA THR B 40 -17.17 -25.67 -15.53
C THR B 40 -18.42 -24.78 -15.46
N VAL B 41 -18.84 -24.45 -14.23
CA VAL B 41 -19.68 -23.28 -14.02
C VAL B 41 -18.86 -22.25 -13.22
N ALA B 42 -19.03 -20.96 -13.54
CA ALA B 42 -18.19 -19.93 -12.96
C ALA B 42 -18.84 -18.57 -13.05
N ASN B 43 -18.43 -17.65 -12.17
CA ASN B 43 -18.97 -16.30 -12.08
C ASN B 43 -17.83 -15.27 -12.17
N GLY B 44 -16.70 -15.67 -12.73
CA GLY B 44 -15.57 -14.78 -12.87
C GLY B 44 -14.64 -14.84 -11.68
N MET B 45 -15.07 -15.49 -10.59
CA MET B 45 -14.32 -15.46 -9.33
C MET B 45 -14.10 -16.88 -8.82
N ILE B 46 -15.17 -17.69 -8.84
CA ILE B 46 -15.07 -19.10 -8.48
C ILE B 46 -15.50 -19.93 -9.69
N GLY B 47 -14.73 -21.00 -9.96
CA GLY B 47 -15.06 -21.99 -10.97
C GLY B 47 -15.22 -23.36 -10.31
N ILE B 48 -16.25 -24.12 -10.77
CA ILE B 48 -16.53 -25.46 -10.30
C ILE B 48 -16.61 -26.40 -11.50
N ILE B 49 -15.75 -27.42 -11.44
CA ILE B 49 -15.54 -28.36 -12.53
C ILE B 49 -16.17 -29.69 -12.13
N SER B 50 -17.03 -30.17 -13.01
CA SER B 50 -17.89 -31.33 -12.77
C SER B 50 -17.06 -32.61 -12.63
N SER B 51 -17.60 -33.51 -11.81
CA SER B 51 -17.14 -34.88 -11.66
C SER B 51 -18.11 -35.79 -12.40
N PRO B 52 -17.67 -36.97 -12.89
CA PRO B 52 -18.61 -37.96 -13.42
C PRO B 52 -19.51 -38.54 -12.34
N GLU B 53 -19.01 -38.54 -11.10
CA GLU B 53 -19.74 -39.07 -9.97
C GLU B 53 -20.87 -38.12 -9.55
N PRO B 54 -22.05 -38.64 -9.14
CA PRO B 54 -23.17 -37.79 -8.76
C PRO B 54 -22.88 -37.12 -7.42
N LEU B 55 -23.29 -35.84 -7.33
CA LEU B 55 -23.27 -35.10 -6.08
C LEU B 55 -21.83 -34.84 -5.60
N LYS B 56 -20.88 -34.96 -6.54
CA LYS B 56 -19.50 -34.58 -6.30
C LYS B 56 -19.06 -33.59 -7.37
N VAL B 57 -18.02 -32.84 -7.01
CA VAL B 57 -17.34 -31.99 -7.98
C VAL B 57 -15.85 -32.37 -8.01
N LYS B 58 -15.23 -32.08 -9.15
CA LYS B 58 -13.86 -32.52 -9.39
C LYS B 58 -12.90 -31.55 -8.70
N GLU B 59 -13.11 -30.25 -8.97
CA GLU B 59 -12.13 -29.24 -8.60
C GLU B 59 -12.86 -27.90 -8.44
N VAL B 60 -12.36 -27.07 -7.53
CA VAL B 60 -12.88 -25.72 -7.31
C VAL B 60 -11.68 -24.79 -7.31
N VAL B 61 -11.80 -23.70 -8.09
CA VAL B 61 -10.73 -22.75 -8.22
C VAL B 61 -11.23 -21.34 -7.92
N LEU B 62 -10.44 -20.63 -7.11
CA LEU B 62 -10.68 -19.26 -6.73
C LEU B 62 -9.72 -18.35 -7.47
N ALA B 63 -10.25 -17.43 -8.30
CA ALA B 63 -9.44 -16.44 -8.97
C ALA B 63 -8.75 -15.53 -7.95
N GLY B 64 -7.56 -15.04 -8.33
CA GLY B 64 -6.85 -14.03 -7.55
C GLY B 64 -6.05 -14.61 -6.39
N THR B 65 -6.10 -15.92 -6.16
CA THR B 65 -5.33 -16.55 -5.09
C THR B 65 -4.15 -17.34 -5.69
N TYR B 66 -2.92 -16.89 -5.40
CA TYR B 66 -1.71 -17.49 -5.95
C TYR B 66 -0.68 -17.75 -4.86
N ASP B 67 -0.02 -18.89 -4.93
CA ASP B 67 1.08 -19.22 -4.05
C ASP B 67 1.99 -20.23 -4.79
N ILE B 68 3.24 -20.37 -4.33
CA ILE B 68 4.15 -21.37 -4.85
C ILE B 68 3.53 -22.74 -4.66
N TYR B 69 3.44 -23.50 -5.77
CA TYR B 69 2.75 -24.76 -5.81
C TYR B 69 3.07 -25.48 -7.12
N LYS B 70 3.65 -26.67 -6.96
CA LYS B 70 3.93 -27.61 -8.06
C LYS B 70 4.57 -26.93 -9.28
N ARG B 71 3.95 -27.12 -10.46
CA ARG B 71 4.52 -26.74 -11.74
C ARG B 71 5.27 -25.41 -11.70
N GLY B 72 6.51 -25.39 -12.23
CA GLY B 72 7.17 -24.16 -12.65
C GLY B 72 7.91 -23.41 -11.53
N ARG B 73 7.71 -23.84 -10.27
CA ARG B 73 8.35 -23.27 -9.09
C ARG B 73 7.92 -21.82 -8.86
N VAL B 74 6.78 -21.43 -9.45
CA VAL B 74 6.34 -20.03 -9.46
C VAL B 74 4.90 -20.01 -8.93
N SER B 75 4.31 -18.81 -8.80
CA SER B 75 2.99 -18.66 -8.18
C SER B 75 1.96 -19.41 -9.05
N SER B 76 0.92 -19.91 -8.41
CA SER B 76 -0.07 -20.77 -9.04
C SER B 76 -1.42 -20.63 -8.33
N PHE B 77 -2.51 -20.76 -9.10
CA PHE B 77 -3.78 -21.15 -8.54
C PHE B 77 -3.57 -22.43 -7.74
N ILE B 78 -4.38 -22.57 -6.70
CA ILE B 78 -4.26 -23.61 -5.71
C ILE B 78 -5.58 -24.39 -5.77
N PRO B 79 -5.57 -25.73 -5.78
CA PRO B 79 -6.82 -26.48 -5.66
C PRO B 79 -7.46 -26.08 -4.34
N ASN B 80 -8.77 -25.80 -4.37
CA ASN B 80 -9.45 -25.26 -3.20
C ASN B 80 -10.47 -26.30 -2.75
N TYR B 81 -11.16 -25.96 -1.67
CA TYR B 81 -12.20 -26.80 -1.09
C TYR B 81 -13.23 -27.15 -2.14
N ASN B 82 -13.48 -28.46 -2.27
CA ASN B 82 -14.56 -28.97 -3.07
C ASN B 82 -15.83 -28.88 -2.21
N LEU B 83 -16.36 -27.67 -2.13
CA LEU B 83 -17.27 -27.30 -1.06
C LEU B 83 -18.66 -27.89 -1.26
N LEU B 84 -18.94 -28.48 -2.44
CA LEU B 84 -20.25 -29.07 -2.70
C LEU B 84 -20.30 -30.56 -2.38
N ASN B 85 -19.17 -31.19 -2.06
CA ASN B 85 -19.20 -32.64 -1.94
C ASN B 85 -20.25 -33.06 -0.92
N MET B 86 -21.15 -33.92 -1.40
CA MET B 86 -22.27 -34.46 -0.64
C MET B 86 -22.32 -35.97 -0.81
N LYS B 87 -22.71 -36.65 0.27
CA LYS B 87 -23.05 -38.06 0.26
C LYS B 87 -24.53 -38.23 0.60
N LEU B 88 -25.24 -39.00 -0.22
CA LEU B 88 -26.66 -39.26 -0.05
C LEU B 88 -26.85 -40.75 0.13
N ALA B 89 -27.67 -41.13 1.12
CA ALA B 89 -27.97 -42.52 1.39
C ALA B 89 -29.49 -42.67 1.54
N PHE B 90 -30.00 -43.80 1.05
CA PHE B 90 -31.41 -44.13 1.21
C PHE B 90 -31.50 -45.38 2.07
N ASN B 91 -32.21 -45.27 3.19
CA ASN B 91 -32.37 -46.36 4.14
C ASN B 91 -30.99 -46.89 4.50
N GLY B 92 -30.04 -45.97 4.69
CA GLY B 92 -28.67 -46.32 5.02
C GLY B 92 -28.03 -47.16 3.92
N GLU B 93 -28.18 -46.73 2.67
CA GLU B 93 -27.48 -47.34 1.55
C GLU B 93 -27.01 -46.21 0.66
N SER B 94 -25.67 -46.04 0.59
CA SER B 94 -25.06 -44.93 -0.08
C SER B 94 -25.35 -44.93 -1.57
N VAL B 95 -25.66 -43.77 -2.14
CA VAL B 95 -25.84 -43.62 -3.57
C VAL B 95 -24.46 -43.60 -4.24
N GLN B 96 -24.31 -44.44 -5.27
CA GLN B 96 -23.08 -44.54 -6.05
C GLN B 96 -23.45 -44.67 -7.52
N THR B 97 -22.51 -44.36 -8.41
CA THR B 97 -22.65 -44.65 -9.83
C THR B 97 -23.14 -46.09 -10.02
N TYR B 98 -22.72 -47.03 -9.15
CA TYR B 98 -22.93 -48.44 -9.44
C TYR B 98 -24.36 -48.89 -9.10
N ASN B 99 -25.18 -48.09 -8.39
CA ASN B 99 -26.51 -48.55 -7.96
C ASN B 99 -27.61 -47.55 -8.34
N ILE B 100 -27.34 -46.65 -9.28
CA ILE B 100 -28.33 -45.72 -9.79
C ILE B 100 -28.61 -46.12 -11.23
N ASN B 101 -29.58 -45.47 -11.88
CA ASN B 101 -29.82 -45.73 -13.30
C ASN B 101 -30.46 -44.47 -13.88
N ASN B 102 -30.45 -44.38 -15.20
CA ASN B 102 -30.93 -43.25 -15.97
C ASN B 102 -30.17 -41.97 -15.60
N TYR B 103 -28.88 -42.12 -15.29
CA TYR B 103 -28.06 -41.01 -14.85
C TYR B 103 -27.77 -40.13 -16.05
N LYS B 104 -28.02 -38.82 -15.87
CA LYS B 104 -27.77 -37.82 -16.90
C LYS B 104 -27.16 -36.58 -16.25
N GLN B 105 -26.31 -35.86 -17.01
CA GLN B 105 -25.82 -34.55 -16.62
C GLN B 105 -26.10 -33.58 -17.77
N GLU B 106 -26.32 -32.32 -17.40
CA GLU B 106 -26.62 -31.29 -18.38
C GLU B 106 -26.10 -29.95 -17.84
N LEU B 107 -25.52 -29.14 -18.73
CA LEU B 107 -25.10 -27.78 -18.45
C LEU B 107 -26.02 -26.84 -19.22
N ASP B 108 -26.74 -25.99 -18.50
CA ASP B 108 -27.58 -24.99 -19.13
C ASP B 108 -26.76 -23.71 -19.22
N MET B 109 -26.34 -23.37 -20.45
CA MET B 109 -25.47 -22.23 -20.70
C MET B 109 -26.24 -20.92 -20.52
N ARG B 110 -27.57 -20.99 -20.52
CA ARG B 110 -28.37 -19.79 -20.29
C ARG B 110 -28.11 -19.22 -18.91
N ASN B 111 -27.83 -20.07 -17.92
CA ASN B 111 -27.73 -19.59 -16.55
C ASN B 111 -26.63 -20.30 -15.77
N GLY B 112 -25.72 -20.97 -16.47
CA GLY B 112 -24.60 -21.66 -15.84
C GLY B 112 -25.09 -22.65 -14.78
N ALA B 113 -26.19 -23.35 -15.04
CA ALA B 113 -26.64 -24.36 -14.11
C ALA B 113 -26.13 -25.72 -14.58
N PHE B 114 -25.37 -26.40 -13.74
CA PHE B 114 -25.03 -27.78 -13.98
C PHE B 114 -25.99 -28.67 -13.20
N THR B 115 -26.72 -29.55 -13.93
CA THR B 115 -27.73 -30.41 -13.33
C THR B 115 -27.40 -31.88 -13.56
N GLY B 116 -27.46 -32.67 -12.48
CA GLY B 116 -27.46 -34.12 -12.59
C GLY B 116 -28.83 -34.67 -12.22
N SER B 117 -29.19 -35.84 -12.79
CA SER B 117 -30.45 -36.47 -12.46
C SER B 117 -30.28 -37.98 -12.58
N PHE B 118 -30.92 -38.74 -11.69
CA PHE B 118 -30.88 -40.19 -11.75
C PHE B 118 -32.05 -40.80 -10.98
N GLN B 119 -32.23 -42.12 -11.16
CA GLN B 119 -33.17 -42.92 -10.38
C GLN B 119 -32.41 -43.83 -9.43
N PHE B 120 -32.82 -43.89 -8.17
CA PHE B 120 -32.28 -44.88 -7.24
C PHE B 120 -33.31 -46.01 -7.05
N LYS B 121 -33.05 -47.15 -7.73
CA LYS B 121 -33.80 -48.38 -7.52
C LYS B 121 -35.31 -48.13 -7.68
N ASP B 122 -36.09 -48.49 -6.64
CA ASP B 122 -37.54 -48.36 -6.67
C ASP B 122 -38.01 -47.23 -5.75
N LEU B 123 -37.08 -46.33 -5.33
CA LEU B 123 -37.32 -45.48 -4.18
C LEU B 123 -37.58 -44.02 -4.59
N ALA B 124 -36.72 -43.45 -5.44
CA ALA B 124 -36.77 -42.00 -5.68
C ALA B 124 -35.89 -41.56 -6.86
N THR B 125 -36.40 -40.52 -7.54
CA THR B 125 -35.69 -39.73 -8.52
C THR B 125 -34.98 -38.57 -7.80
N VAL B 126 -33.70 -38.35 -8.12
CA VAL B 126 -32.94 -37.25 -7.59
C VAL B 126 -32.58 -36.32 -8.73
N THR B 127 -32.80 -35.00 -8.54
CA THR B 127 -32.22 -33.99 -9.41
C THR B 127 -31.45 -32.99 -8.54
N TYR B 128 -30.25 -32.62 -9.00
CA TYR B 128 -29.42 -31.64 -8.32
C TYR B 128 -28.84 -30.67 -9.34
N SER B 129 -28.88 -29.38 -9.00
CA SER B 129 -28.38 -28.29 -9.84
C SER B 129 -27.48 -27.41 -9.01
N TYR B 130 -26.31 -27.03 -9.55
CA TYR B 130 -25.43 -26.12 -8.84
C TYR B 130 -25.02 -24.96 -9.74
N TYR B 131 -24.61 -23.89 -9.04
CA TYR B 131 -24.47 -22.55 -9.60
C TYR B 131 -23.29 -21.88 -8.91
N ALA B 132 -22.49 -21.17 -9.70
CA ALA B 132 -21.62 -20.15 -9.13
C ALA B 132 -22.36 -18.85 -9.30
N LEU B 133 -22.89 -18.32 -8.19
CA LEU B 133 -23.92 -17.30 -8.30
C LEU B 133 -23.33 -16.07 -8.98
N ARG B 134 -24.03 -15.53 -9.96
CA ARG B 134 -23.44 -14.53 -10.84
C ARG B 134 -23.31 -13.19 -10.11
N HIS B 135 -24.23 -12.86 -9.21
CA HIS B 135 -24.19 -11.57 -8.52
C HIS B 135 -23.25 -11.60 -7.29
N LEU B 136 -23.03 -12.79 -6.71
CA LEU B 136 -22.29 -12.94 -5.48
C LEU B 136 -20.99 -13.67 -5.81
N PRO B 137 -19.88 -12.92 -6.06
CA PRO B 137 -18.65 -13.54 -6.54
C PRO B 137 -18.15 -14.67 -5.65
N HIS B 138 -18.34 -14.61 -4.31
CA HIS B 138 -17.80 -15.68 -3.45
C HIS B 138 -18.82 -16.75 -3.02
N CYS B 139 -20.02 -16.76 -3.59
CA CYS B 139 -21.07 -17.67 -3.15
C CYS B 139 -21.49 -18.68 -4.24
N ILE B 140 -21.69 -19.91 -3.78
CA ILE B 140 -22.13 -21.06 -4.55
C ILE B 140 -23.47 -21.55 -3.98
N MET B 141 -24.28 -22.27 -4.79
CA MET B 141 -25.45 -22.97 -4.29
C MET B 141 -25.72 -24.25 -5.09
N MET B 142 -26.03 -25.33 -4.36
CA MET B 142 -26.59 -26.54 -4.96
C MET B 142 -28.00 -26.77 -4.42
N VAL B 143 -28.97 -26.94 -5.33
CA VAL B 143 -30.35 -27.27 -4.98
C VAL B 143 -30.62 -28.75 -5.31
N VAL B 144 -31.15 -29.48 -4.33
CA VAL B 144 -31.40 -30.92 -4.47
C VAL B 144 -32.89 -31.16 -4.28
N ASN B 145 -33.50 -31.89 -5.23
CA ASN B 145 -34.87 -32.33 -5.15
C ASN B 145 -34.91 -33.85 -5.24
N ILE B 146 -35.70 -34.43 -4.32
CA ILE B 146 -35.91 -35.86 -4.22
C ILE B 146 -37.41 -36.11 -4.34
N ASN B 147 -37.80 -36.88 -5.37
CA ASN B 147 -39.17 -37.27 -5.60
C ASN B 147 -39.30 -38.78 -5.38
N THR B 148 -40.14 -39.16 -4.42
CA THR B 148 -40.20 -40.54 -3.95
C THR B 148 -41.28 -41.33 -4.71
N GLN B 149 -41.01 -42.61 -4.91
CA GLN B 149 -41.96 -43.57 -5.44
C GLN B 149 -42.39 -44.56 -4.36
N LYS B 150 -41.62 -44.60 -3.28
CA LYS B 150 -41.92 -45.30 -2.04
C LYS B 150 -41.45 -44.47 -0.84
N ASP B 151 -42.02 -44.81 0.33
CA ASP B 151 -41.55 -44.29 1.60
C ASP B 151 -40.05 -44.54 1.69
N THR B 152 -39.28 -43.54 2.13
CA THR B 152 -37.86 -43.75 2.30
C THR B 152 -37.30 -42.70 3.26
N GLU B 153 -36.15 -43.02 3.87
CA GLU B 153 -35.41 -42.08 4.69
C GLU B 153 -34.07 -41.83 4.02
N ILE B 154 -33.76 -40.54 3.82
CA ILE B 154 -32.48 -40.11 3.33
C ILE B 154 -31.57 -39.75 4.52
N ASN B 155 -30.28 -40.09 4.41
CA ASN B 155 -29.23 -39.45 5.18
C ASN B 155 -28.43 -38.60 4.19
N VAL B 156 -28.22 -37.32 4.56
CA VAL B 156 -27.52 -36.39 3.69
C VAL B 156 -26.29 -35.91 4.46
N GLU B 157 -25.12 -35.94 3.81
CA GLU B 157 -23.89 -35.42 4.41
C GLU B 157 -23.17 -34.46 3.47
N ASN B 158 -22.76 -33.30 4.00
CA ASN B 158 -21.95 -32.33 3.28
C ASN B 158 -20.55 -32.36 3.87
N LEU B 159 -19.53 -32.62 3.06
CA LEU B 159 -18.17 -32.82 3.54
C LEU B 159 -17.33 -31.60 3.16
N LEU B 160 -16.56 -31.09 4.13
CA LEU B 160 -15.48 -30.17 3.81
C LEU B 160 -14.15 -30.89 4.08
N GLU B 161 -13.57 -31.43 3.01
CA GLU B 161 -12.22 -32.01 3.02
C GLU B 161 -11.19 -30.94 2.66
N THR B 162 -10.19 -30.76 3.51
CA THR B 162 -9.13 -29.77 3.23
C THR B 162 -8.20 -30.40 2.20
N PRO B 163 -8.04 -29.86 0.97
CA PRO B 163 -7.15 -30.49 0.00
C PRO B 163 -5.71 -30.44 0.51
N SER B 164 -4.86 -31.30 -0.04
CA SER B 164 -3.47 -31.42 0.39
C SER B 164 -2.65 -30.23 -0.13
N SER B 165 -3.21 -29.41 -1.01
CA SER B 165 -2.62 -28.13 -1.39
C SER B 165 -2.61 -27.10 -0.23
N LEU B 166 -3.46 -27.27 0.79
CA LEU B 166 -3.55 -26.32 1.88
C LEU B 166 -2.99 -26.97 3.15
N ASN B 167 -2.75 -26.12 4.16
CA ASN B 167 -2.11 -26.54 5.39
C ASN B 167 -2.68 -25.74 6.56
N ASN B 168 -2.50 -26.29 7.76
CA ASN B 168 -2.82 -25.65 9.02
C ASN B 168 -4.33 -25.38 9.14
N GLN B 169 -5.12 -26.35 8.68
CA GLN B 169 -6.57 -26.22 8.63
C GLN B 169 -7.16 -26.25 10.04
N GLN B 170 -8.26 -25.52 10.16
CA GLN B 170 -9.17 -25.63 11.30
C GLN B 170 -10.58 -25.93 10.80
N ASN B 171 -11.23 -26.86 11.53
CA ASN B 171 -12.60 -27.28 11.22
C ASN B 171 -13.62 -26.83 12.27
N TYR B 172 -14.55 -25.99 11.83
CA TYR B 172 -15.54 -25.40 12.75
C TYR B 172 -17.01 -25.75 12.44
N PHE B 173 -17.87 -25.59 13.45
CA PHE B 173 -19.31 -25.81 13.29
C PHE B 173 -20.05 -24.98 14.36
N GLN B 174 -21.05 -24.22 13.92
CA GLN B 174 -21.87 -23.52 14.91
C GLN B 174 -23.28 -23.26 14.39
N ASN B 175 -24.15 -22.82 15.31
CA ASN B 175 -25.53 -22.50 15.02
C ASN B 175 -25.74 -21.00 15.19
N ILE B 176 -26.15 -20.34 14.10
CA ILE B 176 -26.54 -18.95 14.10
C ILE B 176 -28.06 -18.90 14.27
N THR B 177 -28.54 -18.28 15.36
CA THR B 177 -29.98 -18.38 15.65
C THR B 177 -30.57 -17.00 15.94
N ASN B 178 -31.88 -16.96 15.75
CA ASN B 178 -32.76 -15.96 16.33
C ASN B 178 -34.07 -16.72 16.50
N THR B 179 -35.16 -16.02 16.87
CA THR B 179 -36.41 -16.71 17.17
C THR B 179 -36.96 -17.36 15.90
N HIS B 180 -36.55 -16.86 14.73
CA HIS B 180 -37.09 -17.30 13.45
C HIS B 180 -36.21 -18.35 12.74
N VAL B 181 -34.87 -18.38 12.97
CA VAL B 181 -34.00 -19.30 12.21
C VAL B 181 -32.99 -20.04 13.07
N ASN B 182 -32.56 -21.19 12.54
CA ASN B 182 -31.35 -21.90 12.94
C ASN B 182 -30.55 -22.17 11.67
N ILE B 183 -29.47 -21.41 11.49
CA ILE B 183 -28.59 -21.50 10.33
C ILE B 183 -27.33 -22.21 10.79
N PRO B 184 -27.17 -23.52 10.50
CA PRO B 184 -25.95 -24.24 10.90
C PRO B 184 -24.83 -24.01 9.90
N LEU B 185 -23.65 -23.61 10.40
CA LEU B 185 -22.48 -23.27 9.59
C LEU B 185 -21.39 -24.30 9.79
N LEU B 186 -21.05 -24.99 8.69
CA LEU B 186 -19.82 -25.77 8.59
C LEU B 186 -18.73 -24.92 7.95
N THR B 187 -17.70 -24.63 8.74
CA THR B 187 -16.69 -23.67 8.33
C THR B 187 -15.31 -24.33 8.38
N SER B 188 -14.53 -24.03 7.38
CA SER B 188 -13.11 -24.41 7.40
C SER B 188 -12.23 -23.22 7.04
N VAL B 189 -11.08 -23.14 7.71
CA VAL B 189 -10.06 -22.10 7.49
C VAL B 189 -8.70 -22.78 7.32
N ALA B 190 -7.99 -22.40 6.27
CA ALA B 190 -6.68 -22.99 6.04
C ALA B 190 -5.76 -22.07 5.24
N PHE B 191 -4.52 -22.53 5.00
CA PHE B 191 -3.49 -21.72 4.37
C PHE B 191 -2.98 -22.36 3.08
N THR B 192 -2.64 -21.53 2.08
CA THR B 192 -1.87 -21.94 0.92
C THR B 192 -0.48 -22.37 1.36
N PRO B 193 0.28 -23.11 0.51
CA PRO B 193 1.56 -23.75 0.91
C PRO B 193 2.59 -22.92 1.70
N THR B 194 2.80 -21.65 1.33
CA THR B 194 3.85 -20.84 1.96
C THR B 194 3.25 -19.94 3.03
N GLY B 195 1.95 -20.05 3.30
CA GLY B 195 1.30 -19.18 4.28
C GLY B 195 0.87 -17.84 3.65
N ARG B 196 1.00 -17.71 2.32
CA ARG B 196 0.78 -16.44 1.64
C ARG B 196 -0.70 -15.99 1.69
N SER B 197 -1.63 -16.96 1.65
CA SER B 197 -3.07 -16.71 1.69
C SER B 197 -3.73 -17.54 2.77
N LYS B 198 -4.76 -16.94 3.38
CA LYS B 198 -5.66 -17.65 4.25
C LYS B 198 -6.96 -17.82 3.50
N ILE B 199 -7.48 -19.03 3.55
CA ILE B 199 -8.72 -19.41 2.87
C ILE B 199 -9.78 -19.75 3.90
N ALA B 200 -10.94 -19.16 3.71
CA ALA B 200 -12.12 -19.55 4.47
C ALA B 200 -13.26 -20.02 3.58
N VAL B 201 -13.90 -21.08 4.05
CA VAL B 201 -15.08 -21.65 3.41
C VAL B 201 -16.14 -21.88 4.47
N SER B 202 -17.34 -21.46 4.18
CA SER B 202 -18.45 -21.66 5.11
C SER B 202 -19.73 -22.11 4.40
N ASN B 203 -20.28 -23.23 4.83
CA ASN B 203 -21.47 -23.82 4.19
C ASN B 203 -22.68 -23.89 5.12
N THR B 204 -23.88 -23.83 4.54
CA THR B 204 -25.12 -24.03 5.29
C THR B 204 -26.13 -24.81 4.46
N PHE B 205 -27.08 -25.49 5.12
CA PHE B 205 -28.21 -26.12 4.48
C PHE B 205 -29.45 -25.22 4.62
N LEU B 206 -30.19 -25.06 3.54
CA LEU B 206 -31.45 -24.33 3.51
C LEU B 206 -32.60 -25.30 3.33
N PHE B 207 -33.60 -25.22 4.21
CA PHE B 207 -34.83 -26.01 4.13
C PHE B 207 -36.04 -25.10 3.91
N ASP B 208 -37.11 -25.64 3.37
CA ASP B 208 -38.34 -24.91 3.17
C ASP B 208 -39.23 -24.97 4.40
N GLU B 209 -39.05 -25.98 5.27
CA GLU B 209 -40.03 -26.27 6.30
C GLU B 209 -39.88 -25.40 7.56
N GLY B 210 -38.86 -24.56 7.69
CA GLY B 210 -38.78 -23.63 8.83
C GLY B 210 -38.16 -24.26 10.08
N LYS B 211 -37.86 -23.43 11.07
CA LYS B 211 -36.96 -23.77 12.17
C LYS B 211 -37.45 -24.94 13.02
N LYS B 212 -38.75 -24.99 13.32
CA LYS B 212 -39.27 -25.99 14.25
C LYS B 212 -39.24 -27.38 13.62
N LEU B 213 -39.46 -27.45 12.29
CA LEU B 213 -39.61 -28.73 11.61
C LEU B 213 -38.34 -29.18 10.88
N GLN B 214 -37.33 -28.30 10.73
CA GLN B 214 -36.15 -28.65 9.94
C GLN B 214 -35.38 -29.76 10.64
N PRO B 215 -34.61 -30.58 9.87
CA PRO B 215 -33.80 -31.63 10.46
C PRO B 215 -32.75 -31.02 11.39
N GLU B 216 -32.52 -31.71 12.50
CA GLU B 216 -31.36 -31.43 13.33
C GLU B 216 -30.11 -31.77 12.52
N ILE B 217 -29.08 -30.90 12.66
CA ILE B 217 -27.85 -31.04 11.90
C ILE B 217 -26.77 -31.54 12.86
N LEU B 218 -26.16 -32.68 12.50
CA LEU B 218 -25.10 -33.28 13.28
C LEU B 218 -23.77 -32.85 12.67
N HIS B 219 -22.74 -32.79 13.52
CA HIS B 219 -21.39 -32.43 13.10
C HIS B 219 -20.40 -33.50 13.54
N ARG B 220 -19.61 -34.02 12.57
CA ARG B 220 -18.55 -34.96 12.88
C ARG B 220 -17.23 -34.38 12.39
N MET B 221 -16.18 -34.66 13.17
CA MET B 221 -14.81 -34.25 12.86
C MET B 221 -13.90 -35.46 13.00
N ASN B 222 -14.06 -36.47 12.15
CA ASN B 222 -13.43 -37.76 12.42
C ASN B 222 -12.01 -37.81 11.85
N ASP B 223 -11.72 -36.96 10.86
CA ASP B 223 -10.42 -36.97 10.20
C ASP B 223 -9.67 -35.66 10.41
N ALA B 224 -8.34 -35.71 10.27
CA ALA B 224 -7.48 -34.55 10.31
C ALA B 224 -7.81 -33.54 9.21
N ASP B 225 -8.31 -34.02 8.06
CA ASP B 225 -8.45 -33.19 6.88
C ASP B 225 -9.89 -33.17 6.37
N MET B 226 -10.82 -33.61 7.22
CA MET B 226 -12.22 -33.59 6.82
C MET B 226 -13.14 -33.53 8.04
N HIS B 227 -14.17 -32.71 7.91
CA HIS B 227 -15.32 -32.70 8.82
C HIS B 227 -16.58 -32.57 7.96
N ALA B 228 -17.74 -32.75 8.62
CA ALA B 228 -18.99 -32.94 7.88
C ALA B 228 -20.18 -32.59 8.75
N MET B 229 -21.19 -32.02 8.08
CA MET B 229 -22.49 -31.83 8.71
C MET B 229 -23.47 -32.76 8.02
N SER B 230 -24.48 -33.25 8.76
CA SER B 230 -25.34 -34.29 8.23
C SER B 230 -26.72 -34.19 8.85
N PHE B 231 -27.70 -34.86 8.20
CA PHE B 231 -29.03 -34.93 8.74
C PHE B 231 -29.78 -36.10 8.11
N ASP B 232 -30.88 -36.49 8.78
CA ASP B 232 -31.77 -37.51 8.24
C ASP B 232 -33.14 -36.89 7.97
N LYS B 233 -33.89 -37.48 7.04
CA LYS B 233 -35.25 -37.03 6.75
C LYS B 233 -36.06 -38.19 6.17
N LYS B 234 -37.17 -38.51 6.85
CA LYS B 234 -38.15 -39.47 6.34
C LYS B 234 -39.05 -38.75 5.34
N ILE B 235 -39.21 -39.32 4.14
CA ILE B 235 -40.10 -38.79 3.11
C ILE B 235 -41.09 -39.89 2.70
N LYS B 236 -42.38 -39.54 2.65
CA LYS B 236 -43.43 -40.48 2.28
C LYS B 236 -43.52 -40.57 0.76
N ALA B 237 -44.01 -41.74 0.28
CA ALA B 237 -44.22 -42.00 -1.13
C ALA B 237 -45.00 -40.88 -1.80
N GLY B 238 -44.57 -40.45 -2.99
CA GLY B 238 -45.32 -39.51 -3.82
C GLY B 238 -45.06 -38.06 -3.41
N LYS B 239 -44.03 -37.81 -2.61
CA LYS B 239 -43.69 -36.48 -2.15
C LYS B 239 -42.37 -36.02 -2.75
N THR B 240 -42.21 -34.69 -2.84
CA THR B 240 -41.01 -34.01 -3.26
C THR B 240 -40.41 -33.31 -2.04
N TYR B 241 -39.16 -33.66 -1.72
CA TYR B 241 -38.44 -33.00 -0.64
C TYR B 241 -37.25 -32.30 -1.25
N SER B 242 -37.13 -31.00 -0.95
CA SER B 242 -36.12 -30.13 -1.50
C SER B 242 -35.24 -29.64 -0.37
N PHE B 243 -33.94 -29.47 -0.64
CA PHE B 243 -33.06 -28.72 0.25
C PHE B 243 -31.95 -28.11 -0.59
N ALA B 244 -31.30 -27.05 -0.06
CA ALA B 244 -30.16 -26.45 -0.71
C ALA B 244 -28.96 -26.40 0.21
N LEU B 245 -27.79 -26.36 -0.44
CA LEU B 245 -26.51 -26.12 0.17
C LEU B 245 -26.01 -24.78 -0.35
N ILE B 246 -25.76 -23.85 0.55
CA ILE B 246 -25.09 -22.60 0.22
C ILE B 246 -23.68 -22.61 0.78
N GLY B 247 -22.75 -22.11 -0.02
CA GLY B 247 -21.34 -22.07 0.33
C GLY B 247 -20.70 -20.75 -0.08
N SER B 248 -19.88 -20.21 0.80
CA SER B 248 -19.08 -19.03 0.51
C SER B 248 -17.61 -19.43 0.64
N LEU B 249 -16.84 -18.98 -0.34
CA LEU B 249 -15.42 -19.32 -0.46
C LEU B 249 -14.64 -18.05 -0.73
N ILE B 250 -13.76 -17.69 0.20
CA ILE B 250 -13.06 -16.40 0.08
C ILE B 250 -11.67 -16.50 0.70
N SER B 251 -10.79 -15.56 0.39
CA SER B 251 -9.43 -15.58 0.91
C SER B 251 -8.95 -14.22 1.37
N SER B 252 -7.78 -14.21 1.99
CA SER B 252 -7.07 -12.99 2.37
C SER B 252 -6.68 -12.16 1.15
N ASP B 253 -6.70 -12.71 -0.05
CA ASP B 253 -6.40 -11.94 -1.24
C ASP B 253 -7.59 -11.07 -1.63
N HIS B 254 -8.78 -11.39 -1.10
CA HIS B 254 -10.02 -10.71 -1.44
C HIS B 254 -10.54 -9.81 -0.30
N ILE B 255 -10.20 -10.17 0.94
CA ILE B 255 -10.77 -9.55 2.12
C ILE B 255 -9.81 -9.78 3.30
N ASN B 256 -9.80 -8.85 4.24
CA ASN B 256 -8.82 -8.81 5.31
C ASN B 256 -9.08 -9.95 6.29
N ASP B 257 -10.36 -10.24 6.52
CA ASP B 257 -10.79 -11.19 7.53
C ASP B 257 -11.65 -12.24 6.84
N PRO B 258 -11.07 -13.15 6.04
CA PRO B 258 -11.90 -14.12 5.32
C PRO B 258 -12.73 -15.04 6.20
N TYR B 259 -12.24 -15.42 7.39
CA TYR B 259 -12.97 -16.30 8.28
C TYR B 259 -14.36 -15.74 8.58
N ASN B 260 -14.41 -14.53 9.17
CA ASN B 260 -15.66 -13.90 9.50
C ASN B 260 -16.44 -13.53 8.24
N GLU B 261 -15.73 -13.16 7.16
CA GLU B 261 -16.46 -12.74 5.98
C GLU B 261 -17.21 -13.93 5.37
N ALA B 262 -16.58 -15.12 5.36
CA ALA B 262 -17.25 -16.29 4.79
C ALA B 262 -18.55 -16.62 5.55
N GLU B 263 -18.47 -16.67 6.89
CA GLU B 263 -19.65 -16.90 7.71
C GLU B 263 -20.71 -15.84 7.45
N ARG B 264 -20.30 -14.58 7.39
CA ARG B 264 -21.21 -13.46 7.19
C ARG B 264 -21.93 -13.63 5.85
N LEU B 265 -21.19 -14.01 4.82
CA LEU B 265 -21.78 -14.16 3.49
C LEU B 265 -22.80 -15.31 3.43
N THR B 266 -22.51 -16.44 4.06
CA THR B 266 -23.37 -17.61 4.00
C THR B 266 -24.62 -17.31 4.81
N ILE B 267 -24.49 -16.61 5.93
CA ILE B 267 -25.67 -16.18 6.69
C ILE B 267 -26.52 -15.24 5.84
N TYR B 268 -25.87 -14.28 5.17
CA TYR B 268 -26.60 -13.36 4.31
C TYR B 268 -27.36 -14.11 3.23
N ALA B 269 -26.65 -15.01 2.54
CA ALA B 269 -27.25 -15.73 1.44
C ALA B 269 -28.42 -16.59 1.96
N ALA B 270 -28.24 -17.24 3.12
CA ALA B 270 -29.27 -18.06 3.71
C ALA B 270 -30.55 -17.23 3.97
N LEU B 271 -30.41 -16.00 4.46
CA LEU B 271 -31.56 -15.18 4.79
C LEU B 271 -32.10 -14.48 3.55
N GLU B 272 -31.32 -14.41 2.48
CA GLU B 272 -31.87 -14.00 1.19
C GLU B 272 -32.78 -15.12 0.67
N GLY B 273 -32.32 -16.36 0.82
CA GLY B 273 -33.02 -17.56 0.43
C GLY B 273 -32.81 -17.97 -1.04
N LYS B 274 -33.09 -19.25 -1.33
CA LYS B 274 -32.90 -19.83 -2.65
C LYS B 274 -33.51 -18.95 -3.76
N SER B 275 -34.76 -18.53 -3.54
CA SER B 275 -35.55 -17.91 -4.59
C SER B 275 -34.97 -16.55 -4.98
N ARG B 276 -34.53 -15.76 -4.01
CA ARG B 276 -33.99 -14.44 -4.29
C ARG B 276 -32.64 -14.59 -4.99
N LEU B 277 -31.84 -15.52 -4.51
CA LEU B 277 -30.49 -15.72 -5.04
C LEU B 277 -30.57 -16.09 -6.53
N LEU B 278 -31.49 -17.01 -6.89
CA LEU B 278 -31.58 -17.50 -8.25
C LEU B 278 -32.18 -16.44 -9.17
N ASN B 279 -33.06 -15.60 -8.62
CA ASN B 279 -33.68 -14.56 -9.41
C ASN B 279 -32.60 -13.55 -9.79
N ARG B 280 -31.81 -13.12 -8.81
CA ARG B 280 -30.68 -12.21 -9.05
C ARG B 280 -29.69 -12.83 -10.03
N HIS B 281 -29.33 -14.11 -9.80
CA HIS B 281 -28.44 -14.87 -10.66
C HIS B 281 -28.91 -14.81 -12.12
N MET B 282 -30.18 -15.11 -12.35
CA MET B 282 -30.75 -15.16 -13.69
C MET B 282 -30.77 -13.78 -14.33
N GLN B 283 -31.01 -12.72 -13.55
CA GLN B 283 -31.05 -11.37 -14.12
C GLN B 283 -29.68 -11.03 -14.72
N GLU B 284 -28.61 -11.42 -14.01
CA GLU B 284 -27.25 -11.11 -14.42
C GLU B 284 -26.91 -11.90 -15.68
N TRP B 285 -27.32 -13.19 -15.72
CA TRP B 285 -27.04 -14.02 -16.88
C TRP B 285 -27.80 -13.52 -18.10
N ASN B 286 -29.03 -13.02 -17.88
CA ASN B 286 -29.87 -12.52 -18.95
C ASN B 286 -29.21 -11.31 -19.60
N SER B 287 -28.55 -10.47 -18.79
CA SER B 287 -27.85 -9.30 -19.30
C SER B 287 -26.67 -9.73 -20.15
N LEU B 288 -25.97 -10.76 -19.70
CA LEU B 288 -24.83 -11.29 -20.42
C LEU B 288 -25.26 -11.78 -21.81
N TRP B 289 -26.42 -12.44 -21.90
CA TRP B 289 -26.86 -13.06 -23.15
C TRP B 289 -27.58 -12.06 -24.06
N GLN B 290 -27.65 -10.78 -23.70
CA GLN B 290 -28.18 -9.77 -24.61
C GLN B 290 -27.19 -9.53 -25.75
N SER B 291 -25.93 -9.98 -25.55
CA SER B 291 -24.96 -10.09 -26.62
C SER B 291 -24.78 -11.57 -26.94
N ASP B 292 -25.18 -11.96 -28.17
CA ASP B 292 -25.32 -13.36 -28.55
C ASP B 292 -24.97 -13.51 -30.04
N ILE B 293 -24.61 -14.75 -30.41
CA ILE B 293 -24.38 -15.11 -31.80
C ILE B 293 -25.35 -16.25 -32.15
N GLN B 294 -26.16 -16.02 -33.20
CA GLN B 294 -27.13 -16.99 -33.69
C GLN B 294 -26.77 -17.43 -35.11
N VAL B 295 -26.67 -18.75 -35.30
CA VAL B 295 -26.42 -19.38 -36.59
C VAL B 295 -27.62 -20.25 -36.99
N GLU B 296 -28.14 -20.04 -38.20
CA GLU B 296 -29.15 -20.90 -38.77
C GLU B 296 -28.52 -21.85 -39.79
N GLY B 297 -28.83 -23.14 -39.66
CA GLY B 297 -28.49 -24.11 -40.69
C GLY B 297 -27.34 -25.03 -40.25
N ASP B 298 -26.93 -24.92 -38.97
CA ASP B 298 -25.84 -25.71 -38.47
C ASP B 298 -25.95 -25.82 -36.95
N PRO B 299 -26.81 -26.74 -36.45
CA PRO B 299 -26.96 -26.92 -35.00
C PRO B 299 -25.64 -27.09 -34.25
N GLN B 300 -24.65 -27.77 -34.83
CA GLN B 300 -23.43 -28.05 -34.09
C GLN B 300 -22.61 -26.77 -33.91
N ALA B 301 -22.52 -25.97 -34.98
CA ALA B 301 -21.88 -24.66 -34.93
C ALA B 301 -22.54 -23.81 -33.86
N GLN B 302 -23.87 -23.75 -33.86
CA GLN B 302 -24.62 -22.91 -32.95
C GLN B 302 -24.25 -23.26 -31.50
N GLN B 303 -24.33 -24.56 -31.17
CA GLN B 303 -24.03 -25.04 -29.82
C GLN B 303 -22.57 -24.76 -29.45
N ASP B 304 -21.64 -24.97 -30.39
CA ASP B 304 -20.22 -24.79 -30.15
C ASP B 304 -19.90 -23.34 -29.86
N ILE B 305 -20.51 -22.40 -30.60
CA ILE B 305 -20.23 -20.98 -30.48
C ILE B 305 -20.84 -20.45 -29.19
N ARG B 306 -22.01 -20.99 -28.83
CA ARG B 306 -22.64 -20.73 -27.53
C ARG B 306 -21.70 -21.18 -26.42
N SER B 307 -21.13 -22.39 -26.53
CA SER B 307 -20.19 -22.88 -25.51
C SER B 307 -19.00 -21.91 -25.37
N MET B 308 -18.52 -21.37 -26.50
CA MET B 308 -17.38 -20.46 -26.47
C MET B 308 -17.74 -19.17 -25.75
N LEU B 309 -18.86 -18.55 -26.15
CA LEU B 309 -19.37 -17.38 -25.47
C LEU B 309 -19.54 -17.66 -23.97
N TYR B 310 -20.24 -18.75 -23.65
CA TYR B 310 -20.56 -19.13 -22.28
C TYR B 310 -19.28 -19.21 -21.44
N HIS B 311 -18.21 -19.79 -21.98
CA HIS B 311 -16.99 -19.99 -21.22
C HIS B 311 -16.32 -18.65 -21.00
N LEU B 312 -16.31 -17.79 -22.02
CA LEU B 312 -15.74 -16.46 -21.81
C LEU B 312 -16.54 -15.67 -20.78
N TYR B 313 -17.87 -15.67 -20.86
CA TYR B 313 -18.72 -14.97 -19.91
C TYR B 313 -18.53 -15.48 -18.48
N SER B 314 -18.37 -16.80 -18.33
CA SER B 314 -18.14 -17.44 -17.03
C SER B 314 -16.76 -17.16 -16.44
N PHE B 315 -15.76 -16.88 -17.30
CA PHE B 315 -14.37 -16.75 -16.90
C PHE B 315 -13.92 -15.28 -16.84
N THR B 316 -14.86 -14.35 -16.93
CA THR B 316 -14.53 -12.94 -16.79
C THR B 316 -15.57 -12.32 -15.88
N ARG B 317 -15.34 -11.08 -15.44
CA ARG B 317 -16.30 -10.41 -14.58
C ARG B 317 -16.16 -8.90 -14.73
N LYS B 318 -17.29 -8.24 -15.05
CA LYS B 318 -17.33 -6.79 -15.12
C LYS B 318 -17.03 -6.19 -13.75
N SER B 319 -16.60 -4.92 -13.74
CA SER B 319 -16.35 -4.12 -12.55
C SER B 319 -15.31 -4.76 -11.63
N THR B 320 -14.25 -5.34 -12.20
CA THR B 320 -13.17 -5.89 -11.40
C THR B 320 -11.84 -5.51 -12.04
N SER B 321 -10.77 -6.07 -11.44
CA SER B 321 -9.42 -5.98 -11.99
C SER B 321 -8.86 -7.38 -12.28
N LEU B 322 -9.79 -8.32 -12.59
CA LEU B 322 -9.46 -9.70 -12.89
C LEU B 322 -9.29 -9.87 -14.39
N SER B 323 -8.36 -10.77 -14.75
CA SER B 323 -8.09 -11.13 -16.12
C SER B 323 -8.01 -12.64 -16.18
N PRO B 324 -8.52 -13.27 -17.24
CA PRO B 324 -8.52 -14.73 -17.35
C PRO B 324 -7.12 -15.27 -17.68
N SER B 325 -6.79 -16.41 -17.06
CA SER B 325 -5.75 -17.30 -17.54
C SER B 325 -6.19 -17.96 -18.84
N PRO B 326 -5.25 -18.59 -19.60
CA PRO B 326 -5.61 -19.30 -20.83
C PRO B 326 -6.67 -20.39 -20.64
N MET B 327 -6.83 -20.86 -19.39
CA MET B 327 -7.76 -21.93 -19.07
C MET B 327 -8.93 -21.39 -18.21
N GLY B 328 -9.07 -20.06 -18.14
CA GLY B 328 -10.03 -19.39 -17.28
C GLY B 328 -10.07 -20.00 -15.87
N LEU B 329 -11.25 -20.41 -15.43
CA LEU B 329 -11.43 -21.03 -14.12
C LEU B 329 -11.78 -22.51 -14.28
N SER B 330 -11.23 -23.13 -15.32
CA SER B 330 -11.49 -24.53 -15.62
C SER B 330 -10.51 -25.42 -14.86
N GLY B 331 -9.56 -24.83 -14.14
CA GLY B 331 -8.51 -25.59 -13.48
C GLY B 331 -7.21 -24.78 -13.34
N LEU B 332 -6.10 -25.49 -13.08
CA LEU B 332 -4.78 -24.94 -12.80
C LEU B 332 -3.98 -24.63 -14.08
N GLY B 333 -4.59 -24.78 -15.25
CA GLY B 333 -3.85 -24.65 -16.51
C GLY B 333 -3.00 -23.39 -16.53
N TYR B 334 -1.70 -23.54 -16.88
CA TYR B 334 -0.72 -22.46 -16.91
C TYR B 334 -0.67 -21.68 -15.60
N ASN B 335 -0.89 -22.38 -14.47
CA ASN B 335 -0.76 -21.83 -13.12
C ASN B 335 -1.70 -20.65 -12.86
N GLY B 336 -2.76 -20.49 -13.67
CA GLY B 336 -3.68 -19.37 -13.52
C GLY B 336 -3.09 -18.05 -14.03
N HIS B 337 -1.95 -18.09 -14.75
CA HIS B 337 -1.23 -16.84 -15.06
C HIS B 337 -1.93 -16.16 -16.22
N VAL B 338 -1.72 -14.85 -16.31
CA VAL B 338 -2.27 -14.03 -17.38
C VAL B 338 -1.19 -13.80 -18.43
N PHE B 339 -1.57 -13.98 -19.69
CA PHE B 339 -0.68 -13.82 -20.84
C PHE B 339 -1.35 -12.89 -21.85
N TRP B 340 -0.68 -12.64 -22.98
CA TRP B 340 -1.24 -11.93 -24.11
C TRP B 340 -2.47 -12.62 -24.69
N ASP B 341 -2.64 -13.91 -24.34
CA ASP B 341 -3.89 -14.66 -24.49
C ASP B 341 -5.09 -13.81 -24.10
N THR B 342 -4.95 -12.99 -23.04
CA THR B 342 -6.05 -12.06 -22.75
C THR B 342 -6.09 -10.99 -23.83
N GLU B 343 -5.08 -10.13 -23.90
CA GLU B 343 -5.17 -8.91 -24.69
C GLU B 343 -5.54 -9.18 -26.16
N ILE B 344 -4.94 -10.20 -26.76
CA ILE B 344 -5.06 -10.40 -28.21
C ILE B 344 -6.14 -11.43 -28.57
N TRP B 345 -6.43 -12.37 -27.66
CA TRP B 345 -7.25 -13.51 -28.00
C TRP B 345 -8.63 -13.45 -27.32
N MET B 346 -8.70 -13.20 -26.00
CA MET B 346 -9.99 -13.22 -25.32
C MET B 346 -10.62 -11.83 -25.24
N PHE B 347 -9.78 -10.79 -25.30
CA PHE B 347 -10.22 -9.43 -25.04
C PHE B 347 -11.02 -8.88 -26.23
N PRO B 348 -10.56 -9.01 -27.50
CA PRO B 348 -11.28 -8.40 -28.63
C PRO B 348 -12.76 -8.79 -28.75
N PRO B 349 -13.14 -10.08 -28.63
CA PRO B 349 -14.56 -10.45 -28.67
C PRO B 349 -15.35 -9.88 -27.51
N MET B 350 -14.73 -9.78 -26.32
CA MET B 350 -15.43 -9.25 -25.16
C MET B 350 -15.61 -7.75 -25.32
N LEU B 351 -14.61 -7.07 -25.89
CA LEU B 351 -14.70 -5.63 -26.09
C LEU B 351 -15.91 -5.29 -26.96
N LEU B 352 -16.13 -6.08 -28.03
CA LEU B 352 -17.23 -5.80 -28.95
C LEU B 352 -18.61 -6.11 -28.32
N LEU B 353 -18.69 -7.18 -27.51
CA LEU B 353 -19.95 -7.71 -27.02
C LEU B 353 -20.35 -7.04 -25.70
N HIS B 354 -19.36 -6.82 -24.82
CA HIS B 354 -19.53 -6.33 -23.47
C HIS B 354 -18.30 -5.53 -23.06
N PRO B 355 -18.22 -4.22 -23.40
CA PRO B 355 -17.01 -3.45 -23.15
C PRO B 355 -16.54 -3.48 -21.69
N GLU B 356 -17.49 -3.58 -20.77
CA GLU B 356 -17.20 -3.49 -19.34
C GLU B 356 -16.44 -4.73 -18.87
N ILE B 357 -16.54 -5.85 -19.61
CA ILE B 357 -15.69 -7.00 -19.32
C ILE B 357 -14.26 -6.71 -19.79
N ALA B 358 -14.15 -6.06 -20.96
CA ALA B 358 -12.84 -5.72 -21.51
C ALA B 358 -12.17 -4.74 -20.54
N LYS B 359 -12.96 -3.85 -19.95
CA LYS B 359 -12.46 -2.83 -19.05
C LYS B 359 -11.79 -3.49 -17.84
N SER B 360 -12.35 -4.60 -17.34
CA SER B 360 -11.74 -5.35 -16.26
C SER B 360 -10.37 -5.94 -16.69
N MET B 361 -10.32 -6.52 -17.90
CA MET B 361 -9.10 -7.13 -18.42
C MET B 361 -7.95 -6.11 -18.46
N ILE B 362 -8.20 -4.89 -18.95
CA ILE B 362 -7.16 -3.87 -19.06
C ILE B 362 -6.87 -3.25 -17.69
N GLU B 363 -7.87 -3.18 -16.81
CA GLU B 363 -7.70 -2.74 -15.43
C GLU B 363 -6.68 -3.63 -14.72
N TYR B 364 -6.72 -4.92 -15.01
CA TYR B 364 -5.73 -5.84 -14.47
C TYR B 364 -4.32 -5.33 -14.75
N ARG B 365 -4.10 -4.80 -15.97
CA ARG B 365 -2.79 -4.38 -16.43
C ARG B 365 -2.46 -3.00 -15.86
N TYR B 366 -3.45 -2.11 -15.85
CA TYR B 366 -3.27 -0.76 -15.33
C TYR B 366 -2.78 -0.83 -13.88
N GLN B 367 -3.34 -1.73 -13.08
CA GLN B 367 -3.01 -1.79 -11.66
C GLN B 367 -1.64 -2.41 -11.42
N ARG B 368 -1.08 -3.04 -12.48
CA ARG B 368 0.22 -3.67 -12.40
C ARG B 368 1.24 -2.90 -13.24
N LEU B 369 0.92 -1.64 -13.56
CA LEU B 369 1.81 -0.81 -14.34
C LEU B 369 3.12 -0.63 -13.59
N ASP B 370 3.02 -0.49 -12.27
CA ASP B 370 4.18 -0.28 -11.43
C ASP B 370 5.14 -1.48 -11.48
N ALA B 371 4.61 -2.71 -11.46
CA ALA B 371 5.49 -3.87 -11.48
C ALA B 371 6.14 -4.03 -12.86
N ALA B 372 5.51 -3.45 -13.89
CA ALA B 372 6.07 -3.47 -15.24
C ALA B 372 7.24 -2.50 -15.33
N ARG B 373 7.10 -1.34 -14.68
CA ARG B 373 8.15 -0.35 -14.59
C ARG B 373 9.35 -0.95 -13.89
N LYS B 374 9.09 -1.70 -12.81
CA LYS B 374 10.15 -2.36 -12.08
C LYS B 374 10.90 -3.36 -12.96
N LYS B 375 10.16 -4.17 -13.73
CA LYS B 375 10.75 -5.16 -14.61
C LYS B 375 11.62 -4.45 -15.66
N ALA B 376 11.10 -3.39 -16.28
CA ALA B 376 11.88 -2.66 -17.26
C ALA B 376 13.24 -2.23 -16.67
N ALA B 377 13.23 -1.65 -15.47
CA ALA B 377 14.45 -1.11 -14.86
C ALA B 377 15.43 -2.24 -14.57
N ILE B 378 14.90 -3.39 -14.14
CA ILE B 378 15.76 -4.52 -13.77
C ILE B 378 16.44 -5.09 -15.02
N TYR B 379 15.83 -4.91 -16.20
CA TYR B 379 16.35 -5.46 -17.45
C TYR B 379 17.00 -4.38 -18.31
N GLY B 380 17.15 -3.17 -17.75
CA GLY B 380 17.96 -2.12 -18.36
C GLY B 380 17.17 -1.30 -19.38
N TYR B 381 15.88 -1.12 -19.13
CA TYR B 381 15.02 -0.44 -20.09
C TYR B 381 14.28 0.67 -19.36
N ASP B 382 13.72 1.58 -20.17
CA ASP B 382 12.86 2.66 -19.73
C ASP B 382 11.41 2.18 -19.70
N GLY B 383 10.56 2.96 -19.01
CA GLY B 383 9.11 2.81 -19.13
C GLY B 383 8.60 1.55 -18.45
N ALA B 384 7.60 0.92 -19.10
CA ALA B 384 6.92 -0.24 -18.54
C ALA B 384 7.17 -1.44 -19.46
N MET B 385 7.68 -2.51 -18.86
CA MET B 385 7.89 -3.75 -19.58
C MET B 385 7.00 -4.81 -18.93
N PHE B 386 5.90 -5.15 -19.59
CA PHE B 386 4.97 -6.10 -19.00
C PHE B 386 5.55 -7.50 -19.04
N PRO B 387 5.26 -8.30 -18.01
CA PRO B 387 5.79 -9.66 -17.92
C PRO B 387 5.11 -10.59 -18.93
N TRP B 388 5.84 -11.61 -19.36
CA TRP B 388 5.30 -12.64 -20.23
C TRP B 388 4.16 -13.37 -19.51
N GLU B 389 4.37 -13.68 -18.23
CA GLU B 389 3.37 -14.33 -17.41
C GLU B 389 3.18 -13.50 -16.14
N SER B 390 1.89 -13.22 -15.84
CA SER B 390 1.52 -12.29 -14.78
C SER B 390 0.61 -13.01 -13.80
N ALA B 391 0.62 -12.57 -12.53
CA ALA B 391 -0.26 -13.17 -11.53
C ALA B 391 -0.73 -12.12 -10.52
N ASP B 392 -0.49 -12.30 -9.22
CA ASP B 392 -0.94 -11.34 -8.21
C ASP B 392 -0.23 -9.99 -8.37
N SER B 393 1.12 -9.97 -8.34
CA SER B 393 1.88 -8.73 -8.17
C SER B 393 1.99 -7.93 -9.48
N GLY B 394 2.03 -8.59 -10.64
CA GLY B 394 2.31 -7.88 -11.87
C GLY B 394 3.77 -8.08 -12.30
N ALA B 395 4.54 -8.75 -11.43
CA ALA B 395 5.92 -9.10 -11.74
C ALA B 395 5.94 -10.31 -12.65
N GLU B 396 7.11 -10.59 -13.22
CA GLU B 396 7.31 -11.75 -14.05
C GLU B 396 7.12 -13.02 -13.24
N GLU B 397 6.35 -13.96 -13.82
CA GLU B 397 6.05 -15.23 -13.17
C GLU B 397 6.33 -16.42 -14.10
N THR B 398 6.93 -16.20 -15.27
CA THR B 398 7.27 -17.30 -16.16
C THR B 398 8.26 -18.22 -15.46
N PRO B 399 8.08 -19.56 -15.48
CA PRO B 399 9.08 -20.44 -14.87
C PRO B 399 10.48 -20.16 -15.41
N VAL B 400 11.49 -20.30 -14.56
CA VAL B 400 12.83 -19.82 -14.94
C VAL B 400 13.43 -20.70 -16.04
N ASN B 401 12.98 -21.96 -16.16
CA ASN B 401 13.45 -22.89 -17.18
C ASN B 401 12.94 -22.53 -18.57
N ALA B 402 11.95 -21.64 -18.70
CA ALA B 402 11.42 -21.23 -20.00
C ALA B 402 11.97 -19.85 -20.39
N LEU B 403 12.60 -19.74 -21.56
CA LEU B 403 13.29 -18.51 -21.91
C LEU B 403 12.34 -17.40 -22.35
N THR B 404 11.05 -17.71 -22.53
CA THR B 404 10.02 -16.72 -22.83
C THR B 404 10.00 -15.60 -21.79
N GLY B 405 10.23 -15.99 -20.52
CA GLY B 405 10.21 -15.07 -19.40
C GLY B 405 11.06 -13.83 -19.66
N ALA B 406 12.32 -14.08 -19.99
CA ALA B 406 13.31 -13.04 -20.22
C ALA B 406 13.17 -12.42 -21.61
N PHE B 407 12.73 -13.21 -22.63
CA PHE B 407 12.99 -12.86 -24.01
C PHE B 407 11.76 -12.64 -24.89
N GLU B 408 10.55 -13.07 -24.50
CA GLU B 408 9.38 -12.85 -25.36
C GLU B 408 8.75 -11.52 -25.00
N HIS B 409 9.05 -10.48 -25.79
CA HIS B 409 8.79 -9.10 -25.39
C HIS B 409 7.52 -8.48 -25.98
N HIS B 410 6.86 -9.15 -26.94
CA HIS B 410 5.72 -8.53 -27.63
C HIS B 410 4.55 -8.23 -26.68
N VAL B 411 4.53 -8.89 -25.50
CA VAL B 411 3.46 -8.73 -24.54
C VAL B 411 3.25 -7.26 -24.15
N THR B 412 4.34 -6.47 -24.08
CA THR B 412 4.23 -5.07 -23.76
C THR B 412 3.40 -4.36 -24.83
N GLY B 413 3.69 -4.62 -26.12
CA GLY B 413 2.93 -4.05 -27.21
C GLY B 413 1.48 -4.57 -27.23
N ASP B 414 1.28 -5.83 -26.84
CA ASP B 414 -0.07 -6.41 -26.80
C ASP B 414 -0.95 -5.66 -25.80
N VAL B 415 -0.37 -5.32 -24.64
CA VAL B 415 -1.11 -4.59 -23.63
C VAL B 415 -1.45 -3.20 -24.17
N ALA B 416 -0.53 -2.56 -24.89
CA ALA B 416 -0.80 -1.22 -25.41
C ALA B 416 -1.88 -1.25 -26.48
N ILE B 417 -1.89 -2.31 -27.30
CA ILE B 417 -2.86 -2.43 -28.38
C ILE B 417 -4.25 -2.55 -27.76
N ALA B 418 -4.38 -3.44 -26.77
CA ALA B 418 -5.62 -3.62 -26.03
C ALA B 418 -6.11 -2.27 -25.49
N ALA B 419 -5.19 -1.49 -24.91
CA ALA B 419 -5.56 -0.25 -24.25
C ALA B 419 -6.11 0.76 -25.27
N TRP B 420 -5.44 0.89 -26.41
CA TRP B 420 -5.91 1.78 -27.46
C TRP B 420 -7.24 1.29 -28.03
N GLN B 421 -7.35 -0.03 -28.25
CA GLN B 421 -8.60 -0.60 -28.76
C GLN B 421 -9.76 -0.23 -27.84
N TYR B 422 -9.55 -0.40 -26.53
CA TYR B 422 -10.58 -0.10 -25.56
C TYR B 422 -11.11 1.32 -25.80
N TYR B 423 -10.18 2.26 -26.01
CA TYR B 423 -10.57 3.65 -26.20
C TYR B 423 -11.32 3.79 -27.52
N LEU B 424 -10.80 3.20 -28.59
CA LEU B 424 -11.43 3.29 -29.90
C LEU B 424 -12.90 2.89 -29.81
N VAL B 425 -13.18 1.78 -29.11
CA VAL B 425 -14.51 1.19 -29.08
C VAL B 425 -15.44 1.99 -28.18
N THR B 426 -14.97 2.43 -26.99
CA THR B 426 -15.82 3.12 -26.03
C THR B 426 -15.85 4.64 -26.25
N GLY B 427 -14.75 5.22 -26.74
CA GLY B 427 -14.66 6.67 -26.86
C GLY B 427 -14.51 7.37 -25.50
N ASP B 428 -14.15 6.61 -24.46
CA ASP B 428 -14.05 7.15 -23.11
C ASP B 428 -12.72 7.89 -22.92
N LYS B 429 -12.75 9.21 -23.16
CA LYS B 429 -11.55 10.04 -23.09
C LYS B 429 -11.10 10.26 -21.65
N GLU B 430 -12.02 10.21 -20.69
CA GLU B 430 -11.67 10.27 -19.28
C GLU B 430 -10.80 9.05 -18.92
N TRP B 431 -11.19 7.87 -19.39
CA TRP B 431 -10.41 6.67 -19.13
C TRP B 431 -9.06 6.73 -19.87
N LEU B 432 -9.05 7.36 -21.06
CA LEU B 432 -7.83 7.47 -21.84
C LEU B 432 -6.80 8.27 -21.02
N LYS B 433 -7.25 9.37 -20.42
CA LYS B 433 -6.38 10.24 -19.65
C LYS B 433 -5.94 9.54 -18.35
N GLU B 434 -6.85 8.82 -17.70
CA GLU B 434 -6.56 8.29 -16.38
C GLU B 434 -5.78 6.97 -16.47
N LYS B 435 -6.02 6.16 -17.51
CA LYS B 435 -5.53 4.79 -17.52
C LYS B 435 -4.84 4.42 -18.83
N GLY B 436 -5.46 4.77 -19.96
CA GLY B 436 -4.93 4.42 -21.26
C GLY B 436 -3.56 5.04 -21.52
N TRP B 437 -3.49 6.36 -21.26
CA TRP B 437 -2.30 7.14 -21.54
C TRP B 437 -1.14 6.69 -20.65
N PRO B 438 -1.32 6.53 -19.31
CA PRO B 438 -0.26 5.93 -18.49
C PRO B 438 0.34 4.69 -19.13
N ILE B 439 -0.54 3.77 -19.56
CA ILE B 439 -0.08 2.53 -20.16
C ILE B 439 0.64 2.82 -21.46
N LEU B 440 0.05 3.66 -22.32
CA LEU B 440 0.55 3.83 -23.67
C LEU B 440 1.90 4.54 -23.62
N LYS B 441 2.02 5.50 -22.70
CA LYS B 441 3.21 6.32 -22.57
C LYS B 441 4.38 5.45 -22.10
N ALA B 442 4.17 4.72 -21.00
CA ALA B 442 5.22 3.89 -20.42
C ALA B 442 5.66 2.84 -21.43
N THR B 443 4.69 2.18 -22.10
CA THR B 443 5.02 1.09 -23.02
C THR B 443 5.75 1.64 -24.25
N ALA B 444 5.39 2.84 -24.70
CA ALA B 444 6.08 3.47 -25.82
C ALA B 444 7.51 3.80 -25.40
N GLU B 445 7.68 4.27 -24.15
CA GLU B 445 9.00 4.56 -23.62
C GLU B 445 9.86 3.30 -23.58
N PHE B 446 9.23 2.16 -23.27
CA PHE B 446 9.93 0.87 -23.31
C PHE B 446 10.46 0.64 -24.73
N TRP B 447 9.61 0.74 -25.75
CA TRP B 447 10.02 0.38 -27.09
C TRP B 447 11.10 1.32 -27.60
N ALA B 448 10.97 2.60 -27.27
CA ALA B 448 11.97 3.58 -27.63
C ALA B 448 13.36 3.22 -27.07
N SER B 449 13.37 2.57 -25.90
CA SER B 449 14.59 2.15 -25.23
C SER B 449 15.00 0.74 -25.66
N ARG B 450 14.09 -0.01 -26.30
CA ARG B 450 14.29 -1.41 -26.68
C ARG B 450 14.94 -1.53 -28.07
N VAL B 451 14.61 -0.62 -29.00
CA VAL B 451 15.10 -0.71 -30.37
C VAL B 451 16.58 -0.32 -30.41
N GLU B 452 17.28 -0.70 -31.50
CA GLU B 452 18.59 -0.20 -31.86
C GLU B 452 18.60 0.33 -33.28
N LYS B 453 19.19 1.51 -33.49
CA LYS B 453 19.29 2.09 -34.82
C LYS B 453 20.53 1.51 -35.51
N ASN B 454 20.40 1.18 -36.80
CA ASN B 454 21.52 0.62 -37.56
C ASN B 454 22.00 1.68 -38.55
N ASP B 455 22.95 1.29 -39.41
CA ASP B 455 23.68 2.24 -40.24
C ASP B 455 22.84 2.80 -41.37
N LYS B 456 21.69 2.20 -41.66
CA LYS B 456 20.82 2.70 -42.71
C LYS B 456 19.66 3.52 -42.14
N GLY B 457 19.66 3.74 -40.82
CA GLY B 457 18.63 4.54 -40.17
C GLY B 457 17.35 3.75 -39.95
N GLU B 458 17.44 2.42 -39.97
CA GLU B 458 16.32 1.56 -39.65
C GLU B 458 16.46 1.17 -38.18
N TYR B 459 15.36 0.73 -37.57
CA TYR B 459 15.37 0.33 -36.17
C TYR B 459 15.13 -1.17 -36.08
N GLU B 460 15.96 -1.84 -35.27
CA GLU B 460 15.89 -3.28 -35.11
C GLU B 460 15.53 -3.60 -33.66
N ILE B 461 14.85 -4.74 -33.48
CA ILE B 461 14.62 -5.32 -32.18
C ILE B 461 15.28 -6.69 -32.18
N LYS B 462 16.39 -6.83 -31.44
CA LYS B 462 17.24 -8.02 -31.52
C LYS B 462 17.09 -8.89 -30.28
N ASN B 463 17.33 -10.19 -30.45
CA ASN B 463 17.38 -11.17 -29.37
C ASN B 463 16.03 -11.22 -28.63
N VAL B 464 15.01 -11.76 -29.32
CA VAL B 464 13.72 -12.08 -28.73
C VAL B 464 13.41 -13.55 -28.95
N VAL B 465 12.42 -14.03 -28.20
CA VAL B 465 11.63 -15.19 -28.57
C VAL B 465 10.41 -14.65 -29.30
N ALA B 466 10.09 -15.28 -30.45
CA ALA B 466 9.05 -14.81 -31.34
C ALA B 466 7.71 -15.34 -30.82
N ALA B 467 6.61 -14.72 -31.30
CA ALA B 467 5.28 -15.26 -31.12
C ALA B 467 5.28 -16.74 -31.52
N ASP B 468 5.98 -17.08 -32.62
CA ASP B 468 6.38 -18.46 -32.88
C ASP B 468 7.46 -18.85 -31.88
N GLU B 469 7.03 -19.37 -30.72
CA GLU B 469 7.94 -19.57 -29.60
C GLU B 469 9.03 -20.60 -29.88
N TRP B 470 8.92 -21.35 -30.99
CA TRP B 470 9.97 -22.29 -31.37
C TRP B 470 11.21 -21.56 -31.88
N ALA B 471 11.04 -20.30 -32.30
CA ALA B 471 12.14 -19.43 -32.69
C ALA B 471 12.66 -18.63 -31.48
N GLU B 472 13.78 -19.07 -30.90
CA GLU B 472 14.32 -18.49 -29.68
C GLU B 472 15.63 -17.72 -29.95
N ASN B 473 15.74 -16.53 -29.33
CA ASN B 473 16.94 -15.72 -29.38
C ASN B 473 17.24 -15.36 -30.83
N ILE B 474 16.26 -14.79 -31.52
CA ILE B 474 16.41 -14.39 -32.92
C ILE B 474 16.13 -12.89 -33.03
N ASP B 475 16.34 -12.31 -34.22
CA ASP B 475 16.28 -10.86 -34.38
C ASP B 475 15.14 -10.50 -35.32
N ASN B 476 14.46 -9.37 -35.02
CA ASN B 476 13.46 -8.74 -35.88
C ASN B 476 12.31 -9.69 -36.20
N ASN B 477 11.75 -10.30 -35.15
CA ASN B 477 10.52 -11.06 -35.24
C ASN B 477 9.42 -10.17 -35.81
N ALA B 478 8.73 -10.66 -36.87
CA ALA B 478 7.71 -9.89 -37.55
C ALA B 478 6.62 -9.45 -36.56
N TYR B 479 6.10 -10.37 -35.75
CA TYR B 479 4.99 -10.03 -34.87
C TYR B 479 5.47 -8.99 -33.86
N THR B 480 6.57 -9.28 -33.16
CA THR B 480 7.09 -8.40 -32.13
C THR B 480 7.29 -7.01 -32.73
N ASN B 481 7.97 -6.93 -33.87
CA ASN B 481 8.25 -5.64 -34.49
C ASN B 481 6.95 -4.94 -34.88
N GLY B 482 5.95 -5.73 -35.30
CA GLY B 482 4.62 -5.19 -35.56
C GLY B 482 3.99 -4.54 -34.32
N THR B 483 4.09 -5.21 -33.16
CA THR B 483 3.48 -4.69 -31.93
C THR B 483 4.19 -3.41 -31.51
N ALA B 484 5.50 -3.32 -31.74
CA ALA B 484 6.26 -2.13 -31.35
C ALA B 484 5.82 -0.95 -32.20
N ILE B 485 5.65 -1.17 -33.52
CA ILE B 485 5.15 -0.12 -34.40
C ILE B 485 3.81 0.38 -33.87
N ARG B 486 2.84 -0.54 -33.68
CA ARG B 486 1.51 -0.15 -33.23
C ARG B 486 1.61 0.57 -31.88
N ASN B 487 2.38 0.02 -30.93
CA ASN B 487 2.46 0.58 -29.58
C ASN B 487 2.88 2.05 -29.66
N LEU B 488 3.85 2.34 -30.53
CA LEU B 488 4.42 3.68 -30.69
C LEU B 488 3.44 4.60 -31.40
N GLN B 489 2.77 4.10 -32.44
CA GLN B 489 1.83 4.91 -33.20
C GLN B 489 0.65 5.28 -32.32
N TYR B 490 0.13 4.29 -31.58
CA TYR B 490 -1.07 4.47 -30.77
C TYR B 490 -0.78 5.44 -29.63
N ALA B 491 0.41 5.34 -29.03
CA ALA B 491 0.80 6.25 -27.96
C ALA B 491 0.87 7.69 -28.49
N SER B 492 1.33 7.86 -29.73
CA SER B 492 1.41 9.19 -30.34
C SER B 492 0.01 9.75 -30.62
N LYS B 493 -0.89 8.89 -31.13
CA LYS B 493 -2.25 9.30 -31.42
C LYS B 493 -2.94 9.69 -30.12
N CYS B 494 -2.74 8.86 -29.08
CA CYS B 494 -3.31 9.09 -27.76
C CYS B 494 -2.88 10.45 -27.22
N ALA B 495 -1.60 10.80 -27.41
CA ALA B 495 -1.07 12.09 -26.97
C ALA B 495 -1.85 13.23 -27.64
N THR B 496 -2.04 13.14 -28.97
CA THR B 496 -2.76 14.15 -29.73
C THR B 496 -4.19 14.30 -29.21
N VAL B 497 -4.87 13.18 -28.93
CA VAL B 497 -6.24 13.22 -28.43
C VAL B 497 -6.29 14.02 -27.13
N LEU B 498 -5.28 13.87 -26.26
CA LEU B 498 -5.28 14.49 -24.95
C LEU B 498 -4.59 15.86 -24.99
N GLY B 499 -4.08 16.27 -26.15
CA GLY B 499 -3.43 17.58 -26.30
C GLY B 499 -2.07 17.65 -25.62
N VAL B 500 -1.39 16.50 -25.46
CA VAL B 500 -0.09 16.43 -24.83
C VAL B 500 0.98 16.24 -25.92
N ILE B 501 2.17 16.79 -25.69
CA ILE B 501 3.27 16.60 -26.63
C ILE B 501 3.93 15.25 -26.34
N ALA B 502 4.11 14.47 -27.41
CA ALA B 502 4.71 13.14 -27.31
C ALA B 502 6.11 13.22 -27.92
N PRO B 503 7.12 12.48 -27.40
CA PRO B 503 8.41 12.42 -28.06
C PRO B 503 8.27 12.14 -29.56
N LYS B 504 8.85 12.99 -30.40
CA LYS B 504 8.76 12.83 -31.84
C LYS B 504 9.53 11.58 -32.29
N GLU B 505 10.42 11.08 -31.42
CA GLU B 505 11.15 9.84 -31.64
C GLU B 505 10.19 8.68 -31.91
N TRP B 506 9.02 8.68 -31.26
CA TRP B 506 8.12 7.55 -31.33
C TRP B 506 7.71 7.30 -32.78
N THR B 507 7.30 8.35 -33.49
CA THR B 507 6.91 8.27 -34.89
C THR B 507 8.09 7.89 -35.76
N LEU B 508 9.23 8.58 -35.58
CA LEU B 508 10.41 8.30 -36.39
C LEU B 508 10.78 6.82 -36.28
N ILE B 509 10.76 6.29 -35.05
CA ILE B 509 11.08 4.89 -34.83
C ILE B 509 10.05 3.99 -35.52
N ALA B 510 8.76 4.23 -35.23
CA ALA B 510 7.66 3.43 -35.77
C ALA B 510 7.80 3.25 -37.28
N ASP B 511 8.07 4.36 -37.98
CA ASP B 511 8.13 4.39 -39.45
C ASP B 511 9.30 3.58 -40.00
N LYS B 512 10.31 3.29 -39.18
CA LYS B 512 11.55 2.68 -39.66
C LYS B 512 11.85 1.35 -38.98
N ILE B 513 10.93 0.80 -38.17
CA ILE B 513 11.13 -0.53 -37.63
C ILE B 513 11.05 -1.54 -38.79
N LEU B 514 11.97 -2.52 -38.79
CA LEU B 514 12.16 -3.40 -39.94
C LEU B 514 11.10 -4.50 -39.99
N ILE B 515 10.46 -4.60 -41.17
CA ILE B 515 9.67 -5.77 -41.54
C ILE B 515 10.12 -6.19 -42.94
N SER B 516 10.71 -7.40 -43.08
CA SER B 516 11.38 -7.83 -44.29
C SER B 516 10.57 -8.90 -45.02
N LYS B 517 10.83 -9.06 -46.33
CA LYS B 517 10.29 -10.18 -47.10
C LYS B 517 11.41 -11.05 -47.64
N MET B 518 11.14 -12.36 -47.78
CA MET B 518 12.07 -13.26 -48.44
C MET B 518 11.94 -13.04 -49.96
N SER B 519 12.77 -13.73 -50.76
CA SER B 519 12.81 -13.47 -52.20
C SER B 519 11.48 -13.84 -52.85
N ASN B 520 10.78 -14.84 -52.29
CA ASN B 520 9.48 -15.26 -52.78
C ASN B 520 8.36 -14.26 -52.43
N GLY B 521 8.70 -13.15 -51.75
CA GLY B 521 7.74 -12.08 -51.50
C GLY B 521 6.96 -12.31 -50.21
N VAL B 522 7.27 -13.39 -49.49
CA VAL B 522 6.57 -13.73 -48.25
C VAL B 522 7.26 -12.99 -47.11
N THR B 523 6.45 -12.47 -46.17
CA THR B 523 6.94 -11.86 -44.95
C THR B 523 7.85 -12.84 -44.22
N ARG B 524 9.07 -12.40 -43.91
CA ARG B 524 9.99 -13.23 -43.15
C ARG B 524 9.65 -13.17 -41.66
N GLU B 525 9.57 -14.35 -41.03
CA GLU B 525 9.16 -14.42 -39.63
C GLU B 525 10.21 -13.75 -38.74
N HIS B 526 11.48 -13.98 -39.06
CA HIS B 526 12.60 -13.37 -38.35
C HIS B 526 13.86 -13.47 -39.21
N ASP B 527 14.97 -12.91 -38.71
CA ASP B 527 16.18 -12.75 -39.51
C ASP B 527 16.83 -14.10 -39.82
N SER B 528 16.60 -15.11 -38.97
CA SER B 528 17.13 -16.45 -39.18
C SER B 528 16.14 -17.36 -39.91
N TYR B 529 15.07 -16.81 -40.50
CA TYR B 529 13.97 -17.66 -40.94
C TYR B 529 14.10 -17.91 -42.45
N THR B 530 14.00 -19.20 -42.82
CA THR B 530 13.88 -19.65 -44.20
C THR B 530 12.58 -20.45 -44.39
N ASP B 531 12.53 -21.69 -43.85
CA ASP B 531 11.42 -22.62 -44.11
C ASP B 531 11.11 -23.51 -42.89
N GLN B 532 11.49 -23.06 -41.68
CA GLN B 532 11.29 -23.84 -40.46
C GLN B 532 9.78 -23.99 -40.24
N ASN B 533 9.40 -25.14 -39.65
CA ASN B 533 8.11 -25.27 -39.01
C ASN B 533 8.00 -24.24 -37.89
N ILE B 534 6.77 -23.77 -37.65
CA ILE B 534 6.47 -22.73 -36.67
C ILE B 534 5.37 -23.24 -35.73
N LYS B 535 5.39 -22.72 -34.49
CA LYS B 535 4.50 -23.20 -33.44
C LYS B 535 3.08 -22.72 -33.71
N GLN B 536 2.95 -21.51 -34.28
CA GLN B 536 1.67 -20.83 -34.32
C GLN B 536 1.82 -19.58 -35.20
N ALA B 537 0.70 -18.88 -35.44
CA ALA B 537 0.68 -17.71 -36.29
C ALA B 537 1.59 -16.62 -35.72
N ASP B 538 2.29 -15.95 -36.62
CA ASP B 538 3.24 -14.90 -36.28
C ASP B 538 3.17 -13.84 -37.39
N ALA B 539 3.79 -14.11 -38.53
CA ALA B 539 3.78 -13.21 -39.68
C ALA B 539 2.35 -12.90 -40.12
N ASN B 540 1.48 -13.93 -40.05
CA ASN B 540 0.08 -13.80 -40.42
C ASN B 540 -0.64 -12.80 -39.52
N LEU B 541 -0.17 -12.62 -38.28
CA LEU B 541 -0.77 -11.69 -37.33
C LEU B 541 -0.59 -10.23 -37.78
N LEU B 542 0.32 -9.94 -38.72
CA LEU B 542 0.52 -8.57 -39.21
C LEU B 542 -0.69 -8.14 -40.05
N ALA B 543 -1.37 -9.13 -40.64
CA ALA B 543 -2.59 -8.91 -41.41
C ALA B 543 -3.76 -8.68 -40.46
N TYR B 544 -4.02 -9.64 -39.57
CA TYR B 544 -5.00 -9.45 -38.50
C TYR B 544 -4.41 -10.10 -37.24
N PRO B 545 -4.42 -9.42 -36.06
CA PRO B 545 -5.12 -8.15 -35.84
C PRO B 545 -4.44 -6.80 -36.14
N LEU B 546 -3.13 -6.81 -36.44
CA LEU B 546 -2.39 -5.56 -36.48
C LEU B 546 -2.77 -4.71 -37.69
N LYS B 547 -3.14 -5.34 -38.82
CA LYS B 547 -3.56 -4.64 -40.02
C LYS B 547 -2.46 -3.74 -40.57
N LEU B 548 -1.21 -4.20 -40.37
CA LEU B 548 -0.06 -3.57 -40.98
C LEU B 548 0.03 -3.99 -42.45
N ILE B 549 -0.32 -5.25 -42.74
CA ILE B 549 -0.43 -5.74 -44.11
C ILE B 549 -1.90 -5.75 -44.52
N THR B 550 -2.28 -4.87 -45.45
CA THR B 550 -3.65 -4.78 -45.96
C THR B 550 -3.72 -5.18 -47.44
N ASP B 551 -2.56 -5.23 -48.13
CA ASP B 551 -2.51 -5.69 -49.51
C ASP B 551 -2.97 -7.15 -49.61
N LYS B 552 -4.00 -7.40 -50.42
CA LYS B 552 -4.67 -8.69 -50.40
C LYS B 552 -3.76 -9.80 -50.93
N GLU B 553 -2.95 -9.50 -51.96
CA GLU B 553 -2.04 -10.49 -52.54
C GLU B 553 -0.96 -10.88 -51.53
N GLN B 554 -0.50 -9.90 -50.74
CA GLN B 554 0.47 -10.14 -49.68
C GLN B 554 -0.13 -11.00 -48.58
N ILE B 555 -1.37 -10.72 -48.17
CA ILE B 555 -2.04 -11.55 -47.16
C ILE B 555 -2.05 -13.00 -47.64
N GLU B 556 -2.45 -13.17 -48.91
CA GLU B 556 -2.62 -14.47 -49.53
C GLU B 556 -1.29 -15.23 -49.57
N ARG B 557 -0.21 -14.55 -50.00
CA ARG B 557 1.09 -15.20 -50.12
C ARG B 557 1.59 -15.67 -48.76
N ASP B 558 1.39 -14.84 -47.71
CA ASP B 558 1.81 -15.18 -46.37
C ASP B 558 1.00 -16.37 -45.88
N LEU B 559 -0.32 -16.34 -46.14
CA LEU B 559 -1.19 -17.46 -45.81
C LEU B 559 -0.71 -18.74 -46.50
N LYS B 560 -0.50 -18.67 -47.81
CA LYS B 560 -0.09 -19.84 -48.57
C LYS B 560 1.18 -20.43 -47.95
N TYR B 561 2.14 -19.56 -47.59
CA TYR B 561 3.48 -20.02 -47.23
C TYR B 561 3.50 -20.63 -45.84
N TYR B 562 2.82 -19.99 -44.87
CA TYR B 562 2.96 -20.33 -43.46
C TYR B 562 1.87 -21.32 -43.00
N GLN B 563 0.72 -21.40 -43.70
CA GLN B 563 -0.35 -22.28 -43.23
C GLN B 563 0.12 -23.73 -43.15
N THR B 564 1.08 -24.12 -44.00
CA THR B 564 1.65 -25.46 -44.06
C THR B 564 2.73 -25.67 -43.00
N LYS B 565 3.14 -24.61 -42.28
CA LYS B 565 4.33 -24.66 -41.44
C LYS B 565 3.99 -25.09 -40.01
N ILE B 566 2.70 -25.22 -39.67
CA ILE B 566 2.29 -25.60 -38.32
C ILE B 566 2.07 -27.11 -38.27
N PRO B 567 2.89 -27.89 -37.53
CA PRO B 567 2.61 -29.31 -37.34
C PRO B 567 1.27 -29.62 -36.67
N GLN B 568 0.81 -30.84 -36.89
CA GLN B 568 -0.45 -31.29 -36.32
C GLN B 568 -0.29 -31.41 -34.80
N SER B 569 0.88 -31.85 -34.31
CA SER B 569 1.04 -32.14 -32.90
C SER B 569 1.62 -30.95 -32.12
N ASP B 570 1.12 -30.79 -30.89
CA ASP B 570 1.70 -29.91 -29.88
C ASP B 570 1.78 -28.47 -30.37
N THR B 571 0.78 -28.06 -31.14
CA THR B 571 0.67 -26.68 -31.59
C THR B 571 -0.62 -26.09 -31.03
N PRO B 572 -0.57 -24.93 -30.34
CA PRO B 572 -1.71 -24.45 -29.58
C PRO B 572 -2.75 -23.85 -30.53
N ALA B 573 -3.96 -23.66 -30.01
CA ALA B 573 -5.08 -23.18 -30.81
C ALA B 573 -5.03 -21.66 -30.93
N MET B 574 -3.97 -21.14 -31.57
CA MET B 574 -3.75 -19.71 -31.70
C MET B 574 -3.22 -19.42 -33.11
N THR B 575 -3.86 -20.05 -34.10
CA THR B 575 -3.36 -20.09 -35.46
C THR B 575 -4.54 -20.12 -36.41
N GLN B 576 -5.24 -21.26 -36.42
CA GLN B 576 -6.16 -21.58 -37.51
C GLN B 576 -7.32 -20.59 -37.53
N ALA B 577 -7.64 -20.03 -36.36
CA ALA B 577 -8.74 -19.08 -36.24
C ALA B 577 -8.42 -17.83 -37.04
N ILE B 578 -7.12 -17.47 -37.05
CA ILE B 578 -6.65 -16.31 -37.80
C ILE B 578 -6.69 -16.63 -39.30
N PHE B 579 -6.27 -17.85 -39.65
CA PHE B 579 -6.34 -18.28 -41.05
C PHE B 579 -7.78 -18.12 -41.54
N SER B 580 -8.73 -18.58 -40.71
CA SER B 580 -10.14 -18.53 -41.04
C SER B 580 -10.57 -17.08 -41.30
N LEU B 581 -10.23 -16.19 -40.37
CA LEU B 581 -10.63 -14.80 -40.42
C LEU B 581 -10.10 -14.15 -41.70
N LEU B 582 -8.84 -14.45 -42.02
CA LEU B 582 -8.19 -13.85 -43.17
C LEU B 582 -8.78 -14.37 -44.50
N TYR B 583 -9.13 -15.66 -44.57
CA TYR B 583 -9.82 -16.18 -45.75
C TYR B 583 -11.24 -15.61 -45.84
N SER B 584 -11.91 -15.37 -44.70
CA SER B 584 -13.21 -14.71 -44.71
C SER B 584 -13.08 -13.31 -45.30
N ARG B 585 -12.05 -12.57 -44.87
CA ARG B 585 -11.78 -11.23 -45.35
C ARG B 585 -11.50 -11.22 -46.85
N LEU B 586 -10.92 -12.31 -47.37
CA LEU B 586 -10.61 -12.45 -48.78
C LEU B 586 -11.83 -12.96 -49.56
N GLU B 587 -12.85 -13.46 -48.84
CA GLU B 587 -14.12 -13.86 -49.41
C GLU B 587 -14.04 -15.28 -49.96
N ASP B 588 -13.29 -16.13 -49.26
CA ASP B 588 -13.11 -17.52 -49.63
C ASP B 588 -13.80 -18.41 -48.59
N SER B 589 -15.07 -18.75 -48.85
CA SER B 589 -15.91 -19.44 -47.88
C SER B 589 -15.33 -20.81 -47.52
N ASP B 590 -14.90 -21.57 -48.53
CA ASP B 590 -14.48 -22.96 -48.32
C ASP B 590 -13.22 -23.02 -47.48
N GLN B 591 -12.32 -22.06 -47.74
CA GLN B 591 -11.08 -21.98 -46.97
C GLN B 591 -11.41 -21.51 -45.56
N ALA B 592 -12.20 -20.43 -45.46
CA ALA B 592 -12.58 -19.87 -44.18
C ALA B 592 -13.17 -20.95 -43.27
N TYR B 593 -14.07 -21.76 -43.84
CA TYR B 593 -14.80 -22.76 -43.06
C TYR B 593 -13.88 -23.93 -42.70
N HIS B 594 -12.97 -24.32 -43.61
CA HIS B 594 -12.03 -25.39 -43.31
C HIS B 594 -11.22 -25.06 -42.06
N TRP B 595 -10.73 -23.81 -41.99
CA TRP B 595 -9.83 -23.38 -40.93
C TRP B 595 -10.58 -23.10 -39.62
N PHE B 596 -11.80 -22.56 -39.74
CA PHE B 596 -12.69 -22.41 -38.59
C PHE B 596 -12.82 -23.74 -37.84
N LYS B 597 -13.26 -24.81 -38.53
CA LYS B 597 -13.43 -26.12 -37.94
C LYS B 597 -12.10 -26.70 -37.43
N ASP B 598 -11.02 -26.44 -38.18
CA ASP B 598 -9.74 -27.05 -37.84
C ASP B 598 -9.20 -26.43 -36.55
N ALA B 599 -9.65 -25.22 -36.21
CA ALA B 599 -9.12 -24.49 -35.08
C ALA B 599 -9.49 -25.10 -33.71
N TYR B 600 -10.60 -25.84 -33.64
CA TYR B 600 -11.08 -26.35 -32.35
C TYR B 600 -11.63 -27.78 -32.41
N GLN B 601 -12.18 -28.23 -33.55
CA GLN B 601 -12.83 -29.54 -33.62
C GLN B 601 -11.83 -30.66 -33.33
N PRO B 602 -10.57 -30.58 -33.80
CA PRO B 602 -9.57 -31.61 -33.46
C PRO B 602 -9.02 -31.55 -32.03
N ASN B 603 -9.50 -30.57 -31.24
CA ASN B 603 -9.01 -30.30 -29.89
C ASN B 603 -10.05 -30.70 -28.84
N LEU B 604 -11.18 -31.31 -29.24
CA LEU B 604 -12.33 -31.44 -28.35
C LEU B 604 -12.16 -32.65 -27.43
N ASN B 605 -12.82 -32.58 -26.26
CA ASN B 605 -12.79 -33.62 -25.24
C ASN B 605 -14.22 -33.96 -24.83
N PRO B 606 -14.57 -35.26 -24.65
CA PRO B 606 -15.94 -35.65 -24.31
C PRO B 606 -16.21 -35.52 -22.82
N PRO B 607 -17.49 -35.50 -22.35
CA PRO B 607 -18.66 -35.62 -23.22
C PRO B 607 -19.29 -34.30 -23.66
N PHE B 608 -18.65 -33.17 -23.33
CA PHE B 608 -19.25 -31.85 -23.46
C PHE B 608 -18.58 -30.98 -24.51
N ARG B 609 -17.62 -31.55 -25.28
CA ARG B 609 -16.94 -30.84 -26.36
C ARG B 609 -16.23 -29.59 -25.79
N VAL B 610 -15.52 -29.82 -24.68
CA VAL B 610 -14.61 -28.82 -24.16
C VAL B 610 -13.36 -28.83 -25.04
N ILE B 611 -12.67 -27.68 -25.10
CA ILE B 611 -11.54 -27.47 -26.00
C ILE B 611 -10.22 -27.60 -25.23
N SER B 612 -9.34 -28.51 -25.69
CA SER B 612 -7.96 -28.61 -25.22
C SER B 612 -7.06 -27.66 -26.01
N GLU B 613 -5.87 -27.38 -25.45
CA GLU B 613 -4.94 -26.44 -26.05
C GLU B 613 -4.48 -26.84 -27.45
N CYS B 614 -4.17 -28.14 -27.62
CA CYS B 614 -3.60 -28.67 -28.86
C CYS B 614 -4.48 -29.78 -29.44
N LYS B 615 -4.27 -30.11 -30.72
CA LYS B 615 -5.03 -31.19 -31.33
C LYS B 615 -4.82 -32.49 -30.57
N GLY B 616 -5.93 -33.16 -30.21
CA GLY B 616 -5.87 -34.41 -29.47
C GLY B 616 -5.32 -34.21 -28.05
N GLY B 617 -5.28 -32.95 -27.61
CA GLY B 617 -4.85 -32.62 -26.26
C GLY B 617 -5.86 -33.09 -25.20
N THR B 618 -5.43 -33.03 -23.92
CA THR B 618 -6.24 -33.47 -22.80
C THR B 618 -6.08 -32.52 -21.61
N ASN B 619 -6.12 -31.20 -21.88
CA ASN B 619 -5.94 -30.18 -20.86
C ASN B 619 -6.96 -29.06 -21.04
N PRO B 620 -8.28 -29.36 -21.13
CA PRO B 620 -9.30 -28.31 -21.26
C PRO B 620 -9.45 -27.56 -19.94
N TYR B 621 -10.01 -26.33 -19.96
CA TYR B 621 -10.67 -25.70 -21.08
C TYR B 621 -9.81 -24.53 -21.53
N PHE B 622 -9.41 -24.53 -22.80
CA PHE B 622 -8.49 -23.55 -23.34
C PHE B 622 -9.28 -22.38 -23.90
N SER B 623 -9.53 -21.41 -23.01
CA SER B 623 -10.40 -20.27 -23.26
C SER B 623 -9.76 -19.35 -24.30
N THR B 624 -8.41 -19.36 -24.37
CA THR B 624 -7.70 -18.64 -25.42
C THR B 624 -8.22 -19.06 -26.79
N GLY B 625 -8.30 -20.37 -27.01
CA GLY B 625 -8.75 -20.93 -28.28
C GLY B 625 -10.14 -20.45 -28.63
N ALA B 626 -11.03 -20.48 -27.63
CA ALA B 626 -12.39 -20.00 -27.76
C ALA B 626 -12.41 -18.55 -28.23
N GLY B 627 -11.62 -17.69 -27.59
CA GLY B 627 -11.58 -16.29 -27.96
C GLY B 627 -11.15 -16.09 -29.41
N GLY B 628 -10.13 -16.87 -29.81
CA GLY B 628 -9.68 -16.87 -31.18
C GLY B 628 -10.82 -17.18 -32.15
N VAL B 629 -11.42 -18.35 -31.98
CA VAL B 629 -12.48 -18.78 -32.90
C VAL B 629 -13.59 -17.73 -32.92
N LEU B 630 -13.89 -17.13 -31.75
CA LEU B 630 -14.96 -16.14 -31.64
C LEU B 630 -14.66 -14.92 -32.49
N GLN B 631 -13.38 -14.58 -32.66
CA GLN B 631 -13.01 -13.49 -33.56
C GLN B 631 -13.21 -13.93 -35.00
N ALA B 632 -12.86 -15.18 -35.30
CA ALA B 632 -13.08 -15.71 -36.64
C ALA B 632 -14.57 -15.61 -37.00
N VAL B 633 -15.45 -15.79 -36.02
CA VAL B 633 -16.89 -15.71 -36.26
C VAL B 633 -17.31 -14.25 -36.37
N ILE B 634 -16.93 -13.43 -35.39
CA ILE B 634 -17.44 -12.06 -35.31
C ILE B 634 -16.74 -11.18 -36.33
N MET B 635 -15.40 -11.20 -36.33
CA MET B 635 -14.61 -10.32 -37.18
C MET B 635 -14.48 -10.94 -38.57
N GLY B 636 -14.48 -12.28 -38.64
CA GLY B 636 -14.32 -12.98 -39.92
C GLY B 636 -15.64 -13.09 -40.68
N PHE B 637 -16.46 -14.07 -40.30
CA PHE B 637 -17.75 -14.31 -40.95
C PHE B 637 -18.65 -13.08 -40.83
N GLY B 638 -18.63 -12.40 -39.67
CA GLY B 638 -19.46 -11.22 -39.46
C GLY B 638 -18.90 -9.96 -40.12
N GLY B 639 -17.60 -9.98 -40.45
CA GLY B 639 -16.96 -8.84 -41.10
C GLY B 639 -16.75 -7.65 -40.17
N LEU B 640 -16.93 -7.85 -38.86
CA LEU B 640 -16.88 -6.75 -37.91
C LEU B 640 -15.42 -6.41 -37.59
N ASP B 641 -15.14 -5.12 -37.43
CA ASP B 641 -13.77 -4.65 -37.34
C ASP B 641 -13.74 -3.36 -36.50
N ILE B 642 -12.67 -3.21 -35.70
CA ILE B 642 -12.46 -2.01 -34.93
C ILE B 642 -11.86 -0.95 -35.86
N ASP B 643 -12.63 0.10 -36.16
CA ASP B 643 -12.18 1.17 -37.04
C ASP B 643 -11.11 2.00 -36.34
N ALA B 644 -10.02 2.31 -37.06
CA ALA B 644 -8.88 3.04 -36.53
C ALA B 644 -9.25 4.46 -36.09
N ALA B 645 -10.37 4.99 -36.60
CA ALA B 645 -10.83 6.33 -36.29
C ALA B 645 -11.89 6.32 -35.18
N GLY B 646 -12.26 5.14 -34.70
CA GLY B 646 -13.22 5.01 -33.61
C GLY B 646 -14.42 4.14 -33.98
N GLY B 647 -14.94 3.41 -32.98
CA GLY B 647 -16.14 2.60 -33.14
C GLY B 647 -15.92 1.35 -34.01
N ILE B 648 -17.04 0.70 -34.35
CA ILE B 648 -17.06 -0.59 -35.02
C ILE B 648 -17.60 -0.39 -36.44
N LYS B 649 -16.98 -1.07 -37.42
CA LYS B 649 -17.41 -0.99 -38.81
C LYS B 649 -17.50 -2.42 -39.34
N GLN B 650 -17.94 -2.56 -40.60
CA GLN B 650 -18.09 -3.86 -41.22
C GLN B 650 -17.43 -3.85 -42.59
N VAL B 651 -16.61 -4.88 -42.85
CA VAL B 651 -15.91 -5.07 -44.12
C VAL B 651 -16.48 -6.31 -44.81
N LYS B 652 -16.10 -6.53 -46.07
CA LYS B 652 -16.62 -7.66 -46.83
C LYS B 652 -16.30 -8.97 -46.11
N SER B 653 -17.22 -9.94 -46.24
CA SER B 653 -17.07 -11.23 -45.56
C SER B 653 -17.92 -12.29 -46.27
N VAL B 654 -17.70 -13.55 -45.89
CA VAL B 654 -18.49 -14.64 -46.43
C VAL B 654 -18.85 -15.59 -45.29
N LEU B 655 -19.96 -16.31 -45.46
CA LEU B 655 -20.37 -17.32 -44.52
C LEU B 655 -19.97 -18.70 -45.06
N PRO B 656 -19.82 -19.70 -44.18
CA PRO B 656 -19.79 -21.09 -44.63
C PRO B 656 -21.02 -21.34 -45.51
N LYS B 657 -20.86 -22.19 -46.53
CA LYS B 657 -21.93 -22.50 -47.47
C LYS B 657 -23.21 -22.91 -46.75
N ASN B 658 -23.06 -23.78 -45.73
CA ASN B 658 -24.16 -24.42 -45.03
C ASN B 658 -24.79 -23.51 -43.97
N TRP B 659 -24.26 -22.30 -43.76
CA TRP B 659 -24.88 -21.35 -42.85
C TRP B 659 -25.87 -20.46 -43.62
N LYS B 660 -27.14 -20.52 -43.24
CA LYS B 660 -28.18 -19.75 -43.91
C LYS B 660 -28.21 -18.32 -43.35
N LYS B 661 -27.99 -18.17 -42.04
CA LYS B 661 -28.02 -16.85 -41.44
C LYS B 661 -27.07 -16.78 -40.25
N LEU B 662 -26.38 -15.63 -40.11
CA LEU B 662 -25.57 -15.33 -38.95
C LEU B 662 -26.04 -13.99 -38.36
N THR B 663 -26.44 -14.03 -37.08
CA THR B 663 -26.94 -12.86 -36.36
C THR B 663 -26.07 -12.62 -35.13
N ILE B 664 -25.57 -11.38 -35.00
CA ILE B 664 -24.69 -10.98 -33.91
C ILE B 664 -25.27 -9.73 -33.25
N THR B 665 -25.48 -9.80 -31.91
CA THR B 665 -26.25 -8.81 -31.17
C THR B 665 -25.37 -8.18 -30.10
N GLY B 666 -25.73 -6.94 -29.74
CA GLY B 666 -25.11 -6.22 -28.63
C GLY B 666 -23.67 -5.79 -28.92
N ILE B 667 -23.40 -5.36 -30.16
CA ILE B 667 -22.06 -5.00 -30.59
C ILE B 667 -21.84 -3.51 -30.40
N GLY B 668 -20.71 -3.15 -29.79
CA GLY B 668 -20.32 -1.76 -29.59
C GLY B 668 -21.16 -1.12 -28.48
N ILE B 669 -20.90 0.17 -28.22
CA ILE B 669 -21.62 0.90 -27.19
C ILE B 669 -23.02 1.26 -27.70
N GLU B 670 -23.28 1.13 -29.00
CA GLU B 670 -24.62 1.35 -29.53
C GLU B 670 -25.41 0.03 -29.55
N LYS B 671 -24.78 -1.08 -29.18
CA LYS B 671 -25.47 -2.35 -29.00
C LYS B 671 -26.20 -2.72 -30.29
N LYS B 672 -25.45 -2.84 -31.39
CA LYS B 672 -26.00 -3.03 -32.72
C LYS B 672 -26.16 -4.51 -33.03
N THR B 673 -27.16 -4.83 -33.87
CA THR B 673 -27.37 -6.17 -34.40
C THR B 673 -26.85 -6.22 -35.84
N PHE B 674 -26.02 -7.22 -36.12
CA PHE B 674 -25.55 -7.49 -37.47
C PHE B 674 -26.13 -8.82 -37.95
N VAL B 675 -26.78 -8.77 -39.13
CA VAL B 675 -27.38 -9.92 -39.77
C VAL B 675 -26.67 -10.18 -41.09
N LEU B 676 -26.25 -11.43 -41.32
CA LEU B 676 -25.57 -11.82 -42.54
C LEU B 676 -26.24 -13.05 -43.14
N THR B 677 -26.46 -12.99 -44.46
CA THR B 677 -26.97 -14.08 -45.26
C THR B 677 -26.09 -14.21 -46.51
N HIS B 678 -26.26 -15.29 -47.26
CA HIS B 678 -25.58 -15.41 -48.55
C HIS B 678 -26.22 -14.43 -49.55
N HIS C 20 51.33 6.82 -10.29
CA HIS C 20 49.96 6.55 -9.78
C HIS C 20 49.12 7.84 -9.82
N GLN C 21 49.35 8.70 -10.83
CA GLN C 21 48.62 9.94 -11.01
C GLN C 21 48.03 10.03 -12.42
N ASP C 22 47.70 8.87 -12.99
CA ASP C 22 46.82 8.81 -14.15
C ASP C 22 45.56 9.60 -13.82
N PRO C 23 45.03 10.43 -14.74
CA PRO C 23 43.80 11.16 -14.46
C PRO C 23 42.49 10.33 -14.53
N TRP C 24 42.60 9.03 -14.91
CA TRP C 24 41.44 8.16 -15.04
C TRP C 24 41.54 6.89 -14.19
N LYS C 25 42.73 6.56 -13.68
CA LYS C 25 42.94 5.27 -13.04
C LYS C 25 43.62 5.48 -11.69
N LEU C 26 43.12 4.79 -10.67
CA LEU C 26 43.80 4.71 -9.38
C LEU C 26 44.48 3.35 -9.35
N SER C 27 45.74 3.29 -8.90
CA SER C 27 46.48 2.04 -8.96
C SER C 27 47.27 1.82 -7.68
N ALA C 28 47.41 0.54 -7.28
CA ALA C 28 48.20 0.17 -6.12
C ALA C 28 49.08 -1.04 -6.44
N ASP C 29 50.38 -0.93 -6.12
CA ASP C 29 51.30 -2.04 -6.27
C ASP C 29 51.35 -2.81 -4.95
N LYS C 30 51.44 -4.13 -5.03
CA LYS C 30 51.61 -4.99 -3.87
C LYS C 30 50.77 -4.49 -2.69
N PRO C 31 49.42 -4.62 -2.74
CA PRO C 31 48.59 -4.33 -1.58
C PRO C 31 49.14 -4.78 -0.23
N ASP C 32 49.12 -3.86 0.74
CA ASP C 32 49.54 -4.16 2.10
C ASP C 32 48.26 -4.30 2.92
N SER C 33 47.93 -5.54 3.32
CA SER C 33 46.70 -5.82 4.04
C SER C 33 46.71 -5.15 5.42
N ASN C 34 47.90 -4.80 5.95
CA ASN C 34 47.97 -4.12 7.24
C ASN C 34 47.70 -2.62 7.11
N ASN C 35 47.59 -2.10 5.88
CA ASN C 35 47.30 -0.71 5.68
C ASN C 35 46.62 -0.51 4.33
N TYR C 36 45.43 -1.08 4.21
CA TYR C 36 44.69 -1.08 2.96
C TYR C 36 43.23 -0.73 3.25
N TYR C 37 42.68 0.21 2.45
CA TYR C 37 41.29 0.58 2.46
C TYR C 37 40.75 0.43 1.04
N GLY C 38 39.82 -0.55 0.86
CA GLY C 38 39.39 -0.92 -0.48
C GLY C 38 38.67 0.21 -1.19
N GLU C 39 38.75 0.17 -2.52
CA GLU C 39 37.89 0.99 -3.38
C GLU C 39 36.59 0.25 -3.75
N THR C 40 35.60 1.04 -4.21
CA THR C 40 34.27 0.56 -4.50
C THR C 40 34.00 0.68 -6.00
N VAL C 41 33.32 -0.33 -6.56
CA VAL C 41 32.63 -0.17 -7.83
C VAL C 41 31.14 -0.32 -7.53
N ALA C 42 30.30 0.44 -8.25
CA ALA C 42 28.90 0.52 -7.92
C ALA C 42 28.11 1.08 -9.10
N ASN C 43 26.81 0.73 -9.13
CA ASN C 43 25.90 1.15 -10.18
C ASN C 43 24.66 1.81 -9.57
N GLY C 44 24.80 2.28 -8.34
CA GLY C 44 23.73 2.97 -7.65
C GLY C 44 22.79 1.99 -6.94
N MET C 45 22.98 0.67 -7.16
CA MET C 45 22.14 -0.34 -6.55
C MET C 45 22.99 -1.33 -5.76
N ILE C 46 24.07 -1.82 -6.39
CA ILE C 46 25.01 -2.69 -5.74
C ILE C 46 26.37 -2.01 -5.68
N GLY C 47 27.04 -2.15 -4.54
CA GLY C 47 28.41 -1.70 -4.37
C GLY C 47 29.28 -2.86 -3.93
N ILE C 48 30.49 -2.92 -4.49
CA ILE C 48 31.48 -3.93 -4.20
C ILE C 48 32.80 -3.24 -3.81
N ILE C 49 33.28 -3.60 -2.61
CA ILE C 49 34.44 -3.03 -2.00
C ILE C 49 35.57 -4.04 -2.07
N SER C 50 36.71 -3.56 -2.58
CA SER C 50 37.84 -4.41 -2.90
C SER C 50 38.48 -4.99 -1.64
N SER C 51 39.07 -6.16 -1.80
CA SER C 51 39.92 -6.82 -0.82
C SER C 51 41.37 -6.67 -1.27
N PRO C 52 42.35 -6.70 -0.34
CA PRO C 52 43.75 -6.77 -0.74
C PRO C 52 44.08 -8.12 -1.38
N GLU C 53 43.33 -9.15 -1.00
CA GLU C 53 43.48 -10.51 -1.50
C GLU C 53 43.00 -10.60 -2.95
N PRO C 54 43.73 -11.38 -3.80
CA PRO C 54 43.36 -11.53 -5.20
C PRO C 54 42.09 -12.38 -5.30
N LEU C 55 41.22 -12.02 -6.23
CA LEU C 55 40.06 -12.78 -6.61
C LEU C 55 39.05 -12.88 -5.45
N LYS C 56 39.16 -11.93 -4.51
CA LYS C 56 38.20 -11.79 -3.43
C LYS C 56 37.70 -10.36 -3.39
N VAL C 57 36.52 -10.21 -2.78
CA VAL C 57 36.00 -8.89 -2.44
C VAL C 57 35.78 -8.83 -0.94
N LYS C 58 35.82 -7.60 -0.41
CA LYS C 58 35.78 -7.38 1.02
C LYS C 58 34.33 -7.47 1.49
N GLU C 59 33.46 -6.72 0.81
CA GLU C 59 32.10 -6.51 1.24
C GLU C 59 31.26 -6.14 0.02
N VAL C 60 29.96 -6.49 0.09
CA VAL C 60 29.01 -6.16 -0.96
C VAL C 60 27.80 -5.58 -0.24
N VAL C 61 27.18 -4.56 -0.86
CA VAL C 61 26.08 -3.84 -0.25
C VAL C 61 25.01 -3.59 -1.30
N LEU C 62 23.76 -3.91 -0.93
CA LEU C 62 22.61 -3.71 -1.77
C LEU C 62 21.80 -2.52 -1.23
N ALA C 63 21.60 -1.50 -2.07
CA ALA C 63 20.79 -0.35 -1.72
C ALA C 63 19.35 -0.79 -1.51
N GLY C 64 18.64 -0.07 -0.64
CA GLY C 64 17.22 -0.25 -0.45
C GLY C 64 16.88 -1.38 0.51
N THR C 65 17.89 -2.08 1.03
CA THR C 65 17.65 -3.24 1.91
C THR C 65 18.14 -2.90 3.32
N TYR C 66 17.19 -2.78 4.25
CA TYR C 66 17.46 -2.37 5.62
C TYR C 66 16.83 -3.34 6.61
N ASP C 67 17.55 -3.64 7.69
CA ASP C 67 17.00 -4.39 8.80
C ASP C 67 17.77 -4.00 10.06
N ILE C 68 17.17 -4.27 11.23
CA ILE C 68 17.88 -4.12 12.50
C ILE C 68 19.15 -4.96 12.44
N TYR C 69 20.28 -4.30 12.70
CA TYR C 69 21.62 -4.90 12.60
C TYR C 69 22.63 -3.95 13.21
N LYS C 70 23.32 -4.43 14.25
CA LYS C 70 24.49 -3.79 14.85
C LYS C 70 24.20 -2.33 15.22
N ARG C 71 25.04 -1.41 14.74
CA ARG C 71 25.06 -0.03 15.20
C ARG C 71 23.66 0.56 15.40
N GLY C 72 23.40 1.19 16.53
CA GLY C 72 22.32 2.18 16.65
C GLY C 72 20.97 1.59 17.05
N ARG C 73 20.81 0.25 16.93
CA ARG C 73 19.55 -0.48 17.24
C ARG C 73 18.44 -0.02 16.30
N VAL C 74 18.82 0.50 15.14
CA VAL C 74 17.91 0.95 14.11
C VAL C 74 18.27 0.23 12.81
N SER C 75 17.47 0.53 11.75
CA SER C 75 17.62 -0.13 10.46
C SER C 75 19.01 0.16 9.92
N SER C 76 19.55 -0.77 9.13
CA SER C 76 20.90 -0.69 8.60
C SER C 76 20.97 -1.45 7.28
N PHE C 77 21.79 -0.97 6.36
CA PHE C 77 22.33 -1.82 5.33
C PHE C 77 22.96 -3.04 5.97
N ILE C 78 22.92 -4.16 5.20
CA ILE C 78 23.33 -5.46 5.70
C ILE C 78 24.51 -5.92 4.83
N PRO C 79 25.60 -6.46 5.41
CA PRO C 79 26.66 -7.05 4.58
C PRO C 79 26.04 -8.20 3.78
N ASN C 80 26.27 -8.21 2.46
CA ASN C 80 25.62 -9.16 1.60
C ASN C 80 26.64 -10.20 1.11
N TYR C 81 26.14 -11.10 0.27
CA TYR C 81 26.94 -12.16 -0.31
C TYR C 81 28.15 -11.58 -1.03
N ASN C 82 29.33 -12.09 -0.67
CA ASN C 82 30.55 -11.73 -1.37
C ASN C 82 30.60 -12.61 -2.61
N LEU C 83 29.78 -12.25 -3.61
CA LEU C 83 29.35 -13.21 -4.63
C LEU C 83 30.48 -13.48 -5.62
N LEU C 84 31.56 -12.68 -5.59
CA LEU C 84 32.63 -12.86 -6.56
C LEU C 84 33.75 -13.76 -6.03
N ASN C 85 33.70 -14.14 -4.74
CA ASN C 85 34.83 -14.84 -4.15
C ASN C 85 35.11 -16.10 -4.97
N MET C 86 36.37 -16.20 -5.39
CA MET C 86 36.89 -17.30 -6.18
C MET C 86 38.20 -17.78 -5.55
N LYS C 87 38.44 -19.08 -5.66
CA LYS C 87 39.72 -19.70 -5.38
C LYS C 87 40.28 -20.33 -6.65
N LEU C 88 41.55 -20.01 -6.93
CA LEU C 88 42.23 -20.48 -8.13
C LEU C 88 43.44 -21.31 -7.69
N ALA C 89 43.62 -22.47 -8.31
CA ALA C 89 44.73 -23.35 -8.04
C ALA C 89 45.37 -23.74 -9.37
N PHE C 90 46.71 -23.83 -9.36
CA PHE C 90 47.47 -24.27 -10.51
C PHE C 90 48.17 -25.57 -10.14
N ASN C 91 47.89 -26.64 -10.89
CA ASN C 91 48.49 -27.93 -10.64
C ASN C 91 48.27 -28.31 -9.18
N GLY C 92 47.05 -28.05 -8.70
CA GLY C 92 46.69 -28.33 -7.32
C GLY C 92 47.57 -27.56 -6.33
N GLU C 93 47.75 -26.26 -6.59
CA GLU C 93 48.44 -25.39 -5.65
C GLU C 93 47.68 -24.08 -5.61
N SER C 94 47.10 -23.77 -4.46
CA SER C 94 46.24 -22.62 -4.29
C SER C 94 47.03 -21.32 -4.48
N VAL C 95 46.46 -20.37 -5.23
CA VAL C 95 47.01 -19.03 -5.37
C VAL C 95 46.74 -18.26 -4.09
N GLN C 96 47.79 -17.64 -3.55
CA GLN C 96 47.72 -16.85 -2.33
C GLN C 96 48.57 -15.59 -2.53
N THR C 97 48.29 -14.54 -1.75
CA THR C 97 49.18 -13.39 -1.72
C THR C 97 50.63 -13.86 -1.53
N TYR C 98 50.84 -14.93 -0.77
CA TYR C 98 52.19 -15.27 -0.36
C TYR C 98 53.02 -15.95 -1.47
N ASN C 99 52.40 -16.39 -2.59
CA ASN C 99 53.12 -17.13 -3.62
C ASN C 99 52.90 -16.54 -5.02
N ILE C 100 52.44 -15.29 -5.11
CA ILE C 100 52.32 -14.60 -6.39
C ILE C 100 53.38 -13.49 -6.40
N ASN C 101 53.56 -12.79 -7.53
CA ASN C 101 54.40 -11.61 -7.55
C ASN C 101 53.97 -10.74 -8.71
N ASN C 102 54.55 -9.51 -8.73
CA ASN C 102 54.10 -8.42 -9.58
C ASN C 102 52.60 -8.11 -9.38
N TYR C 103 52.08 -8.29 -8.17
CA TYR C 103 50.65 -8.11 -7.90
C TYR C 103 50.31 -6.62 -7.95
N LYS C 104 49.30 -6.28 -8.73
CA LYS C 104 48.85 -4.91 -8.91
C LYS C 104 47.31 -4.89 -8.90
N GLN C 105 46.76 -3.76 -8.41
CA GLN C 105 45.33 -3.50 -8.50
C GLN C 105 45.15 -2.12 -9.11
N GLU C 106 44.08 -1.96 -9.85
CA GLU C 106 43.77 -0.69 -10.48
C GLU C 106 42.26 -0.54 -10.58
N LEU C 107 41.78 0.70 -10.33
CA LEU C 107 40.39 1.07 -10.58
C LEU C 107 40.34 2.02 -11.77
N ASP C 108 39.65 1.63 -12.84
CA ASP C 108 39.46 2.51 -13.98
C ASP C 108 38.14 3.26 -13.76
N MET C 109 38.25 4.56 -13.45
CA MET C 109 37.10 5.39 -13.14
C MET C 109 36.31 5.69 -14.40
N ARG C 110 36.89 5.46 -15.60
CA ARG C 110 36.15 5.66 -16.83
C ARG C 110 34.95 4.71 -16.90
N ASN C 111 35.08 3.50 -16.35
CA ASN C 111 34.01 2.51 -16.51
C ASN C 111 33.79 1.68 -15.25
N GLY C 112 34.29 2.15 -14.10
CA GLY C 112 34.11 1.44 -12.85
C GLY C 112 34.61 0.01 -12.91
N ALA C 113 35.73 -0.22 -13.58
CA ALA C 113 36.31 -1.55 -13.63
C ALA C 113 37.39 -1.64 -12.57
N PHE C 114 37.25 -2.56 -11.62
CA PHE C 114 38.36 -2.90 -10.74
C PHE C 114 39.11 -4.10 -11.30
N THR C 115 40.42 -3.94 -11.56
CA THR C 115 41.27 -4.99 -12.10
C THR C 115 42.40 -5.38 -11.18
N GLY C 116 42.63 -6.68 -11.00
CA GLY C 116 43.84 -7.17 -10.39
C GLY C 116 44.67 -7.94 -11.42
N SER C 117 45.96 -8.03 -11.18
CA SER C 117 46.86 -8.72 -12.09
C SER C 117 48.08 -9.19 -11.29
N PHE C 118 48.53 -10.41 -11.59
CA PHE C 118 49.72 -10.94 -10.94
C PHE C 118 50.31 -12.08 -11.78
N GLN C 119 51.52 -12.49 -11.39
CA GLN C 119 52.21 -13.63 -11.96
C GLN C 119 52.23 -14.75 -10.92
N PHE C 120 51.90 -15.97 -11.37
CA PHE C 120 52.10 -17.15 -10.54
C PHE C 120 53.34 -17.92 -11.01
N LYS C 121 54.45 -17.76 -10.27
CA LYS C 121 55.67 -18.54 -10.44
C LYS C 121 56.11 -18.54 -11.91
N ASP C 122 56.27 -19.72 -12.51
CA ASP C 122 56.73 -19.83 -13.89
C ASP C 122 55.60 -20.27 -14.84
N LEU C 123 54.34 -20.13 -14.39
CA LEU C 123 53.23 -20.85 -15.02
C LEU C 123 52.35 -19.89 -15.82
N ALA C 124 51.83 -18.83 -15.19
CA ALA C 124 50.86 -17.97 -15.86
C ALA C 124 50.66 -16.61 -15.19
N THR C 125 50.30 -15.63 -16.05
CA THR C 125 49.81 -14.33 -15.67
C THR C 125 48.28 -14.38 -15.56
N VAL C 126 47.73 -13.84 -14.47
CA VAL C 126 46.30 -13.78 -14.23
C VAL C 126 45.87 -12.30 -14.20
N THR C 127 44.85 -11.95 -14.99
CA THR C 127 44.20 -10.65 -14.90
C THR C 127 42.71 -10.86 -14.71
N TYR C 128 42.13 -10.12 -13.76
CA TYR C 128 40.72 -10.21 -13.43
C TYR C 128 40.15 -8.81 -13.21
N SER C 129 38.98 -8.56 -13.79
CA SER C 129 38.29 -7.29 -13.79
C SER C 129 36.83 -7.51 -13.41
N TYR C 130 36.30 -6.71 -12.47
CA TYR C 130 34.91 -6.84 -12.10
C TYR C 130 34.19 -5.50 -12.14
N TYR C 131 32.87 -5.62 -12.28
CA TYR C 131 31.98 -4.54 -12.70
C TYR C 131 30.64 -4.71 -11.99
N ALA C 132 30.12 -3.61 -11.47
CA ALA C 132 28.70 -3.52 -11.15
C ALA C 132 28.02 -2.90 -12.37
N LEU C 133 27.32 -3.75 -13.14
CA LEU C 133 26.98 -3.37 -14.48
C LEU C 133 26.05 -2.16 -14.44
N ARG C 134 26.31 -1.17 -15.28
CA ARG C 134 25.69 0.14 -15.13
C ARG C 134 24.23 0.06 -15.58
N HIS C 135 23.94 -0.74 -16.61
CA HIS C 135 22.58 -0.81 -17.14
C HIS C 135 21.70 -1.79 -16.36
N LEU C 136 22.32 -2.78 -15.68
CA LEU C 136 21.61 -3.86 -15.03
C LEU C 136 21.83 -3.71 -13.53
N PRO C 137 20.91 -3.02 -12.81
CA PRO C 137 21.13 -2.68 -11.41
C PRO C 137 21.49 -3.86 -10.51
N HIS C 138 20.92 -5.05 -10.75
CA HIS C 138 21.14 -6.18 -9.86
C HIS C 138 22.19 -7.19 -10.40
N CYS C 139 22.92 -6.87 -11.49
CA CYS C 139 23.89 -7.81 -12.05
C CYS C 139 25.34 -7.30 -11.93
N ILE C 140 26.22 -8.25 -11.59
CA ILE C 140 27.66 -8.08 -11.43
C ILE C 140 28.36 -9.04 -12.41
N MET C 141 29.62 -8.75 -12.78
CA MET C 141 30.41 -9.64 -13.61
C MET C 141 31.90 -9.48 -13.31
N MET C 142 32.60 -10.61 -13.19
CA MET C 142 34.05 -10.66 -13.15
C MET C 142 34.55 -11.45 -14.36
N VAL C 143 35.48 -10.86 -15.12
CA VAL C 143 36.12 -11.51 -16.26
C VAL C 143 37.55 -11.87 -15.85
N VAL C 144 37.92 -13.14 -16.10
CA VAL C 144 39.23 -13.66 -15.73
C VAL C 144 39.93 -14.10 -17.00
N ASN C 145 41.17 -13.66 -17.19
CA ASN C 145 42.08 -14.11 -18.24
C ASN C 145 43.34 -14.69 -17.59
N ILE C 146 43.72 -15.85 -18.12
CA ILE C 146 44.94 -16.53 -17.73
C ILE C 146 45.78 -16.75 -18.97
N ASN C 147 47.02 -16.22 -18.94
CA ASN C 147 47.99 -16.35 -20.02
C ASN C 147 49.14 -17.21 -19.51
N THR C 148 49.35 -18.35 -20.19
CA THR C 148 50.29 -19.35 -19.69
C THR C 148 51.67 -19.13 -20.29
N GLN C 149 52.70 -19.46 -19.50
CA GLN C 149 54.09 -19.49 -19.96
C GLN C 149 54.58 -20.94 -20.02
N LYS C 150 53.83 -21.83 -19.34
CA LYS C 150 54.00 -23.26 -19.36
C LYS C 150 52.63 -23.95 -19.27
N ASP C 151 52.62 -25.22 -19.70
CA ASP C 151 51.46 -26.09 -19.56
C ASP C 151 51.00 -26.04 -18.10
N THR C 152 49.68 -25.92 -17.89
CA THR C 152 49.19 -25.92 -16.52
C THR C 152 47.70 -26.26 -16.51
N GLU C 153 47.28 -26.83 -15.38
CA GLU C 153 45.88 -27.12 -15.15
C GLU C 153 45.40 -26.25 -13.99
N ILE C 154 44.34 -25.48 -14.27
CA ILE C 154 43.70 -24.65 -13.25
C ILE C 154 42.53 -25.41 -12.66
N ASN C 155 42.34 -25.26 -11.34
CA ASN C 155 41.06 -25.52 -10.70
C ASN C 155 40.50 -24.16 -10.30
N VAL C 156 39.23 -23.93 -10.63
CA VAL C 156 38.56 -22.68 -10.34
C VAL C 156 37.36 -23.00 -9.49
N GLU C 157 37.20 -22.26 -8.39
CA GLU C 157 36.06 -22.42 -7.50
C GLU C 157 35.43 -21.08 -7.20
N ASN C 158 34.09 -21.00 -7.34
CA ASN C 158 33.31 -19.82 -6.99
C ASN C 158 32.56 -20.16 -5.72
N LEU C 159 32.72 -19.35 -4.65
CA LEU C 159 32.13 -19.68 -3.38
C LEU C 159 30.97 -18.72 -3.08
N LEU C 160 29.84 -19.27 -2.62
CA LEU C 160 28.76 -18.46 -2.04
C LEU C 160 28.68 -18.82 -0.57
N GLU C 161 29.37 -17.99 0.23
CA GLU C 161 29.33 -18.03 1.67
C GLU C 161 28.25 -17.07 2.17
N THR C 162 27.32 -17.61 2.98
CA THR C 162 26.27 -16.80 3.55
C THR C 162 26.89 -15.98 4.68
N PRO C 163 26.91 -14.64 4.61
CA PRO C 163 27.48 -13.85 5.70
C PRO C 163 26.71 -14.04 7.00
N SER C 164 27.36 -13.77 8.13
CA SER C 164 26.75 -13.98 9.43
C SER C 164 25.68 -12.91 9.73
N SER C 165 25.58 -11.89 8.87
CA SER C 165 24.46 -10.97 8.90
C SER C 165 23.13 -11.62 8.48
N LEU C 166 23.17 -12.73 7.72
CA LEU C 166 21.99 -13.36 7.16
C LEU C 166 21.77 -14.70 7.86
N ASN C 167 20.53 -15.20 7.72
CA ASN C 167 20.10 -16.36 8.46
C ASN C 167 19.13 -17.19 7.60
N ASN C 168 18.98 -18.45 7.98
CA ASN C 168 18.02 -19.36 7.35
C ASN C 168 18.27 -19.56 5.86
N GLN C 169 19.56 -19.72 5.54
CA GLN C 169 20.01 -19.78 4.16
C GLN C 169 19.67 -21.11 3.53
N GLN C 170 19.45 -21.08 2.22
CA GLN C 170 19.37 -22.29 1.42
C GLN C 170 20.34 -22.20 0.25
N ASN C 171 21.03 -23.32 -0.01
CA ASN C 171 22.05 -23.44 -1.03
C ASN C 171 21.62 -24.38 -2.14
N TYR C 172 21.47 -23.82 -3.35
CA TYR C 172 20.95 -24.54 -4.50
C TYR C 172 21.96 -24.60 -5.68
N PHE C 173 21.78 -25.58 -6.56
CA PHE C 173 22.57 -25.70 -7.77
C PHE C 173 21.75 -26.42 -8.84
N GLN C 174 21.75 -25.89 -10.07
CA GLN C 174 21.04 -26.57 -11.13
C GLN C 174 21.62 -26.21 -12.48
N ASN C 175 21.26 -27.01 -13.48
CA ASN C 175 21.62 -26.79 -14.86
C ASN C 175 20.38 -26.38 -15.65
N ILE C 176 20.48 -25.20 -16.27
CA ILE C 176 19.47 -24.69 -17.20
C ILE C 176 19.95 -25.03 -18.60
N THR C 177 19.18 -25.81 -19.36
CA THR C 177 19.69 -26.32 -20.63
C THR C 177 18.68 -26.15 -21.75
N ASN C 178 19.25 -26.10 -22.95
CA ASN C 178 18.53 -26.32 -24.20
C ASN C 178 19.58 -26.94 -25.12
N THR C 179 19.28 -27.09 -26.41
CA THR C 179 20.18 -27.77 -27.32
C THR C 179 21.49 -26.97 -27.45
N HIS C 180 21.45 -25.66 -27.16
CA HIS C 180 22.57 -24.77 -27.40
C HIS C 180 23.39 -24.48 -26.13
N VAL C 181 22.79 -24.54 -24.92
CA VAL C 181 23.53 -24.12 -23.72
C VAL C 181 23.34 -25.08 -22.55
N ASN C 182 24.32 -25.05 -21.65
CA ASN C 182 24.24 -25.54 -20.29
C ASN C 182 24.71 -24.40 -19.38
N ILE C 183 23.74 -23.75 -18.70
CA ILE C 183 23.98 -22.62 -17.81
C ILE C 183 23.89 -23.15 -16.39
N PRO C 184 25.02 -23.40 -15.70
CA PRO C 184 24.99 -23.88 -14.32
C PRO C 184 24.80 -22.71 -13.36
N LEU C 185 23.79 -22.84 -12.48
CA LEU C 185 23.37 -21.78 -11.56
C LEU C 185 23.67 -22.21 -10.13
N LEU C 186 24.53 -21.43 -9.48
CA LEU C 186 24.82 -21.54 -8.07
C LEU C 186 23.99 -20.46 -7.36
N THR C 187 23.00 -20.89 -6.59
CA THR C 187 22.05 -19.95 -6.03
C THR C 187 22.03 -20.08 -4.52
N SER C 188 21.96 -18.91 -3.85
CA SER C 188 21.62 -18.89 -2.44
C SER C 188 20.45 -17.93 -2.17
N VAL C 189 19.67 -18.28 -1.14
CA VAL C 189 18.53 -17.50 -0.65
C VAL C 189 18.64 -17.43 0.87
N ALA C 190 18.51 -16.21 1.43
CA ALA C 190 18.65 -16.09 2.87
C ALA C 190 17.88 -14.87 3.39
N PHE C 191 17.81 -14.76 4.72
CA PHE C 191 17.06 -13.66 5.35
C PHE C 191 17.95 -12.68 6.14
N THR C 192 17.58 -11.39 6.13
CA THR C 192 18.14 -10.38 7.03
C THR C 192 17.74 -10.73 8.48
N PRO C 193 18.43 -10.16 9.49
CA PRO C 193 18.31 -10.62 10.87
C PRO C 193 16.92 -10.82 11.49
N THR C 194 15.95 -9.91 11.20
CA THR C 194 14.60 -10.04 11.78
C THR C 194 13.62 -10.72 10.83
N GLY C 195 14.11 -11.19 9.68
CA GLY C 195 13.25 -11.81 8.68
C GLY C 195 12.63 -10.77 7.73
N ARG C 196 13.00 -9.50 7.87
CA ARG C 196 12.32 -8.40 7.19
C ARG C 196 12.57 -8.43 5.67
N SER C 197 13.71 -8.97 5.23
CA SER C 197 14.02 -9.03 3.80
C SER C 197 14.55 -10.40 3.42
N LYS C 198 14.18 -10.83 2.23
CA LYS C 198 14.69 -12.09 1.70
C LYS C 198 15.64 -11.73 0.58
N ILE C 199 16.79 -12.38 0.60
CA ILE C 199 17.88 -12.06 -0.32
C ILE C 199 18.13 -13.28 -1.20
N ALA C 200 18.12 -13.06 -2.51
CA ALA C 200 18.58 -14.09 -3.44
C ALA C 200 19.80 -13.65 -4.26
N VAL C 201 20.74 -14.59 -4.43
CA VAL C 201 21.94 -14.43 -5.25
C VAL C 201 22.07 -15.65 -6.15
N SER C 202 22.24 -15.41 -7.47
CA SER C 202 22.46 -16.53 -8.38
C SER C 202 23.62 -16.27 -9.34
N ASN C 203 24.58 -17.22 -9.41
CA ASN C 203 25.83 -17.02 -10.17
C ASN C 203 25.97 -18.07 -11.28
N THR C 204 26.65 -17.71 -12.37
CA THR C 204 26.96 -18.66 -13.42
C THR C 204 28.34 -18.34 -14.00
N PHE C 205 28.97 -19.35 -14.60
CA PHE C 205 30.22 -19.22 -15.35
C PHE C 205 29.92 -19.13 -16.83
N LEU C 206 30.59 -18.20 -17.53
CA LEU C 206 30.46 -18.04 -18.97
C LEU C 206 31.78 -18.45 -19.63
N PHE C 207 31.71 -19.35 -20.62
CA PHE C 207 32.86 -19.81 -21.39
C PHE C 207 32.72 -19.42 -22.85
N ASP C 208 33.84 -19.36 -23.56
CA ASP C 208 33.86 -19.03 -24.98
C ASP C 208 33.68 -20.28 -25.82
N GLU C 209 34.00 -21.46 -25.26
CA GLU C 209 34.18 -22.64 -26.09
C GLU C 209 32.89 -23.39 -26.42
N GLY C 210 31.72 -23.00 -25.92
CA GLY C 210 30.48 -23.66 -26.32
C GLY C 210 30.15 -24.90 -25.47
N LYS C 211 28.90 -25.39 -25.58
CA LYS C 211 28.31 -26.31 -24.63
C LYS C 211 29.05 -27.64 -24.55
N LYS C 212 29.44 -28.18 -25.70
CA LYS C 212 30.02 -29.52 -25.76
C LYS C 212 31.41 -29.54 -25.11
N LEU C 213 32.16 -28.44 -25.26
CA LEU C 213 33.56 -28.39 -24.88
C LEU C 213 33.80 -27.68 -23.55
N GLN C 214 32.79 -27.01 -22.97
CA GLN C 214 32.97 -26.27 -21.73
C GLN C 214 33.29 -27.25 -20.60
N PRO C 215 33.99 -26.82 -19.53
CA PRO C 215 34.27 -27.70 -18.40
C PRO C 215 32.97 -28.14 -17.73
N GLU C 216 32.93 -29.39 -17.29
CA GLU C 216 31.93 -29.87 -16.36
C GLU C 216 32.05 -29.06 -15.06
N ILE C 217 30.88 -28.68 -14.50
CA ILE C 217 30.83 -27.88 -13.29
C ILE C 217 30.41 -28.78 -12.14
N LEU C 218 31.23 -28.87 -11.10
CA LEU C 218 30.92 -29.64 -9.90
C LEU C 218 30.31 -28.70 -8.85
N HIS C 219 29.45 -29.24 -7.98
CA HIS C 219 28.83 -28.52 -6.87
C HIS C 219 29.15 -29.20 -5.54
N ARG C 220 29.66 -28.45 -4.56
CA ARG C 220 29.90 -28.96 -3.22
C ARG C 220 29.12 -28.10 -2.22
N MET C 221 28.63 -28.76 -1.16
CA MET C 221 27.88 -28.13 -0.09
C MET C 221 28.44 -28.66 1.23
N ASN C 222 29.71 -28.36 1.52
CA ASN C 222 30.38 -29.03 2.63
C ASN C 222 30.12 -28.32 3.95
N ASP C 223 29.67 -27.06 3.89
CA ASP C 223 29.49 -26.26 5.09
C ASP C 223 28.03 -25.81 5.22
N ALA C 224 27.61 -25.49 6.45
CA ALA C 224 26.32 -24.88 6.75
C ALA C 224 26.14 -23.55 6.04
N ASP C 225 27.23 -22.79 5.88
CA ASP C 225 27.15 -21.41 5.43
C ASP C 225 27.92 -21.16 4.15
N MET C 226 28.32 -22.25 3.46
CA MET C 226 28.97 -22.08 2.18
C MET C 226 28.75 -23.29 1.28
N HIS C 227 28.49 -22.98 -0.01
CA HIS C 227 28.53 -23.95 -1.08
C HIS C 227 29.29 -23.33 -2.24
N ALA C 228 29.71 -24.16 -3.20
CA ALA C 228 30.61 -23.74 -4.25
C ALA C 228 30.47 -24.57 -5.52
N MET C 229 30.66 -23.90 -6.66
CA MET C 229 30.76 -24.56 -7.93
C MET C 229 32.20 -24.48 -8.43
N SER C 230 32.65 -25.51 -9.15
CA SER C 230 34.08 -25.61 -9.48
C SER C 230 34.27 -26.33 -10.79
N PHE C 231 35.49 -26.17 -11.37
CA PHE C 231 35.84 -26.87 -12.57
C PHE C 231 37.36 -26.88 -12.73
N ASP C 232 37.82 -27.81 -13.56
CA ASP C 232 39.22 -27.89 -13.97
C ASP C 232 39.36 -27.58 -15.44
N LYS C 233 40.54 -27.09 -15.83
CA LYS C 233 40.83 -26.80 -17.23
C LYS C 233 42.33 -26.90 -17.44
N LYS C 234 42.71 -27.77 -18.38
CA LYS C 234 44.09 -27.87 -18.84
C LYS C 234 44.30 -26.79 -19.89
N ILE C 235 45.39 -26.00 -19.73
CA ILE C 235 45.77 -24.97 -20.68
C ILE C 235 47.23 -25.23 -21.09
N LYS C 236 47.48 -25.22 -22.41
CA LYS C 236 48.83 -25.43 -22.92
C LYS C 236 49.59 -24.11 -22.86
N ALA C 237 50.93 -24.23 -22.77
CA ALA C 237 51.85 -23.11 -22.81
C ALA C 237 51.54 -22.18 -23.98
N GLY C 238 51.53 -20.86 -23.69
CA GLY C 238 51.44 -19.86 -24.74
C GLY C 238 49.99 -19.63 -25.18
N LYS C 239 49.05 -20.01 -24.33
CA LYS C 239 47.62 -19.82 -24.62
C LYS C 239 47.02 -18.84 -23.61
N THR C 240 45.94 -18.16 -24.03
CA THR C 240 45.09 -17.35 -23.18
C THR C 240 43.76 -18.07 -23.01
N TYR C 241 43.38 -18.33 -21.76
CA TYR C 241 42.08 -18.92 -21.45
C TYR C 241 41.30 -17.89 -20.66
N SER C 242 40.07 -17.60 -21.14
CA SER C 242 39.20 -16.60 -20.55
C SER C 242 37.94 -17.27 -20.06
N PHE C 243 37.40 -16.78 -18.95
CA PHE C 243 36.06 -17.16 -18.51
C PHE C 243 35.50 -16.00 -17.69
N ALA C 244 34.17 -15.95 -17.53
CA ALA C 244 33.52 -14.94 -16.72
C ALA C 244 32.63 -15.59 -15.67
N LEU C 245 32.46 -14.83 -14.58
CA LEU C 245 31.46 -15.11 -13.55
C LEU C 245 30.41 -14.00 -13.60
N ILE C 246 29.15 -14.38 -13.79
CA ILE C 246 28.04 -13.44 -13.68
C ILE C 246 27.24 -13.78 -12.43
N GLY C 247 26.78 -12.73 -11.75
CA GLY C 247 26.02 -12.85 -10.53
C GLY C 247 24.92 -11.80 -10.48
N SER C 248 23.76 -12.21 -9.97
CA SER C 248 22.62 -11.34 -9.77
C SER C 248 22.28 -11.39 -8.29
N LEU C 249 22.05 -10.20 -7.72
CA LEU C 249 21.80 -10.02 -6.30
C LEU C 249 20.57 -9.15 -6.13
N ILE C 250 19.52 -9.71 -5.53
CA ILE C 250 18.26 -8.98 -5.42
C ILE C 250 17.51 -9.40 -4.17
N SER C 251 16.57 -8.56 -3.72
CA SER C 251 15.86 -8.83 -2.48
C SER C 251 14.36 -8.64 -2.62
N SER C 252 13.64 -9.03 -1.57
CA SER C 252 12.22 -8.76 -1.46
C SER C 252 11.90 -7.26 -1.40
N ASP C 253 12.90 -6.39 -1.17
CA ASP C 253 12.63 -4.96 -1.16
C ASP C 253 12.52 -4.44 -2.60
N HIS C 254 13.01 -5.22 -3.57
CA HIS C 254 13.08 -4.79 -4.96
C HIS C 254 12.10 -5.55 -5.85
N ILE C 255 11.73 -6.76 -5.43
CA ILE C 255 10.93 -7.65 -6.26
C ILE C 255 10.26 -8.65 -5.34
N ASN C 256 9.07 -9.12 -5.75
CA ASN C 256 8.20 -9.94 -4.92
C ASN C 256 8.86 -11.31 -4.68
N ASP C 257 9.48 -11.85 -5.72
CA ASP C 257 10.00 -13.21 -5.74
C ASP C 257 11.47 -13.13 -6.12
N PRO C 258 12.36 -12.70 -5.20
CA PRO C 258 13.78 -12.58 -5.51
C PRO C 258 14.47 -13.87 -5.96
N TYR C 259 14.07 -15.03 -5.40
CA TYR C 259 14.65 -16.31 -5.76
C TYR C 259 14.56 -16.56 -7.26
N ASN C 260 13.35 -16.58 -7.82
CA ASN C 260 13.18 -16.81 -9.25
C ASN C 260 13.73 -15.64 -10.06
N GLU C 261 13.63 -14.42 -9.53
CA GLU C 261 14.07 -13.29 -10.33
C GLU C 261 15.60 -13.32 -10.47
N ALA C 262 16.34 -13.73 -9.42
CA ALA C 262 17.79 -13.79 -9.48
C ALA C 262 18.24 -14.81 -10.54
N GLU C 263 17.63 -16.01 -10.52
CA GLU C 263 17.92 -17.03 -11.53
C GLU C 263 17.63 -16.50 -12.92
N ARG C 264 16.45 -15.88 -13.07
CA ARG C 264 16.02 -15.36 -14.36
C ARG C 264 17.02 -14.32 -14.88
N LEU C 265 17.51 -13.45 -13.98
CA LEU C 265 18.41 -12.38 -14.35
C LEU C 265 19.77 -12.91 -14.82
N THR C 266 20.33 -13.88 -14.08
CA THR C 266 21.64 -14.44 -14.42
C THR C 266 21.53 -15.21 -15.73
N ILE C 267 20.42 -15.92 -15.97
CA ILE C 267 20.24 -16.62 -17.24
C ILE C 267 20.18 -15.60 -18.37
N TYR C 268 19.44 -14.51 -18.17
CA TYR C 268 19.35 -13.47 -19.19
C TYR C 268 20.74 -12.86 -19.47
N ALA C 269 21.45 -12.53 -18.39
CA ALA C 269 22.77 -11.92 -18.53
C ALA C 269 23.72 -12.88 -19.25
N ALA C 270 23.65 -14.19 -18.91
CA ALA C 270 24.49 -15.21 -19.54
C ALA C 270 24.26 -15.25 -21.05
N LEU C 271 23.01 -15.17 -21.48
CA LEU C 271 22.65 -15.26 -22.88
C LEU C 271 22.89 -13.93 -23.59
N GLU C 272 22.97 -12.82 -22.84
CA GLU C 272 23.44 -11.57 -23.41
C GLU C 272 24.92 -11.69 -23.75
N GLY C 273 25.68 -12.25 -22.80
CA GLY C 273 27.09 -12.58 -22.99
C GLY C 273 28.00 -11.39 -22.63
N LYS C 274 29.24 -11.71 -22.24
CA LYS C 274 30.23 -10.73 -21.82
C LYS C 274 30.26 -9.49 -22.72
N SER C 275 30.37 -9.70 -24.03
CA SER C 275 30.61 -8.62 -24.96
C SER C 275 29.46 -7.61 -24.98
N ARG C 276 28.21 -8.09 -24.99
CA ARG C 276 27.07 -7.19 -25.05
C ARG C 276 26.95 -6.43 -23.74
N LEU C 277 27.16 -7.15 -22.63
CA LEU C 277 27.04 -6.56 -21.30
C LEU C 277 28.00 -5.38 -21.15
N LEU C 278 29.27 -5.57 -21.56
CA LEU C 278 30.30 -4.57 -21.34
C LEU C 278 30.11 -3.41 -22.31
N ASN C 279 29.57 -3.67 -23.49
CA ASN C 279 29.31 -2.61 -24.44
C ASN C 279 28.24 -1.67 -23.87
N ARG C 280 27.14 -2.25 -23.37
CA ARG C 280 26.07 -1.49 -22.74
C ARG C 280 26.60 -0.73 -21.53
N HIS C 281 27.38 -1.43 -20.69
CA HIS C 281 28.01 -0.85 -19.51
C HIS C 281 28.80 0.41 -19.87
N MET C 282 29.66 0.30 -20.88
CA MET C 282 30.51 1.39 -21.32
C MET C 282 29.68 2.56 -21.88
N GLN C 283 28.59 2.27 -22.58
CA GLN C 283 27.77 3.32 -23.15
C GLN C 283 27.23 4.21 -22.03
N GLU C 284 26.78 3.58 -20.95
CA GLU C 284 26.15 4.27 -19.84
C GLU C 284 27.19 5.12 -19.10
N TRP C 285 28.40 4.55 -18.91
CA TRP C 285 29.44 5.27 -18.21
C TRP C 285 29.92 6.46 -19.04
N ASN C 286 29.96 6.29 -20.37
CA ASN C 286 30.39 7.35 -21.27
C ASN C 286 29.43 8.53 -21.15
N SER C 287 28.14 8.25 -20.99
CA SER C 287 27.15 9.31 -20.86
C SER C 287 27.33 10.06 -19.54
N LEU C 288 27.67 9.31 -18.48
CA LEU C 288 27.94 9.90 -17.18
C LEU C 288 29.12 10.87 -17.27
N TRP C 289 30.17 10.51 -18.03
CA TRP C 289 31.39 11.31 -18.09
C TRP C 289 31.29 12.44 -19.12
N GLN C 290 30.11 12.65 -19.73
CA GLN C 290 29.95 13.81 -20.59
C GLN C 290 29.87 15.07 -19.74
N SER C 291 29.64 14.90 -18.43
CA SER C 291 29.82 15.94 -17.44
C SER C 291 31.08 15.63 -16.65
N ASP C 292 32.08 16.49 -16.79
CA ASP C 292 33.44 16.23 -16.34
C ASP C 292 34.07 17.53 -15.87
N ILE C 293 35.07 17.40 -15.01
CA ILE C 293 35.89 18.52 -14.57
C ILE C 293 37.32 18.21 -14.97
N GLN C 294 37.93 19.12 -15.76
CA GLN C 294 39.31 19.01 -16.21
C GLN C 294 40.14 20.15 -15.65
N VAL C 295 41.26 19.78 -15.00
CA VAL C 295 42.25 20.68 -14.46
C VAL C 295 43.58 20.51 -15.18
N GLU C 296 44.14 21.60 -15.69
CA GLU C 296 45.50 21.62 -16.21
C GLU C 296 46.46 22.22 -15.19
N GLY C 297 47.57 21.54 -14.95
CA GLY C 297 48.66 22.10 -14.16
C GLY C 297 48.76 21.48 -12.77
N ASP C 298 47.95 20.44 -12.52
CA ASP C 298 47.92 19.81 -11.21
C ASP C 298 47.37 18.39 -11.35
N PRO C 299 48.21 17.43 -11.79
CA PRO C 299 47.75 16.06 -11.93
C PRO C 299 47.07 15.48 -10.68
N GLN C 300 47.50 15.87 -9.48
CA GLN C 300 46.94 15.26 -8.28
C GLN C 300 45.51 15.76 -8.06
N ALA C 301 45.29 17.07 -8.27
CA ALA C 301 43.97 17.65 -8.23
C ALA C 301 43.05 16.96 -9.22
N GLN C 302 43.53 16.79 -10.46
CA GLN C 302 42.73 16.22 -11.52
C GLN C 302 42.24 14.83 -11.12
N GLN C 303 43.16 13.98 -10.65
CA GLN C 303 42.84 12.61 -10.25
C GLN C 303 41.88 12.61 -9.06
N ASP C 304 42.12 13.49 -8.09
CA ASP C 304 41.31 13.55 -6.87
C ASP C 304 39.87 13.94 -7.19
N ILE C 305 39.69 14.91 -8.10
CA ILE C 305 38.38 15.43 -8.43
C ILE C 305 37.63 14.40 -9.28
N ARG C 306 38.36 13.69 -10.16
CA ARG C 306 37.82 12.54 -10.87
C ARG C 306 37.33 11.48 -9.89
N SER C 307 38.12 11.16 -8.85
CA SER C 307 37.68 10.19 -7.83
C SER C 307 36.37 10.65 -7.18
N MET C 308 36.24 11.95 -6.92
CA MET C 308 35.05 12.48 -6.28
C MET C 308 33.83 12.32 -7.20
N LEU C 309 33.96 12.78 -8.44
CA LEU C 309 32.91 12.60 -9.41
C LEU C 309 32.55 11.12 -9.54
N TYR C 310 33.57 10.27 -9.73
CA TYR C 310 33.38 8.83 -9.92
C TYR C 310 32.56 8.24 -8.77
N HIS C 311 32.84 8.63 -7.53
CA HIS C 311 32.14 8.04 -6.39
C HIS C 311 30.69 8.54 -6.34
N LEU C 312 30.47 9.80 -6.68
CA LEU C 312 29.10 10.28 -6.73
C LEU C 312 28.30 9.57 -7.83
N TYR C 313 28.89 9.43 -9.01
CA TYR C 313 28.22 8.77 -10.12
C TYR C 313 27.93 7.30 -9.80
N SER C 314 28.88 6.65 -9.11
CA SER C 314 28.73 5.25 -8.70
C SER C 314 27.66 5.03 -7.60
N PHE C 315 27.45 6.05 -6.78
CA PHE C 315 26.59 5.96 -5.59
C PHE C 315 25.22 6.62 -5.80
N THR C 316 24.90 6.98 -7.05
CA THR C 316 23.56 7.44 -7.38
C THR C 316 23.05 6.69 -8.62
N ARG C 317 21.77 6.85 -8.94
CA ARG C 317 21.22 6.25 -10.15
C ARG C 317 20.06 7.08 -10.68
N LYS C 318 20.15 7.50 -11.94
CA LYS C 318 19.06 8.22 -12.58
C LYS C 318 17.81 7.33 -12.68
N SER C 319 16.64 7.98 -12.82
CA SER C 319 15.35 7.31 -13.01
C SER C 319 15.02 6.37 -11.86
N THR C 320 15.33 6.77 -10.62
CA THR C 320 14.95 5.96 -9.46
C THR C 320 14.41 6.87 -8.36
N SER C 321 14.19 6.26 -7.19
CA SER C 321 13.82 6.96 -5.97
C SER C 321 14.84 6.67 -4.88
N LEU C 322 16.09 6.41 -5.30
CA LEU C 322 17.19 6.10 -4.40
C LEU C 322 17.91 7.40 -4.07
N SER C 323 18.42 7.44 -2.83
CA SER C 323 19.25 8.55 -2.37
C SER C 323 20.44 7.97 -1.63
N PRO C 324 21.64 8.60 -1.76
CA PRO C 324 22.85 8.08 -1.15
C PRO C 324 22.89 8.36 0.34
N SER C 325 23.40 7.39 1.10
CA SER C 325 23.87 7.59 2.44
C SER C 325 25.17 8.41 2.41
N PRO C 326 25.65 8.93 3.58
CA PRO C 326 26.91 9.67 3.60
C PRO C 326 28.11 8.87 3.08
N MET C 327 27.99 7.52 3.04
CA MET C 327 29.07 6.65 2.63
C MET C 327 28.72 5.92 1.34
N GLY C 328 27.68 6.41 0.64
CA GLY C 328 27.12 5.76 -0.55
C GLY C 328 26.99 4.24 -0.39
N LEU C 329 27.58 3.49 -1.33
CA LEU C 329 27.57 2.04 -1.29
C LEU C 329 28.96 1.50 -0.97
N SER C 330 29.74 2.26 -0.17
CA SER C 330 31.12 1.93 0.15
C SER C 330 31.15 1.04 1.39
N GLY C 331 29.98 0.76 1.96
CA GLY C 331 29.91 0.05 3.23
C GLY C 331 28.66 0.47 4.02
N LEU C 332 28.67 0.11 5.31
CA LEU C 332 27.58 0.29 6.23
C LEU C 332 27.61 1.67 6.91
N GLY C 333 28.56 2.54 6.52
CA GLY C 333 28.69 3.86 7.12
C GLY C 333 27.33 4.54 7.33
N TYR C 334 27.10 4.99 8.57
CA TYR C 334 25.84 5.63 9.00
C TYR C 334 24.61 4.79 8.66
N ASN C 335 24.77 3.46 8.74
CA ASN C 335 23.71 2.48 8.55
C ASN C 335 23.00 2.58 7.19
N GLY C 336 23.61 3.21 6.20
CA GLY C 336 22.98 3.42 4.91
C GLY C 336 21.87 4.48 4.91
N HIS C 337 21.74 5.28 5.99
CA HIS C 337 20.62 6.20 6.18
C HIS C 337 20.85 7.44 5.33
N VAL C 338 19.76 8.11 4.98
CA VAL C 338 19.78 9.32 4.19
C VAL C 338 19.59 10.52 5.12
N PHE C 339 20.43 11.53 4.94
CA PHE C 339 20.49 12.73 5.75
C PHE C 339 20.50 13.94 4.82
N TRP C 340 20.57 15.15 5.41
CA TRP C 340 20.73 16.39 4.67
C TRP C 340 22.04 16.42 3.88
N ASP C 341 22.98 15.52 4.26
CA ASP C 341 24.13 15.14 3.46
C ASP C 341 23.74 15.00 1.99
N THR C 342 22.56 14.44 1.71
CA THR C 342 22.15 14.39 0.32
C THR C 342 21.80 15.81 -0.13
N GLU C 343 20.72 16.38 0.41
CA GLU C 343 20.14 17.61 -0.12
C GLU C 343 21.16 18.74 -0.26
N ILE C 344 22.01 18.91 0.76
CA ILE C 344 22.87 20.11 0.82
C ILE C 344 24.28 19.82 0.29
N TRP C 345 24.74 18.56 0.36
CA TRP C 345 26.13 18.25 0.13
C TRP C 345 26.34 17.50 -1.19
N MET C 346 25.59 16.42 -1.44
CA MET C 346 25.80 15.62 -2.64
C MET C 346 24.91 16.07 -3.80
N PHE C 347 23.77 16.70 -3.46
CA PHE C 347 22.74 17.00 -4.45
C PHE C 347 23.15 18.17 -5.34
N PRO C 348 23.64 19.33 -4.82
CA PRO C 348 23.94 20.49 -5.66
C PRO C 348 24.90 20.21 -6.82
N PRO C 349 26.03 19.49 -6.62
CA PRO C 349 26.90 19.17 -7.75
C PRO C 349 26.24 18.25 -8.80
N MET C 350 25.37 17.34 -8.34
CA MET C 350 24.71 16.43 -9.27
C MET C 350 23.64 17.19 -10.04
N LEU C 351 22.95 18.13 -9.38
CA LEU C 351 21.95 18.93 -10.05
C LEU C 351 22.55 19.66 -11.26
N LEU C 352 23.75 20.24 -11.10
CA LEU C 352 24.37 21.03 -12.16
C LEU C 352 24.87 20.14 -13.31
N LEU C 353 25.39 18.94 -12.97
CA LEU C 353 26.10 18.10 -13.92
C LEU C 353 25.15 17.14 -14.63
N HIS C 354 24.18 16.60 -13.87
CA HIS C 354 23.27 15.56 -14.30
C HIS C 354 21.94 15.74 -13.54
N PRO C 355 21.02 16.61 -14.00
CA PRO C 355 19.80 16.91 -13.25
C PRO C 355 18.99 15.66 -12.87
N GLU C 356 19.04 14.64 -13.74
CA GLU C 356 18.22 13.46 -13.59
C GLU C 356 18.73 12.62 -12.40
N ILE C 357 19.98 12.80 -11.99
CA ILE C 357 20.44 12.18 -10.74
C ILE C 357 19.85 12.93 -9.55
N ALA C 358 19.78 14.25 -9.66
CA ALA C 358 19.22 15.07 -8.61
C ALA C 358 17.74 14.72 -8.46
N LYS C 359 17.09 14.46 -9.60
CA LYS C 359 15.67 14.13 -9.64
C LYS C 359 15.40 12.87 -8.82
N SER C 360 16.31 11.90 -8.87
CA SER C 360 16.19 10.68 -8.07
C SER C 360 16.27 11.02 -6.56
N MET C 361 17.23 11.87 -6.19
CA MET C 361 17.46 12.22 -4.80
C MET C 361 16.22 12.86 -4.19
N ILE C 362 15.56 13.77 -4.92
CA ILE C 362 14.39 14.46 -4.38
C ILE C 362 13.14 13.57 -4.49
N GLU C 363 13.11 12.66 -5.49
CA GLU C 363 12.07 11.64 -5.59
C GLU C 363 12.05 10.79 -4.33
N TYR C 364 13.24 10.47 -3.80
CA TYR C 364 13.34 9.72 -2.56
C TYR C 364 12.51 10.39 -1.46
N ARG C 365 12.55 11.75 -1.41
CA ARG C 365 11.87 12.51 -0.39
C ARG C 365 10.38 12.61 -0.69
N TYR C 366 10.05 12.83 -1.98
CA TYR C 366 8.66 12.97 -2.38
C TYR C 366 7.88 11.73 -2.00
N GLN C 367 8.48 10.56 -2.18
CA GLN C 367 7.79 9.29 -1.94
C GLN C 367 7.65 9.01 -0.44
N ARG C 368 8.35 9.79 0.38
CA ARG C 368 8.32 9.61 1.83
C ARG C 368 7.68 10.82 2.49
N LEU C 369 6.97 11.64 1.70
CA LEU C 369 6.30 12.81 2.22
C LEU C 369 5.28 12.39 3.28
N ASP C 370 4.59 11.27 3.04
CA ASP C 370 3.55 10.81 3.95
C ASP C 370 4.13 10.43 5.31
N ALA C 371 5.31 9.80 5.35
CA ALA C 371 5.89 9.42 6.63
C ALA C 371 6.40 10.66 7.38
N ALA C 372 6.66 11.75 6.64
CA ALA C 372 7.10 13.00 7.24
C ALA C 372 5.91 13.70 7.91
N ARG C 373 4.74 13.60 7.27
CA ARG C 373 3.48 14.09 7.82
C ARG C 373 3.19 13.37 9.12
N LYS C 374 3.42 12.07 9.12
CA LYS C 374 3.22 11.24 10.30
C LYS C 374 4.10 11.71 11.45
N LYS C 375 5.39 11.93 11.14
CA LYS C 375 6.34 12.38 12.13
C LYS C 375 5.92 13.73 12.70
N ALA C 376 5.54 14.68 11.83
CA ALA C 376 5.06 15.96 12.30
C ALA C 376 3.96 15.82 13.34
N ALA C 377 2.94 14.98 13.05
CA ALA C 377 1.80 14.81 13.94
C ALA C 377 2.24 14.21 15.27
N ILE C 378 3.19 13.28 15.22
CA ILE C 378 3.66 12.60 16.42
C ILE C 378 4.41 13.57 17.35
N TYR C 379 5.01 14.62 16.76
CA TYR C 379 5.85 15.57 17.50
C TYR C 379 5.08 16.88 17.73
N GLY C 380 3.80 16.91 17.36
CA GLY C 380 2.94 18.00 17.76
C GLY C 380 2.89 19.13 16.73
N TYR C 381 3.13 18.83 15.45
CA TYR C 381 3.33 19.88 14.46
C TYR C 381 2.43 19.62 13.26
N ASP C 382 2.32 20.63 12.39
CA ASP C 382 1.53 20.58 11.16
C ASP C 382 2.45 20.17 10.02
N GLY C 383 1.84 19.81 8.88
CA GLY C 383 2.56 19.59 7.63
C GLY C 383 3.50 18.40 7.66
N ALA C 384 4.68 18.56 7.04
CA ALA C 384 5.64 17.48 6.87
C ALA C 384 6.92 17.83 7.61
N MET C 385 7.31 16.92 8.50
CA MET C 385 8.52 17.06 9.25
C MET C 385 9.44 15.91 8.84
N PHE C 386 10.43 16.20 8.01
CA PHE C 386 11.29 15.13 7.53
C PHE C 386 12.15 14.64 8.68
N PRO C 387 12.49 13.34 8.68
CA PRO C 387 13.33 12.78 9.74
C PRO C 387 14.78 13.22 9.58
N TRP C 388 15.51 13.25 10.70
CA TRP C 388 16.95 13.52 10.67
C TRP C 388 17.65 12.40 9.90
N GLU C 389 17.24 11.15 10.15
CA GLU C 389 17.80 10.00 9.44
C GLU C 389 16.66 9.20 8.84
N SER C 390 16.78 8.87 7.54
CA SER C 390 15.73 8.25 6.75
C SER C 390 16.27 6.96 6.13
N ALA C 391 15.38 6.00 5.88
CA ALA C 391 15.79 4.73 5.31
C ALA C 391 14.67 4.19 4.39
N ASP C 392 14.12 3.00 4.68
CA ASP C 392 13.07 2.44 3.80
C ASP C 392 11.78 3.23 3.87
N SER C 393 11.21 3.40 5.07
CA SER C 393 9.84 3.91 5.23
C SER C 393 9.73 5.42 5.06
N GLY C 394 10.76 6.21 5.43
CA GLY C 394 10.58 7.66 5.48
C GLY C 394 10.39 8.15 6.91
N ALA C 395 10.17 7.19 7.84
CA ALA C 395 10.10 7.49 9.26
C ALA C 395 11.48 7.79 9.82
N GLU C 396 11.50 8.31 11.05
CA GLU C 396 12.71 8.59 11.78
C GLU C 396 13.48 7.30 12.04
N GLU C 397 14.80 7.34 11.77
CA GLU C 397 15.68 6.20 11.97
C GLU C 397 16.91 6.55 12.80
N THR C 398 17.00 7.77 13.34
CA THR C 398 18.19 8.12 14.11
C THR C 398 18.28 7.22 15.34
N PRO C 399 19.44 6.67 15.71
CA PRO C 399 19.55 5.98 17.01
C PRO C 399 19.02 6.84 18.15
N VAL C 400 18.36 6.20 19.12
CA VAL C 400 17.66 6.99 20.15
C VAL C 400 18.70 7.69 21.06
N ASN C 401 19.96 7.18 21.09
CA ASN C 401 21.00 7.74 21.95
C ASN C 401 21.50 9.08 21.42
N ALA C 402 21.19 9.45 20.17
CA ALA C 402 21.56 10.73 19.60
C ALA C 402 20.37 11.69 19.64
N LEU C 403 20.55 12.85 20.28
CA LEU C 403 19.45 13.79 20.43
C LEU C 403 19.09 14.46 19.10
N THR C 404 19.92 14.29 18.07
CA THR C 404 19.64 14.80 16.73
C THR C 404 18.29 14.30 16.24
N GLY C 405 17.98 13.02 16.52
CA GLY C 405 16.75 12.40 16.06
C GLY C 405 15.51 13.22 16.41
N ALA C 406 15.41 13.59 17.69
CA ALA C 406 14.28 14.36 18.18
C ALA C 406 14.40 15.86 17.87
N PHE C 407 15.62 16.40 17.82
CA PHE C 407 15.81 17.84 17.97
C PHE C 407 16.47 18.55 16.79
N GLU C 408 17.15 17.85 15.87
CA GLU C 408 17.80 18.58 14.79
C GLU C 408 16.84 18.70 13.61
N HIS C 409 16.18 19.84 13.49
CA HIS C 409 15.00 19.98 12.65
C HIS C 409 15.28 20.65 11.29
N HIS C 410 16.50 21.16 11.04
CA HIS C 410 16.77 21.90 9.79
C HIS C 410 16.61 21.00 8.55
N VAL C 411 16.63 19.68 8.73
CA VAL C 411 16.48 18.74 7.62
C VAL C 411 15.20 18.97 6.80
N THR C 412 14.12 19.40 7.45
CA THR C 412 12.90 19.71 6.76
C THR C 412 13.15 20.86 5.78
N GLY C 413 13.80 21.92 6.26
CA GLY C 413 14.12 23.05 5.39
C GLY C 413 15.12 22.66 4.28
N ASP C 414 16.06 21.79 4.61
CA ASP C 414 17.05 21.31 3.62
C ASP C 414 16.36 20.60 2.46
N VAL C 415 15.33 19.79 2.77
CA VAL C 415 14.60 19.09 1.73
C VAL C 415 13.87 20.10 0.86
N ALA C 416 13.29 21.14 1.47
CA ALA C 416 12.56 22.14 0.69
C ALA C 416 13.50 22.93 -0.22
N ILE C 417 14.71 23.22 0.27
CA ILE C 417 15.68 23.99 -0.51
C ILE C 417 16.05 23.18 -1.75
N ALA C 418 16.38 21.91 -1.55
CA ALA C 418 16.66 20.99 -2.65
C ALA C 418 15.54 20.99 -3.69
N ALA C 419 14.29 20.96 -3.21
CA ALA C 419 13.14 20.84 -4.09
C ALA C 419 13.01 22.09 -4.96
N TRP C 420 13.14 23.26 -4.34
CA TRP C 420 13.08 24.53 -5.08
C TRP C 420 14.27 24.64 -6.05
N GLN C 421 15.46 24.26 -5.60
CA GLN C 421 16.64 24.28 -6.47
C GLN C 421 16.40 23.45 -7.73
N TYR C 422 15.86 22.23 -7.54
CA TYR C 422 15.60 21.34 -8.67
C TYR C 422 14.78 22.09 -9.72
N TYR C 423 13.75 22.80 -9.26
CA TYR C 423 12.86 23.51 -10.17
C TYR C 423 13.64 24.64 -10.85
N LEU C 424 14.39 25.42 -10.06
CA LEU C 424 15.14 26.55 -10.60
C LEU C 424 16.00 26.10 -11.78
N VAL C 425 16.71 24.98 -11.60
CA VAL C 425 17.66 24.50 -12.58
C VAL C 425 16.97 23.91 -13.82
N THR C 426 15.90 23.11 -13.65
CA THR C 426 15.26 22.40 -14.76
C THR C 426 14.14 23.23 -15.39
N GLY C 427 13.47 24.08 -14.61
CA GLY C 427 12.33 24.82 -15.13
C GLY C 427 11.10 23.94 -15.34
N ASP C 428 11.11 22.73 -14.74
CA ASP C 428 10.06 21.75 -14.98
C ASP C 428 8.85 22.08 -14.11
N LYS C 429 7.91 22.84 -14.69
CA LYS C 429 6.74 23.32 -13.96
C LYS C 429 5.76 22.17 -13.72
N GLU C 430 5.73 21.16 -14.60
CA GLU C 430 4.91 19.98 -14.36
C GLU C 430 5.40 19.26 -13.10
N TRP C 431 6.72 19.11 -12.94
CA TRP C 431 7.25 18.48 -11.73
C TRP C 431 6.99 19.35 -10.50
N LEU C 432 7.01 20.69 -10.68
CA LEU C 432 6.76 21.59 -9.56
C LEU C 432 5.35 21.35 -9.02
N LYS C 433 4.37 21.23 -9.93
CA LYS C 433 2.98 21.00 -9.58
C LYS C 433 2.81 19.61 -8.98
N GLU C 434 3.48 18.59 -9.53
CA GLU C 434 3.22 17.22 -9.13
C GLU C 434 3.98 16.88 -7.85
N LYS C 435 5.18 17.43 -7.66
CA LYS C 435 6.08 16.93 -6.63
C LYS C 435 6.70 18.03 -5.77
N GLY C 436 7.17 19.10 -6.41
CA GLY C 436 7.83 20.18 -5.70
C GLY C 436 6.89 20.87 -4.71
N TRP C 437 5.70 21.21 -5.21
CA TRP C 437 4.72 21.96 -4.43
C TRP C 437 4.23 21.14 -3.25
N PRO C 438 3.83 19.86 -3.42
CA PRO C 438 3.53 19.01 -2.26
C PRO C 438 4.58 19.14 -1.16
N ILE C 439 5.86 19.00 -1.55
CA ILE C 439 6.94 19.08 -0.58
C ILE C 439 6.99 20.47 0.04
N LEU C 440 6.94 21.50 -0.80
CA LEU C 440 7.22 22.85 -0.34
C LEU C 440 6.10 23.31 0.58
N LYS C 441 4.87 22.93 0.24
CA LYS C 441 3.69 23.33 0.98
C LYS C 441 3.73 22.70 2.37
N ALA C 442 3.91 21.38 2.42
CA ALA C 442 3.88 20.65 3.68
C ALA C 442 4.99 21.16 4.59
N THR C 443 6.20 21.36 4.03
CA THR C 443 7.35 21.75 4.82
C THR C 443 7.17 23.19 5.33
N ALA C 444 6.56 24.07 4.51
CA ALA C 444 6.25 25.40 4.96
C ALA C 444 5.25 25.36 6.12
N GLU C 445 4.24 24.49 6.00
CA GLU C 445 3.22 24.32 7.02
C GLU C 445 3.88 23.88 8.34
N PHE C 446 4.92 23.04 8.23
CA PHE C 446 5.69 22.62 9.39
C PHE C 446 6.27 23.86 10.08
N TRP C 447 6.97 24.71 9.33
CA TRP C 447 7.71 25.80 9.94
C TRP C 447 6.75 26.81 10.56
N ALA C 448 5.64 27.06 9.86
CA ALA C 448 4.59 27.92 10.38
C ALA C 448 4.08 27.45 11.75
N SER C 449 4.10 26.13 11.99
CA SER C 449 3.65 25.52 13.23
C SER C 449 4.79 25.37 14.22
N ARG C 450 6.04 25.48 13.73
CA ARG C 450 7.25 25.22 14.53
C ARG C 450 7.70 26.47 15.28
N VAL C 451 7.52 27.65 14.66
CA VAL C 451 7.98 28.90 15.25
C VAL C 451 7.08 29.26 16.43
N GLU C 452 7.58 30.14 17.30
CA GLU C 452 6.82 30.82 18.34
C GLU C 452 7.04 32.34 18.24
N LYS C 453 5.96 33.09 18.34
CA LYS C 453 6.05 34.55 18.29
C LYS C 453 6.33 35.06 19.69
N ASN C 454 7.21 36.07 19.81
CA ASN C 454 7.55 36.64 21.11
C ASN C 454 6.93 38.03 21.18
N ASP C 455 7.26 38.77 22.25
CA ASP C 455 6.59 40.02 22.61
C ASP C 455 6.91 41.14 21.63
N LYS C 456 7.99 40.99 20.87
CA LYS C 456 8.43 42.03 19.95
C LYS C 456 7.97 41.73 18.52
N GLY C 457 7.20 40.64 18.34
CA GLY C 457 6.69 40.28 17.03
C GLY C 457 7.75 39.58 16.17
N GLU C 458 8.79 39.05 16.81
CA GLU C 458 9.80 38.26 16.12
C GLU C 458 9.39 36.79 16.29
N TYR C 459 9.88 35.93 15.40
CA TYR C 459 9.59 34.51 15.47
C TYR C 459 10.85 33.74 15.85
N GLU C 460 10.71 32.89 16.86
CA GLU C 460 11.81 32.09 17.36
C GLU C 460 11.57 30.61 17.06
N ILE C 461 12.67 29.88 16.86
CA ILE C 461 12.67 28.43 16.80
C ILE C 461 13.55 27.96 17.95
N LYS C 462 12.91 27.39 18.97
CA LYS C 462 13.55 27.11 20.24
C LYS C 462 13.74 25.62 20.43
N ASN C 463 14.77 25.27 21.22
CA ASN C 463 15.06 23.92 21.63
C ASN C 463 15.31 23.01 20.41
N VAL C 464 16.46 23.22 19.76
CA VAL C 464 16.94 22.39 18.66
C VAL C 464 18.37 21.95 18.98
N VAL C 465 18.82 20.98 18.19
CA VAL C 465 20.23 20.72 17.98
C VAL C 465 20.60 21.44 16.70
N ALA C 466 21.73 22.16 16.75
CA ALA C 466 22.18 23.00 15.66
C ALA C 466 22.89 22.13 14.62
N ALA C 467 23.01 22.65 13.41
CA ALA C 467 23.91 22.07 12.43
C ALA C 467 25.29 21.83 13.05
N ASP C 468 25.77 22.78 13.89
CA ASP C 468 26.84 22.47 14.83
C ASP C 468 26.31 21.54 15.92
N GLU C 469 26.37 20.23 15.67
CA GLU C 469 25.67 19.26 16.48
C GLU C 469 26.25 19.15 17.90
N TRP C 470 27.35 19.85 18.19
CA TRP C 470 27.84 19.90 19.56
C TRP C 470 26.97 20.82 20.42
N ALA C 471 26.21 21.71 19.76
CA ALA C 471 25.29 22.60 20.46
C ALA C 471 23.90 21.97 20.50
N GLU C 472 23.52 21.41 21.65
CA GLU C 472 22.29 20.67 21.83
C GLU C 472 21.29 21.43 22.72
N ASN C 473 20.00 21.38 22.32
CA ASN C 473 18.91 21.96 23.10
C ASN C 473 19.17 23.44 23.32
N ILE C 474 19.38 24.17 22.22
CA ILE C 474 19.62 25.61 22.26
C ILE C 474 18.58 26.28 21.39
N ASP C 475 18.56 27.63 21.39
CA ASP C 475 17.50 28.35 20.73
C ASP C 475 18.04 29.21 19.60
N ASN C 476 17.27 29.34 18.53
CA ASN C 476 17.53 30.24 17.42
C ASN C 476 18.90 29.98 16.78
N ASN C 477 19.14 28.70 16.46
CA ASN C 477 20.28 28.28 15.68
C ASN C 477 20.26 29.02 14.33
N ALA C 478 21.39 29.66 13.98
CA ALA C 478 21.48 30.44 12.76
C ALA C 478 21.12 29.60 11.54
N TYR C 479 21.71 28.41 11.40
CA TYR C 479 21.48 27.61 10.20
C TYR C 479 20.00 27.20 10.15
N THR C 480 19.50 26.59 11.24
CA THR C 480 18.11 26.14 11.29
C THR C 480 17.19 27.30 10.91
N ASN C 481 17.37 28.46 11.57
CA ASN C 481 16.48 29.58 11.32
C ASN C 481 16.62 30.07 9.88
N GLY C 482 17.83 29.96 9.32
CA GLY C 482 18.03 30.26 7.91
C GLY C 482 17.21 29.32 7.00
N THR C 483 17.17 28.02 7.33
CA THR C 483 16.48 27.06 6.47
C THR C 483 14.97 27.31 6.55
N ALA C 484 14.47 27.76 7.71
CA ALA C 484 13.06 28.02 7.86
C ALA C 484 12.65 29.22 7.01
N ILE C 485 13.49 30.27 7.01
CA ILE C 485 13.25 31.44 6.18
C ILE C 485 13.15 30.98 4.72
N ARG C 486 14.19 30.29 4.23
CA ARG C 486 14.20 29.86 2.84
C ARG C 486 12.99 28.98 2.53
N ASN C 487 12.69 28.03 3.43
CA ASN C 487 11.63 27.08 3.18
C ASN C 487 10.30 27.80 2.94
N LEU C 488 10.07 28.82 3.75
CA LEU C 488 8.83 29.60 3.70
C LEU C 488 8.80 30.50 2.47
N GLN C 489 9.94 31.12 2.15
CA GLN C 489 10.01 32.03 1.01
C GLN C 489 9.78 31.23 -0.27
N TYR C 490 10.48 30.09 -0.39
CA TYR C 490 10.45 29.30 -1.60
C TYR C 490 9.06 28.71 -1.82
N ALA C 491 8.40 28.27 -0.73
CA ALA C 491 7.04 27.76 -0.84
C ALA C 491 6.09 28.85 -1.35
N SER C 492 6.30 30.10 -0.91
CA SER C 492 5.47 31.22 -1.36
C SER C 492 5.71 31.51 -2.84
N LYS C 493 6.99 31.48 -3.27
CA LYS C 493 7.34 31.72 -4.67
C LYS C 493 6.74 30.62 -5.52
N CYS C 494 6.86 29.36 -5.06
CA CYS C 494 6.31 28.21 -5.75
C CYS C 494 4.81 28.38 -5.98
N ALA C 495 4.10 28.87 -4.96
CA ALA C 495 2.66 29.11 -5.06
C ALA C 495 2.37 30.07 -6.20
N THR C 496 3.11 31.20 -6.25
CA THR C 496 2.96 32.23 -7.28
C THR C 496 3.17 31.63 -8.67
N VAL C 497 4.19 30.80 -8.83
CA VAL C 497 4.48 30.18 -10.12
C VAL C 497 3.27 29.37 -10.59
N LEU C 498 2.60 28.67 -9.66
CA LEU C 498 1.50 27.78 -10.00
C LEU C 498 0.16 28.52 -9.96
N GLY C 499 0.16 29.81 -9.61
CA GLY C 499 -1.04 30.63 -9.60
C GLY C 499 -1.98 30.30 -8.44
N VAL C 500 -1.43 29.77 -7.33
CA VAL C 500 -2.20 29.43 -6.15
C VAL C 500 -1.91 30.47 -5.07
N ILE C 501 -2.89 30.74 -4.21
CA ILE C 501 -2.67 31.63 -3.07
C ILE C 501 -2.03 30.84 -1.94
N ALA C 502 -0.96 31.40 -1.37
CA ALA C 502 -0.24 30.80 -0.26
C ALA C 502 -0.58 31.56 1.01
N PRO C 503 -0.67 30.91 2.19
CA PRO C 503 -0.88 31.65 3.45
C PRO C 503 0.08 32.84 3.56
N LYS C 504 -0.46 34.04 3.77
CA LYS C 504 0.37 35.24 3.84
C LYS C 504 1.23 35.22 5.10
N GLU C 505 0.88 34.35 6.06
CA GLU C 505 1.66 34.16 7.28
C GLU C 505 3.07 33.69 6.94
N TRP C 506 3.24 32.94 5.84
CA TRP C 506 4.53 32.36 5.51
C TRP C 506 5.56 33.48 5.35
N THR C 507 5.22 34.52 4.56
CA THR C 507 6.09 35.65 4.32
C THR C 507 6.30 36.45 5.61
N LEU C 508 5.22 36.75 6.32
CA LEU C 508 5.31 37.51 7.57
C LEU C 508 6.27 36.82 8.54
N ILE C 509 6.16 35.49 8.65
CA ILE C 509 7.03 34.73 9.53
C ILE C 509 8.48 34.81 9.02
N ALA C 510 8.68 34.48 7.74
CA ALA C 510 10.00 34.47 7.13
C ALA C 510 10.77 35.76 7.44
N ASP C 511 10.08 36.91 7.26
CA ASP C 511 10.67 38.24 7.40
C ASP C 511 11.05 38.56 8.85
N LYS C 512 10.51 37.82 9.83
CA LYS C 512 10.71 38.15 11.23
C LYS C 512 11.36 37.02 12.03
N ILE C 513 11.80 35.95 11.36
CA ILE C 513 12.58 34.93 12.05
C ILE C 513 13.91 35.53 12.49
N LEU C 514 14.33 35.24 13.74
CA LEU C 514 15.48 35.90 14.35
C LEU C 514 16.78 35.30 13.84
N ILE C 515 17.65 36.17 13.31
CA ILE C 515 19.05 35.87 13.13
C ILE C 515 19.81 37.03 13.75
N SER C 516 20.57 36.76 14.83
CA SER C 516 21.18 37.79 15.65
C SER C 516 22.68 37.90 15.38
N LYS C 517 23.27 39.04 15.76
CA LYS C 517 24.71 39.24 15.73
C LYS C 517 25.23 39.46 17.14
N MET C 518 26.47 39.05 17.42
CA MET C 518 27.13 39.37 18.66
C MET C 518 27.61 40.83 18.57
N SER C 519 28.18 41.36 19.65
CA SER C 519 28.55 42.78 19.68
C SER C 519 29.62 43.11 18.65
N ASN C 520 30.48 42.13 18.33
CA ASN C 520 31.52 42.29 17.32
C ASN C 520 30.96 42.22 15.90
N GLY C 521 29.64 42.06 15.75
CA GLY C 521 29.01 42.11 14.43
C GLY C 521 29.04 40.75 13.72
N VAL C 522 29.47 39.71 14.42
CA VAL C 522 29.54 38.37 13.86
C VAL C 522 28.18 37.70 14.08
N THR C 523 27.68 36.98 13.08
CA THR C 523 26.48 36.17 13.20
C THR C 523 26.62 35.21 14.39
N ARG C 524 25.66 35.28 15.32
CA ARG C 524 25.66 34.40 16.48
C ARG C 524 25.10 33.02 16.09
N GLU C 525 25.81 31.96 16.48
CA GLU C 525 25.44 30.61 16.06
C GLU C 525 24.11 30.20 16.69
N HIS C 526 23.91 30.58 17.96
CA HIS C 526 22.68 30.36 18.69
C HIS C 526 22.65 31.26 19.91
N ASP C 527 21.55 31.20 20.67
CA ASP C 527 21.29 32.15 21.74
C ASP C 527 22.26 31.97 22.89
N SER C 528 22.79 30.76 23.08
CA SER C 528 23.78 30.49 24.12
C SER C 528 25.22 30.63 23.62
N TYR C 529 25.44 31.22 22.44
CA TYR C 529 26.75 31.10 21.81
C TYR C 529 27.57 32.37 22.09
N THR C 530 28.82 32.18 22.55
CA THR C 530 29.84 33.22 22.66
C THR C 530 31.08 32.84 21.84
N ASP C 531 31.87 31.86 22.30
CA ASP C 531 33.15 31.50 21.68
C ASP C 531 33.45 30.00 21.74
N GLN C 532 32.40 29.15 21.82
CA GLN C 532 32.56 27.71 21.91
C GLN C 532 33.19 27.21 20.60
N ASN C 533 33.99 26.14 20.72
CA ASN C 533 34.35 25.35 19.54
C ASN C 533 33.05 24.75 18.96
N ILE C 534 33.04 24.54 17.63
CA ILE C 534 31.88 24.08 16.89
C ILE C 534 32.28 22.86 16.05
N LYS C 535 31.31 21.97 15.78
CA LYS C 535 31.60 20.69 15.14
C LYS C 535 31.91 20.92 13.66
N GLN C 536 31.28 21.93 13.05
CA GLN C 536 31.29 22.08 11.61
C GLN C 536 30.62 23.40 11.28
N ALA C 537 30.60 23.77 10.00
CA ALA C 537 30.01 25.03 9.55
C ALA C 537 28.54 25.12 9.91
N ASP C 538 28.13 26.33 10.34
CA ASP C 538 26.76 26.59 10.74
C ASP C 538 26.40 28.01 10.30
N ALA C 539 26.89 29.03 11.04
CA ALA C 539 26.64 30.42 10.70
C ALA C 539 27.18 30.73 9.31
N ASN C 540 28.33 30.15 8.96
CA ASN C 540 28.93 30.35 7.66
C ASN C 540 28.03 29.83 6.52
N LEU C 541 27.19 28.85 6.82
CA LEU C 541 26.23 28.32 5.84
C LEU C 541 25.17 29.34 5.41
N LEU C 542 25.00 30.46 6.16
CA LEU C 542 24.03 31.48 5.78
C LEU C 542 24.53 32.24 4.55
N ALA C 543 25.86 32.26 4.38
CA ALA C 543 26.50 32.86 3.21
C ALA C 543 26.37 31.92 2.01
N TYR C 544 26.85 30.69 2.16
CA TYR C 544 26.64 29.66 1.15
C TYR C 544 26.35 28.36 1.89
N PRO C 545 25.29 27.57 1.55
CA PRO C 545 24.45 27.81 0.37
C PRO C 545 23.23 28.72 0.43
N LEU C 546 22.82 29.18 1.62
CA LEU C 546 21.55 29.87 1.76
C LEU C 546 21.56 31.25 1.09
N LYS C 547 22.73 31.93 1.06
CA LYS C 547 22.85 33.24 0.43
C LYS C 547 21.94 34.27 1.10
N LEU C 548 21.71 34.08 2.41
CA LEU C 548 21.01 35.06 3.22
C LEU C 548 21.94 36.22 3.54
N ILE C 549 23.23 35.93 3.76
CA ILE C 549 24.26 36.94 3.93
C ILE C 549 25.04 37.07 2.63
N THR C 550 24.90 38.23 1.95
CA THR C 550 25.57 38.49 0.68
C THR C 550 26.59 39.63 0.83
N ASP C 551 26.48 40.43 1.91
CA ASP C 551 27.44 41.50 2.17
C ASP C 551 28.84 40.92 2.40
N LYS C 552 29.81 41.36 1.60
CA LYS C 552 31.13 40.74 1.59
C LYS C 552 31.86 40.92 2.92
N GLU C 553 31.74 42.09 3.57
CA GLU C 553 32.38 42.32 4.85
C GLU C 553 31.79 41.43 5.95
N GLN C 554 30.47 41.22 5.89
CA GLN C 554 29.80 40.31 6.82
C GLN C 554 30.25 38.86 6.60
N ILE C 555 30.37 38.43 5.35
CA ILE C 555 30.87 37.08 5.09
C ILE C 555 32.25 36.91 5.72
N GLU C 556 33.10 37.92 5.49
CA GLU C 556 34.49 37.93 5.95
C GLU C 556 34.55 37.87 7.47
N ARG C 557 33.72 38.68 8.16
CA ARG C 557 33.76 38.74 9.60
C ARG C 557 33.37 37.38 10.20
N ASP C 558 32.34 36.75 9.62
CA ASP C 558 31.87 35.45 10.08
C ASP C 558 32.97 34.42 9.84
N LEU C 559 33.59 34.48 8.67
CA LEU C 559 34.72 33.61 8.37
C LEU C 559 35.86 33.80 9.36
N LYS C 560 36.27 35.07 9.60
CA LYS C 560 37.36 35.34 10.53
C LYS C 560 37.05 34.73 11.90
N TYR C 561 35.79 34.87 12.36
CA TYR C 561 35.46 34.52 13.73
C TYR C 561 35.35 33.02 13.93
N TYR C 562 34.73 32.31 12.98
CA TYR C 562 34.37 30.91 13.15
C TYR C 562 35.42 29.96 12.54
N GLN C 563 36.28 30.40 11.63
CA GLN C 563 37.05 29.42 10.85
C GLN C 563 37.99 28.61 11.74
N THR C 564 38.48 29.22 12.83
CA THR C 564 39.35 28.55 13.79
C THR C 564 38.55 27.86 14.89
N LYS C 565 37.20 27.88 14.85
CA LYS C 565 36.39 27.28 15.90
C LYS C 565 36.16 25.76 15.68
N ILE C 566 36.55 25.22 14.53
CA ILE C 566 36.43 23.79 14.24
C ILE C 566 37.72 23.08 14.61
N PRO C 567 37.78 22.23 15.65
CA PRO C 567 39.04 21.55 15.97
C PRO C 567 39.52 20.58 14.87
N GLN C 568 40.81 20.25 14.96
CA GLN C 568 41.42 19.34 14.00
C GLN C 568 40.80 17.94 14.10
N SER C 569 40.53 17.45 15.31
CA SER C 569 40.07 16.08 15.50
C SER C 569 38.54 15.97 15.55
N ASP C 570 38.05 14.83 15.03
CA ASP C 570 36.67 14.38 15.20
C ASP C 570 35.69 15.38 14.63
N THR C 571 36.06 16.08 13.57
CA THR C 571 35.18 17.04 12.94
C THR C 571 34.95 16.61 11.50
N PRO C 572 33.69 16.48 11.05
CA PRO C 572 33.41 15.84 9.76
C PRO C 572 33.74 16.80 8.63
N ALA C 573 33.83 16.24 7.42
CA ALA C 573 34.26 16.98 6.26
C ALA C 573 33.09 17.75 5.68
N MET C 574 32.56 18.72 6.46
CA MET C 574 31.36 19.47 6.09
C MET C 574 31.56 20.93 6.52
N THR C 575 32.75 21.46 6.24
CA THR C 575 33.18 22.76 6.73
C THR C 575 34.09 23.40 5.70
N GLN C 576 35.27 22.79 5.51
CA GLN C 576 36.38 23.52 4.90
C GLN C 576 36.05 23.81 3.43
N ALA C 577 35.21 22.96 2.85
CA ALA C 577 34.84 23.07 1.44
C ALA C 577 34.03 24.35 1.25
N ILE C 578 33.22 24.69 2.26
CA ILE C 578 32.42 25.89 2.25
C ILE C 578 33.36 27.10 2.42
N PHE C 579 34.33 26.99 3.33
CA PHE C 579 35.31 28.06 3.51
C PHE C 579 35.98 28.34 2.18
N SER C 580 36.36 27.28 1.47
CA SER C 580 37.01 27.41 0.18
C SER C 580 36.15 28.18 -0.81
N LEU C 581 34.89 27.76 -0.92
CA LEU C 581 33.94 28.34 -1.85
C LEU C 581 33.75 29.83 -1.57
N LEU C 582 33.63 30.16 -0.28
CA LEU C 582 33.40 31.54 0.12
C LEU C 582 34.63 32.41 -0.13
N TYR C 583 35.84 31.90 0.10
CA TYR C 583 37.05 32.65 -0.25
C TYR C 583 37.20 32.78 -1.76
N SER C 584 36.78 31.77 -2.53
CA SER C 584 36.78 31.90 -3.99
C SER C 584 35.85 33.02 -4.42
N ARG C 585 34.65 33.09 -3.81
CA ARG C 585 33.68 34.14 -4.10
C ARG C 585 34.22 35.52 -3.74
N LEU C 586 35.08 35.57 -2.72
CA LEU C 586 35.70 36.82 -2.28
C LEU C 586 36.94 37.14 -3.13
N GLU C 587 37.42 36.17 -3.91
CA GLU C 587 38.49 36.35 -4.88
C GLU C 587 39.85 36.25 -4.20
N ASP C 588 39.94 35.37 -3.20
CA ASP C 588 41.15 35.16 -2.43
C ASP C 588 41.70 33.77 -2.74
N SER C 589 42.60 33.70 -3.73
CA SER C 589 43.06 32.42 -4.23
C SER C 589 43.80 31.61 -3.16
N ASP C 590 44.65 32.26 -2.37
CA ASP C 590 45.51 31.57 -1.42
C ASP C 590 44.67 30.96 -0.30
N GLN C 591 43.66 31.71 0.13
CA GLN C 591 42.74 31.21 1.15
C GLN C 591 41.89 30.08 0.56
N ALA C 592 41.32 30.33 -0.63
CA ALA C 592 40.45 29.36 -1.27
C ALA C 592 41.18 28.02 -1.42
N TYR C 593 42.45 28.07 -1.85
CA TYR C 593 43.20 26.87 -2.11
C TYR C 593 43.62 26.19 -0.81
N HIS C 594 43.95 26.96 0.24
CA HIS C 594 44.31 26.39 1.53
C HIS C 594 43.17 25.51 2.04
N TRP C 595 41.93 26.03 1.94
CA TRP C 595 40.77 25.38 2.52
C TRP C 595 40.30 24.21 1.63
N PHE C 596 40.42 24.36 0.30
CA PHE C 596 40.17 23.28 -0.63
C PHE C 596 40.96 22.03 -0.22
N LYS C 597 42.29 22.14 -0.13
CA LYS C 597 43.17 21.04 0.24
C LYS C 597 42.88 20.54 1.65
N ASP C 598 42.58 21.46 2.56
CA ASP C 598 42.37 21.06 3.94
C ASP C 598 41.09 20.23 4.09
N ALA C 599 40.16 20.40 3.17
CA ALA C 599 38.84 19.75 3.25
C ALA C 599 38.87 18.22 3.06
N TYR C 600 39.89 17.68 2.37
CA TYR C 600 39.92 16.25 2.08
C TYR C 600 41.32 15.62 2.17
N GLN C 601 42.42 16.37 1.95
CA GLN C 601 43.75 15.78 1.89
C GLN C 601 44.14 15.17 3.24
N PRO C 602 43.78 15.78 4.40
CA PRO C 602 44.05 15.17 5.70
C PRO C 602 43.13 14.00 6.07
N ASN C 603 42.20 13.67 5.17
CA ASN C 603 41.16 12.66 5.43
C ASN C 603 41.40 11.40 4.60
N LEU C 604 42.52 11.34 3.85
CA LEU C 604 42.69 10.31 2.83
C LEU C 604 43.23 9.03 3.46
N ASN C 605 42.91 7.89 2.81
CA ASN C 605 43.30 6.55 3.22
C ASN C 605 43.98 5.84 2.05
N PRO C 606 45.05 5.05 2.29
CA PRO C 606 45.76 4.36 1.22
C PRO C 606 45.07 3.06 0.84
N PRO C 607 45.32 2.47 -0.35
CA PRO C 607 46.27 3.02 -1.31
C PRO C 607 45.64 3.89 -2.40
N PHE C 608 44.33 4.14 -2.33
CA PHE C 608 43.58 4.73 -3.44
C PHE C 608 43.05 6.15 -3.14
N ARG C 609 43.47 6.76 -2.02
CA ARG C 609 43.10 8.12 -1.68
C ARG C 609 41.58 8.23 -1.55
N VAL C 610 41.02 7.26 -0.82
CA VAL C 610 39.63 7.34 -0.44
C VAL C 610 39.53 8.31 0.75
N ILE C 611 38.36 8.94 0.92
CA ILE C 611 38.11 10.01 1.89
C ILE C 611 37.38 9.43 3.10
N SER C 612 37.98 9.57 4.29
CA SER C 612 37.34 9.32 5.57
C SER C 612 36.56 10.56 6.03
N GLU C 613 35.67 10.36 7.01
CA GLU C 613 34.78 11.41 7.49
C GLU C 613 35.55 12.58 8.13
N CYS C 614 36.55 12.24 8.95
CA CYS C 614 37.34 13.21 9.72
C CYS C 614 38.82 13.13 9.35
N LYS C 615 39.58 14.16 9.73
CA LYS C 615 41.01 14.13 9.52
C LYS C 615 41.63 12.94 10.24
N GLY C 616 42.50 12.19 9.54
CA GLY C 616 43.14 11.02 10.13
C GLY C 616 42.14 9.90 10.41
N GLY C 617 40.92 10.05 9.89
CA GLY C 617 39.86 9.06 10.05
C GLY C 617 40.15 7.77 9.27
N THR C 618 39.35 6.72 9.57
CA THR C 618 39.55 5.40 8.99
C THR C 618 38.20 4.74 8.70
N ASN C 619 37.25 5.52 8.14
CA ASN C 619 35.91 5.03 7.86
C ASN C 619 35.44 5.52 6.48
N PRO C 620 36.24 5.29 5.40
CA PRO C 620 35.85 5.70 4.05
C PRO C 620 34.69 4.80 3.55
N TYR C 621 34.00 5.18 2.46
CA TYR C 621 34.21 6.42 1.71
C TYR C 621 33.10 7.43 2.05
N PHE C 622 33.51 8.62 2.52
CA PHE C 622 32.58 9.65 2.95
C PHE C 622 32.23 10.56 1.77
N SER C 623 31.18 10.16 1.08
CA SER C 623 30.71 10.73 -0.16
C SER C 623 30.18 12.14 0.08
N THR C 624 29.71 12.39 1.30
CA THR C 624 29.30 13.74 1.69
C THR C 624 30.47 14.72 1.49
N GLY C 625 31.65 14.34 1.99
CA GLY C 625 32.86 15.16 1.86
C GLY C 625 33.17 15.48 0.39
N ALA C 626 33.09 14.46 -0.45
CA ALA C 626 33.27 14.60 -1.89
C ALA C 626 32.32 15.62 -2.47
N GLY C 627 31.03 15.52 -2.13
CA GLY C 627 30.05 16.44 -2.69
C GLY C 627 30.36 17.88 -2.29
N GLY C 628 30.76 18.05 -1.03
CA GLY C 628 31.21 19.36 -0.55
C GLY C 628 32.33 19.92 -1.41
N VAL C 629 33.44 19.19 -1.51
CA VAL C 629 34.61 19.68 -2.23
C VAL C 629 34.20 19.99 -3.67
N LEU C 630 33.29 19.15 -4.24
CA LEU C 630 32.89 19.31 -5.64
C LEU C 630 32.18 20.65 -5.84
N GLN C 631 31.49 21.13 -4.81
CA GLN C 631 30.86 22.43 -4.89
C GLN C 631 31.94 23.51 -4.80
N ALA C 632 32.93 23.30 -3.93
CA ALA C 632 34.05 24.24 -3.85
C ALA C 632 34.70 24.40 -5.22
N VAL C 633 34.78 23.31 -5.99
CA VAL C 633 35.40 23.37 -7.30
C VAL C 633 34.43 24.03 -8.30
N ILE C 634 33.18 23.54 -8.35
CA ILE C 634 32.24 23.96 -9.39
C ILE C 634 31.68 25.35 -9.07
N MET C 635 31.18 25.53 -7.85
CA MET C 635 30.52 26.77 -7.47
C MET C 635 31.58 27.77 -7.01
N GLY C 636 32.70 27.29 -6.44
CA GLY C 636 33.75 28.16 -5.96
C GLY C 636 34.69 28.61 -7.06
N PHE C 637 35.65 27.74 -7.41
CA PHE C 637 36.63 28.05 -8.44
C PHE C 637 35.95 28.31 -9.78
N GLY C 638 34.86 27.57 -10.10
CA GLY C 638 34.16 27.74 -11.36
C GLY C 638 33.23 28.95 -11.35
N GLY C 639 32.86 29.43 -10.16
CA GLY C 639 31.97 30.57 -10.03
C GLY C 639 30.51 30.25 -10.37
N LEU C 640 30.17 28.97 -10.52
CA LEU C 640 28.85 28.58 -10.98
C LEU C 640 27.87 28.64 -9.82
N ASP C 641 26.65 29.08 -10.12
CA ASP C 641 25.68 29.39 -9.07
C ASP C 641 24.27 29.18 -9.62
N ILE C 642 23.38 28.69 -8.76
CA ILE C 642 21.97 28.54 -9.09
C ILE C 642 21.31 29.91 -8.96
N ASP C 643 20.90 30.48 -10.09
CA ASP C 643 20.28 31.80 -10.13
C ASP C 643 18.88 31.71 -9.53
N ALA C 644 18.54 32.68 -8.67
CA ALA C 644 17.28 32.66 -7.96
C ALA C 644 16.09 32.84 -8.90
N ALA C 645 16.34 33.35 -10.12
CA ALA C 645 15.30 33.59 -11.09
C ALA C 645 15.24 32.48 -12.14
N GLY C 646 16.09 31.45 -11.98
CA GLY C 646 16.08 30.30 -12.88
C GLY C 646 17.43 30.06 -13.56
N GLY C 647 17.74 28.79 -13.79
CA GLY C 647 18.94 28.36 -14.50
C GLY C 647 20.23 28.60 -13.70
N ILE C 648 21.36 28.51 -14.42
CA ILE C 648 22.69 28.60 -13.86
C ILE C 648 23.33 29.91 -14.33
N LYS C 649 24.04 30.58 -13.42
CA LYS C 649 24.78 31.79 -13.76
C LYS C 649 26.22 31.61 -13.27
N GLN C 650 27.07 32.59 -13.58
CA GLN C 650 28.46 32.57 -13.15
C GLN C 650 28.80 33.91 -12.49
N VAL C 651 29.43 33.83 -11.31
CA VAL C 651 29.87 35.00 -10.55
C VAL C 651 31.40 35.01 -10.52
N LYS C 652 31.98 36.11 -10.02
CA LYS C 652 33.43 36.25 -9.96
C LYS C 652 34.03 35.09 -9.14
N SER C 653 35.23 34.67 -9.53
CA SER C 653 35.90 33.55 -8.89
C SER C 653 37.40 33.62 -9.17
N VAL C 654 38.17 32.79 -8.46
CA VAL C 654 39.59 32.70 -8.68
C VAL C 654 40.00 31.23 -8.70
N LEU C 655 41.08 30.92 -9.39
CA LEU C 655 41.64 29.58 -9.40
C LEU C 655 42.83 29.53 -8.45
N PRO C 656 43.19 28.33 -7.94
CA PRO C 656 44.49 28.14 -7.33
C PRO C 656 45.57 28.65 -8.29
N LYS C 657 46.64 29.22 -7.74
CA LYS C 657 47.72 29.79 -8.53
C LYS C 657 48.25 28.78 -9.56
N ASN C 658 48.44 27.53 -9.12
CA ASN C 658 49.08 26.48 -9.89
C ASN C 658 48.12 25.81 -10.88
N TRP C 659 46.84 26.21 -10.90
CA TRP C 659 45.92 25.71 -11.91
C TRP C 659 45.95 26.62 -13.15
N LYS C 660 46.33 26.05 -14.29
CA LYS C 660 46.43 26.81 -15.54
C LYS C 660 45.06 26.93 -16.20
N LYS C 661 44.27 25.86 -16.12
CA LYS C 661 42.94 25.89 -16.73
C LYS C 661 42.00 24.99 -15.94
N LEU C 662 40.76 25.47 -15.77
CA LEU C 662 39.68 24.66 -15.23
C LEU C 662 38.54 24.63 -16.25
N THR C 663 38.16 23.42 -16.66
CA THR C 663 37.10 23.19 -17.63
C THR C 663 36.02 22.30 -17.01
N ILE C 664 34.76 22.79 -17.06
CA ILE C 664 33.60 22.12 -16.50
C ILE C 664 32.55 21.97 -17.59
N THR C 665 32.14 20.72 -17.83
CA THR C 665 31.32 20.35 -18.98
C THR C 665 29.99 19.79 -18.49
N GLY C 666 28.98 19.95 -19.37
CA GLY C 666 27.65 19.36 -19.17
C GLY C 666 26.88 20.02 -18.03
N ILE C 667 26.96 21.35 -17.93
CA ILE C 667 26.34 22.09 -16.84
C ILE C 667 24.97 22.57 -17.29
N GLY C 668 23.95 22.34 -16.44
CA GLY C 668 22.61 22.85 -16.68
C GLY C 668 21.92 22.04 -17.77
N ILE C 669 20.66 22.42 -18.08
CA ILE C 669 19.89 21.69 -19.07
C ILE C 669 20.36 22.05 -20.48
N GLU C 670 21.18 23.10 -20.63
CA GLU C 670 21.78 23.42 -21.92
C GLU C 670 23.14 22.75 -22.07
N LYS C 671 23.61 22.05 -21.03
CA LYS C 671 24.84 21.26 -21.11
C LYS C 671 26.00 22.16 -21.56
N LYS C 672 26.27 23.20 -20.79
CA LYS C 672 27.24 24.23 -21.17
C LYS C 672 28.63 23.85 -20.65
N THR C 673 29.65 24.32 -21.39
CA THR C 673 31.04 24.19 -20.95
C THR C 673 31.51 25.54 -20.39
N PHE C 674 32.07 25.49 -19.18
CA PHE C 674 32.74 26.65 -18.59
C PHE C 674 34.25 26.42 -18.54
N VAL C 675 34.98 27.38 -19.13
CA VAL C 675 36.45 27.41 -19.11
C VAL C 675 36.92 28.60 -18.28
N LEU C 676 37.85 28.33 -17.35
CA LEU C 676 38.45 29.38 -16.53
C LEU C 676 39.98 29.28 -16.59
N THR C 677 40.60 30.47 -16.73
CA THR C 677 42.06 30.63 -16.71
C THR C 677 42.38 31.80 -15.78
N HIS C 678 43.66 31.98 -15.44
CA HIS C 678 44.09 33.18 -14.73
C HIS C 678 44.01 34.38 -15.67
#